data_6FSH
#
_entry.id   6FSH
#
_cell.length_a   59.270
_cell.length_b   83.160
_cell.length_c   92.220
_cell.angle_alpha   85.20
_cell.angle_beta   101.98
_cell.angle_gamma   97.83
#
_symmetry.space_group_name_H-M   'P 1'
#
loop_
_entity.id
_entity.type
_entity.pdbx_description
1 polymer 'OxyB protein'
2 non-polymer 'PROTOPORPHYRIN IX CONTAINING FE'
3 non-polymer 'POTASSIUM ION'
4 non-polymer 'ACETATE ION'
5 water water
#
_entity_poly.entity_id   1
_entity_poly.type   'polypeptide(L)'
_entity_poly.pdbx_seq_one_letter_code
;MSGDGSPPIHTRRQGFDPADELRAAGTLTKISIGSGADAETTWLAAGHAVVRQVLGDHQQFSTRRRWDPRDEIGGKGIFR
PRELVGNLMDYDPPEHTRLRHLLTPGFTQRRMRRLAPRIEEIVTDRLDAMEQAGPPADLIELFADEVPGAVLCELIGVPR
DDRDMFMKLCHGHLDASLSQKRRAALGDKFSRYLLAMIARERKDPGDGFIGSIVAEHGDTITDEELRGVCVQLMLAGDDN
VSGMIGLGVLALLRHPEQIAALRGDDQSADRAVDELIRYLTVPYAPTPRTAVEDVMVADQVIKEGETVLCSLPMANRDRA
LLPDADRLDVTRTPVPHVAFGHGIHHCLGAALTRLQLRIAYTALWRRFPALQLADPAQEIMFRTSTPAYGLTSLLVAW
;
_entity_poly.pdbx_strand_id   A,B,C,D
#
loop_
_chem_comp.id
_chem_comp.type
_chem_comp.name
_chem_comp.formula
ACT non-polymer 'ACETATE ION' 'C2 H3 O2 -1'
HEM non-polymer 'PROTOPORPHYRIN IX CONTAINING FE' 'C34 H32 Fe N4 O4'
K non-polymer 'POTASSIUM ION' 'K 1'
#
# COMPACT_ATOMS: atom_id res chain seq x y z
N PRO A 7 18.03 -26.58 23.10
CA PRO A 7 18.18 -25.62 21.99
C PRO A 7 17.77 -26.23 20.64
N PRO A 8 17.06 -25.45 19.80
CA PRO A 8 16.62 -25.98 18.50
C PRO A 8 17.81 -26.48 17.68
N ILE A 9 17.59 -27.61 17.00
CA ILE A 9 18.69 -28.31 16.34
C ILE A 9 19.37 -27.42 15.29
N HIS A 10 18.61 -26.49 14.67
CA HIS A 10 19.18 -25.66 13.62
C HIS A 10 20.07 -24.56 14.17
N THR A 11 20.19 -24.44 15.51
CA THR A 11 21.06 -23.44 16.13
C THR A 11 22.29 -24.05 16.76
N ARG A 12 22.55 -25.33 16.55
CA ARG A 12 23.68 -25.99 17.18
C ARG A 12 24.94 -25.89 16.31
N ARG A 13 26.01 -25.39 16.91
CA ARG A 13 27.32 -25.38 16.29
C ARG A 13 28.27 -26.29 17.06
N GLN A 14 29.32 -26.70 16.35
CA GLN A 14 30.41 -27.50 16.88
C GLN A 14 31.67 -26.79 16.39
N GLY A 15 32.25 -25.96 17.23
CA GLY A 15 33.32 -25.07 16.77
C GLY A 15 32.81 -24.13 15.70
N PHE A 16 33.53 -24.08 14.58
CA PHE A 16 33.15 -23.27 13.45
C PHE A 16 32.08 -23.91 12.58
N ASP A 17 31.75 -25.17 12.80
CA ASP A 17 30.97 -26.03 11.93
C ASP A 17 29.57 -26.23 12.45
N PRO A 18 28.61 -26.56 11.59
CA PRO A 18 27.32 -27.05 12.08
C PRO A 18 27.52 -28.33 12.87
N ALA A 19 26.74 -28.51 13.92
CA ALA A 19 26.91 -29.68 14.78
C ALA A 19 26.56 -30.96 14.03
N ASP A 20 27.04 -32.08 14.57
CA ASP A 20 26.84 -33.37 13.90
C ASP A 20 25.35 -33.68 13.74
N GLU A 21 24.55 -33.48 14.80
CA GLU A 21 23.13 -33.80 14.68
C GLU A 21 22.42 -32.89 13.67
N LEU A 22 22.98 -31.69 13.40
CA LEU A 22 22.45 -30.87 12.32
C LEU A 22 22.86 -31.41 10.95
N ARG A 23 24.14 -31.77 10.80
CA ARG A 23 24.59 -32.45 9.58
C ARG A 23 23.78 -33.72 9.31
N ALA A 24 23.33 -34.39 10.37
CA ALA A 24 22.63 -35.65 10.20
C ALA A 24 21.22 -35.46 9.67
N ALA A 25 20.66 -34.25 9.76
CA ALA A 25 19.35 -34.02 9.18
C ALA A 25 19.46 -33.92 7.66
N GLY A 26 18.43 -34.38 6.98
CA GLY A 26 18.45 -34.46 5.54
C GLY A 26 18.42 -33.10 4.86
N THR A 27 18.29 -33.16 3.54
CA THR A 27 18.13 -31.93 2.77
C THR A 27 16.83 -31.22 3.16
N LEU A 28 15.77 -31.98 3.36
CA LEU A 28 14.46 -31.45 3.73
C LEU A 28 13.77 -32.44 4.66
N THR A 29 13.52 -32.03 5.90
CA THR A 29 12.85 -32.87 6.89
C THR A 29 11.91 -32.02 7.74
N LYS A 30 10.86 -32.66 8.25
CA LYS A 30 10.01 -32.03 9.26
C LYS A 30 10.66 -32.17 10.64
N ILE A 31 10.75 -31.07 11.37
CA ILE A 31 11.18 -31.07 12.77
C ILE A 31 10.20 -30.23 13.57
N SER A 32 10.37 -30.24 14.89
CA SER A 32 9.58 -29.44 15.81
C SER A 32 10.46 -28.40 16.48
N ILE A 33 9.84 -27.30 16.91
CA ILE A 33 10.59 -26.15 17.41
C ILE A 33 11.25 -26.44 18.75
N GLU A 40 6.93 -27.24 16.49
CA GLU A 40 5.53 -27.41 16.15
C GLU A 40 5.39 -28.27 14.90
N THR A 41 5.04 -27.62 13.80
CA THR A 41 5.09 -28.23 12.47
C THR A 41 5.92 -27.29 11.61
N THR A 42 7.10 -27.75 11.19
CA THR A 42 8.01 -26.85 10.46
C THR A 42 9.01 -27.69 9.68
N TRP A 43 9.21 -27.31 8.43
CA TRP A 43 10.22 -27.92 7.58
C TRP A 43 11.60 -27.33 7.84
N LEU A 44 12.60 -28.20 7.92
CA LEU A 44 13.98 -27.74 7.95
C LEU A 44 14.59 -28.04 6.59
N ALA A 45 15.02 -26.98 5.90
CA ALA A 45 15.58 -27.09 4.56
C ALA A 45 17.07 -26.78 4.65
N ALA A 46 17.89 -27.73 4.18
CA ALA A 46 19.32 -27.71 4.43
C ALA A 46 20.20 -27.82 3.18
N GLY A 47 19.67 -28.26 2.04
CA GLY A 47 20.47 -28.25 0.83
C GLY A 47 20.59 -26.86 0.25
N HIS A 48 21.64 -26.67 -0.56
CA HIS A 48 21.83 -25.37 -1.19
C HIS A 48 20.76 -25.10 -2.27
N ALA A 49 20.48 -26.08 -3.12
CA ALA A 49 19.46 -25.89 -4.14
C ALA A 49 18.11 -25.59 -3.47
N VAL A 50 17.73 -26.41 -2.49
CA VAL A 50 16.44 -26.30 -1.83
C VAL A 50 16.30 -24.96 -1.10
N VAL A 51 17.39 -24.48 -0.48
CA VAL A 51 17.31 -23.20 0.23
C VAL A 51 17.21 -22.04 -0.73
N ARG A 52 17.96 -22.06 -1.83
CA ARG A 52 17.82 -20.99 -2.82
C ARG A 52 16.38 -20.91 -3.34
N GLN A 53 15.74 -22.07 -3.54
CA GLN A 53 14.37 -22.11 -4.04
C GLN A 53 13.39 -21.44 -3.07
N VAL A 54 13.49 -21.78 -1.78
CA VAL A 54 12.58 -21.24 -0.77
C VAL A 54 12.78 -19.73 -0.61
N LEU A 55 14.03 -19.27 -0.65
CA LEU A 55 14.34 -17.86 -0.47
C LEU A 55 13.98 -17.01 -1.68
N GLY A 56 13.97 -17.60 -2.86
CA GLY A 56 13.79 -16.81 -4.06
C GLY A 56 12.38 -16.84 -4.61
N ASP A 57 11.74 -18.01 -4.57
CA ASP A 57 10.43 -18.20 -5.19
C ASP A 57 9.34 -17.60 -4.30
N HIS A 58 9.34 -16.25 -4.24
CA HIS A 58 8.29 -15.52 -3.51
C HIS A 58 6.90 -15.73 -4.13
N GLN A 59 6.79 -16.44 -5.25
CA GLN A 59 5.47 -16.78 -5.77
C GLN A 59 4.79 -17.87 -4.93
N GLN A 60 5.56 -18.77 -4.31
CA GLN A 60 4.98 -19.81 -3.49
C GLN A 60 5.30 -19.66 -2.00
N PHE A 61 6.18 -18.74 -1.63
CA PHE A 61 6.60 -18.60 -0.23
C PHE A 61 6.49 -17.15 0.19
N SER A 62 5.81 -16.93 1.31
CA SER A 62 5.65 -15.61 1.90
C SER A 62 6.48 -15.53 3.17
N THR A 63 6.96 -14.32 3.46
CA THR A 63 7.73 -14.06 4.66
C THR A 63 6.93 -13.34 5.73
N ARG A 64 5.67 -13.02 5.45
CA ARG A 64 4.90 -12.19 6.38
C ARG A 64 4.56 -13.01 7.63
N ARG A 65 4.75 -12.40 8.81
CA ARG A 65 4.46 -13.09 10.07
C ARG A 65 2.98 -13.36 10.20
N ARG A 66 2.60 -14.64 10.25
CA ARG A 66 1.21 -15.01 10.46
C ARG A 66 0.98 -15.48 11.89
N GLY A 75 -3.13 -8.98 7.50
CA GLY A 75 -2.00 -8.27 8.08
C GLY A 75 -1.07 -7.59 7.10
N LYS A 76 -1.58 -7.18 5.94
CA LYS A 76 -0.85 -6.39 4.97
C LYS A 76 -1.30 -4.93 5.01
N GLY A 77 -0.46 -4.05 4.47
CA GLY A 77 -0.89 -2.67 4.26
C GLY A 77 -1.04 -1.92 5.56
N ILE A 78 -2.17 -1.20 5.68
CA ILE A 78 -2.47 -0.41 6.87
C ILE A 78 -2.66 -1.30 8.09
N PHE A 79 -2.95 -2.58 7.88
CA PHE A 79 -3.18 -3.56 8.93
C PHE A 79 -1.89 -4.26 9.37
N ARG A 80 -0.70 -3.65 9.13
CA ARG A 80 0.52 -4.31 9.60
C ARG A 80 0.93 -3.74 10.95
N PRO A 81 1.27 -4.60 11.91
CA PRO A 81 1.63 -4.12 13.26
C PRO A 81 2.80 -3.13 13.25
N ARG A 82 2.76 -2.19 14.20
CA ARG A 82 3.75 -1.12 14.24
C ARG A 82 5.17 -1.66 14.38
N GLU A 83 5.33 -2.78 15.07
CA GLU A 83 6.64 -3.34 15.27
C GLU A 83 7.26 -3.88 13.98
N LEU A 84 6.46 -4.12 12.96
CA LEU A 84 6.95 -4.68 11.71
C LEU A 84 6.97 -3.66 10.56
N VAL A 85 6.45 -2.45 10.78
CA VAL A 85 6.48 -1.42 9.74
C VAL A 85 7.93 -1.03 9.51
N GLY A 86 8.35 -1.02 8.24
CA GLY A 86 9.71 -0.71 7.88
C GLY A 86 10.65 -1.89 7.91
N ASN A 87 10.14 -3.08 8.19
CA ASN A 87 10.96 -4.27 8.24
C ASN A 87 10.70 -5.04 6.95
N LEU A 88 11.57 -4.84 5.95
CA LEU A 88 11.35 -5.41 4.63
C LEU A 88 11.15 -6.92 4.69
N MET A 89 11.68 -7.58 5.72
CA MET A 89 11.56 -9.03 5.80
C MET A 89 10.11 -9.47 6.06
N ASP A 90 9.25 -8.57 6.52
CA ASP A 90 7.83 -8.85 6.68
C ASP A 90 7.00 -8.45 5.46
N TYR A 91 7.65 -8.05 4.37
CA TYR A 91 6.96 -7.57 3.17
C TYR A 91 7.08 -8.59 2.04
N ASP A 92 5.98 -8.83 1.36
CA ASP A 92 5.93 -9.51 0.07
C ASP A 92 5.83 -8.49 -1.05
N PRO A 93 6.19 -8.85 -2.28
CA PRO A 93 5.82 -8.00 -3.43
C PRO A 93 4.31 -7.96 -3.58
N PRO A 94 3.72 -6.82 -3.97
CA PRO A 94 4.36 -5.58 -4.39
C PRO A 94 4.68 -4.59 -3.27
N GLU A 95 4.23 -4.85 -2.04
CA GLU A 95 4.56 -3.95 -0.94
C GLU A 95 6.06 -3.91 -0.70
N HIS A 96 6.71 -5.09 -0.73
CA HIS A 96 8.16 -5.17 -0.58
C HIS A 96 8.87 -4.39 -1.68
N THR A 97 8.38 -4.55 -2.93
CA THR A 97 8.97 -3.95 -4.12
C THR A 97 8.98 -2.43 -4.03
N ARG A 98 7.89 -1.83 -3.55
CA ARG A 98 7.82 -0.38 -3.38
C ARG A 98 8.88 0.09 -2.38
N LEU A 99 8.85 -0.46 -1.15
CA LEU A 99 9.70 0.09 -0.08
C LEU A 99 11.18 -0.12 -0.39
N ARG A 100 11.55 -1.26 -0.97
CA ARG A 100 12.96 -1.46 -1.26
C ARG A 100 13.43 -0.52 -2.38
N HIS A 101 12.62 -0.35 -3.45
CA HIS A 101 12.93 0.64 -4.47
C HIS A 101 13.14 2.02 -3.85
N LEU A 102 12.26 2.42 -2.91
CA LEU A 102 12.35 3.75 -2.32
C LEU A 102 13.57 3.92 -1.43
N LEU A 103 14.09 2.85 -0.82
CA LEU A 103 15.31 2.97 -0.01
C LEU A 103 16.58 2.89 -0.84
N THR A 104 16.49 2.51 -2.10
CA THR A 104 17.68 2.31 -2.92
C THR A 104 18.60 3.52 -3.02
N PRO A 105 18.11 4.77 -3.09
CA PRO A 105 19.06 5.91 -3.08
C PRO A 105 20.01 5.95 -1.89
N GLY A 106 19.65 5.36 -0.75
CA GLY A 106 20.58 5.43 0.36
C GLY A 106 21.70 4.41 0.34
N PHE A 107 21.75 3.56 -0.69
CA PHE A 107 22.72 2.48 -0.77
C PHE A 107 23.53 2.52 -2.08
N THR A 108 23.69 3.69 -2.69
CA THR A 108 24.41 3.76 -3.95
C THR A 108 25.91 3.55 -3.73
N GLN A 109 26.63 3.25 -4.80
CA GLN A 109 28.07 3.08 -4.66
C GLN A 109 28.75 4.37 -4.19
N ARG A 110 28.23 5.54 -4.59
CA ARG A 110 28.78 6.78 -4.05
C ARG A 110 28.62 6.83 -2.54
N ARG A 111 27.55 6.22 -2.00
CA ARG A 111 27.36 6.22 -0.55
C ARG A 111 28.46 5.43 0.14
N MET A 112 28.73 4.22 -0.36
CA MET A 112 29.76 3.37 0.22
C MET A 112 31.14 4.03 0.18
N ARG A 113 31.52 4.62 -0.95
CA ARG A 113 32.85 5.21 -1.06
C ARG A 113 33.05 6.34 -0.05
N ARG A 114 32.00 7.10 0.26
CA ARG A 114 32.16 8.19 1.22
C ARG A 114 32.25 7.68 2.65
N LEU A 115 31.62 6.53 2.93
CA LEU A 115 31.65 5.94 4.26
C LEU A 115 32.99 5.30 4.59
N ALA A 116 33.79 4.97 3.57
CA ALA A 116 35.08 4.31 3.80
C ALA A 116 36.02 5.10 4.69
N PRO A 117 36.28 6.40 4.44
CA PRO A 117 37.12 7.15 5.40
C PRO A 117 36.55 7.12 6.80
N ARG A 118 35.22 7.11 6.93
CA ARG A 118 34.60 7.10 8.26
C ARG A 118 34.80 5.76 8.95
N ILE A 119 34.74 4.65 8.19
CA ILE A 119 34.99 3.35 8.79
C ILE A 119 36.46 3.22 9.20
N GLU A 120 37.38 3.69 8.35
CA GLU A 120 38.80 3.73 8.69
C GLU A 120 39.04 4.51 9.99
N GLU A 121 38.34 5.63 10.18
CA GLU A 121 38.56 6.41 11.39
C GLU A 121 38.01 5.69 12.62
N ILE A 122 36.87 5.04 12.48
CA ILE A 122 36.27 4.30 13.59
C ILE A 122 37.15 3.11 13.97
N VAL A 123 37.72 2.43 12.97
CA VAL A 123 38.56 1.28 13.25
C VAL A 123 39.84 1.72 13.97
N THR A 124 40.45 2.82 13.52
CA THR A 124 41.65 3.36 14.16
C THR A 124 41.41 3.68 15.64
N ASP A 125 40.27 4.31 15.96
CA ASP A 125 39.98 4.66 17.35
C ASP A 125 39.95 3.42 18.23
N ARG A 126 39.41 2.33 17.72
CA ARG A 126 39.29 1.12 18.53
C ARG A 126 40.63 0.40 18.65
N LEU A 127 41.43 0.38 17.57
CA LEU A 127 42.80 -0.10 17.67
C LEU A 127 43.62 0.73 18.66
N ASP A 128 43.42 2.05 18.65
CA ASP A 128 44.09 2.92 19.62
C ASP A 128 43.72 2.54 21.05
N ALA A 129 42.43 2.29 21.29
CA ALA A 129 42.00 1.88 22.62
C ALA A 129 42.66 0.58 23.04
N MET A 130 42.77 -0.37 22.11
CA MET A 130 43.48 -1.62 22.39
C MET A 130 44.95 -1.36 22.66
N GLU A 131 45.57 -0.51 21.84
CA GLU A 131 46.98 -0.19 22.03
C GLU A 131 47.21 0.61 23.30
N GLN A 132 46.23 1.41 23.72
CA GLN A 132 46.37 2.13 24.99
C GLN A 132 46.25 1.18 26.16
N ALA A 133 45.28 0.26 26.12
CA ALA A 133 45.08 -0.69 27.21
C ALA A 133 46.26 -1.64 27.38
N GLY A 134 47.12 -1.76 26.36
CA GLY A 134 48.27 -2.64 26.43
C GLY A 134 47.85 -4.09 26.47
N PRO A 135 48.72 -4.98 26.00
CA PRO A 135 48.38 -6.40 26.02
C PRO A 135 48.61 -7.01 27.39
N PRO A 136 47.84 -8.06 27.75
CA PRO A 136 46.75 -8.63 26.93
C PRO A 136 45.45 -7.83 27.00
N ALA A 137 44.50 -8.05 26.08
CA ALA A 137 43.26 -7.29 26.11
C ALA A 137 42.14 -8.08 25.42
N ASP A 138 40.89 -7.75 25.75
CA ASP A 138 39.73 -8.46 25.19
C ASP A 138 39.36 -7.84 23.85
N LEU A 139 39.60 -8.59 22.77
CA LEU A 139 39.30 -8.11 21.43
C LEU A 139 37.81 -7.89 21.24
N ILE A 140 36.98 -8.69 21.89
CA ILE A 140 35.54 -8.60 21.67
C ILE A 140 34.99 -7.36 22.36
N GLU A 141 35.42 -7.12 23.59
CA GLU A 141 34.89 -6.01 24.36
C GLU A 141 35.33 -4.66 23.81
N LEU A 142 36.54 -4.59 23.25
CA LEU A 142 37.09 -3.29 22.89
C LEU A 142 37.02 -2.99 21.40
N PHE A 143 36.92 -4.03 20.55
CA PHE A 143 37.02 -3.87 19.11
C PHE A 143 35.81 -4.46 18.37
N ALA A 144 35.58 -5.78 18.49
CA ALA A 144 34.49 -6.42 17.75
C ALA A 144 33.11 -5.90 18.15
N ASP A 145 32.89 -5.57 19.42
CA ASP A 145 31.58 -5.08 19.88
C ASP A 145 31.35 -3.60 19.66
N GLU A 146 32.37 -2.82 19.28
CA GLU A 146 32.18 -1.38 19.17
C GLU A 146 32.07 -0.85 17.75
N VAL A 147 32.76 -1.47 16.80
CA VAL A 147 32.80 -0.99 15.42
C VAL A 147 31.42 -0.99 14.76
N PRO A 148 30.68 -2.12 14.71
CA PRO A 148 29.47 -2.15 13.91
C PRO A 148 28.44 -1.09 14.29
N GLY A 149 28.31 -0.80 15.59
CA GLY A 149 27.36 0.23 16.00
C GLY A 149 27.78 1.64 15.60
N ALA A 150 29.08 1.92 15.64
CA ALA A 150 29.57 3.21 15.16
C ALA A 150 29.45 3.32 13.63
N VAL A 151 29.61 2.19 12.93
CA VAL A 151 29.47 2.18 11.48
C VAL A 151 28.02 2.48 11.10
N LEU A 152 27.05 1.87 11.78
CA LEU A 152 25.65 2.07 11.46
C LEU A 152 25.22 3.52 11.68
N CYS A 153 25.72 4.14 12.74
CA CYS A 153 25.44 5.56 12.97
C CYS A 153 25.91 6.40 11.78
N GLU A 154 27.10 6.12 11.25
CA GLU A 154 27.57 6.82 10.05
C GLU A 154 26.64 6.57 8.87
N LEU A 155 26.20 5.32 8.70
CA LEU A 155 25.28 4.98 7.62
C LEU A 155 24.06 5.89 7.65
N ILE A 156 23.30 5.86 8.74
CA ILE A 156 22.03 6.60 8.77
C ILE A 156 22.20 8.07 9.15
N GLY A 157 23.40 8.50 9.53
CA GLY A 157 23.63 9.91 9.77
C GLY A 157 23.46 10.40 11.19
N VAL A 158 23.54 9.54 12.20
CA VAL A 158 23.41 10.03 13.58
C VAL A 158 24.50 11.06 13.85
N PRO A 159 24.18 12.19 14.50
CA PRO A 159 25.24 13.17 14.82
C PRO A 159 26.39 12.53 15.57
N ARG A 160 27.59 13.10 15.39
CA ARG A 160 28.78 12.48 15.95
C ARG A 160 28.79 12.57 17.47
N ASP A 161 28.20 13.63 18.03
CA ASP A 161 28.10 13.82 19.47
C ASP A 161 27.01 12.96 20.11
N ASP A 162 26.03 12.48 19.32
CA ASP A 162 24.93 11.69 19.86
C ASP A 162 25.15 10.18 19.72
N ARG A 163 26.30 9.75 19.21
CA ARG A 163 26.54 8.32 18.98
C ARG A 163 26.39 7.51 20.27
N ASP A 164 26.81 8.07 21.41
CA ASP A 164 26.79 7.32 22.67
C ASP A 164 25.38 7.23 23.26
N MET A 165 24.66 8.35 23.31
CA MET A 165 23.29 8.31 23.80
C MET A 165 22.39 7.48 22.89
N PHE A 166 22.62 7.56 21.58
CA PHE A 166 21.81 6.82 20.62
C PHE A 166 21.95 5.32 20.86
N MET A 167 23.19 4.81 20.95
CA MET A 167 23.36 3.39 21.19
C MET A 167 22.78 2.98 22.53
N LYS A 168 22.78 3.87 23.51
CA LYS A 168 22.11 3.58 24.78
C LYS A 168 20.61 3.38 24.58
N LEU A 169 19.98 4.30 23.84
CA LEU A 169 18.55 4.18 23.57
C LEU A 169 18.27 2.96 22.69
N CYS A 170 19.19 2.62 21.78
CA CYS A 170 18.95 1.50 20.89
C CYS A 170 19.01 0.17 21.65
N HIS A 171 20.07 -0.05 22.43
CA HIS A 171 20.14 -1.26 23.27
C HIS A 171 19.14 -1.21 24.41
N GLY A 172 18.86 -0.01 24.94
CA GLY A 172 18.05 0.09 26.15
C GLY A 172 16.66 -0.50 25.98
N HIS A 173 16.01 -0.23 24.86
CA HIS A 173 14.65 -0.73 24.62
C HIS A 173 14.60 -2.23 24.40
N LEU A 174 15.74 -2.93 24.38
CA LEU A 174 15.78 -4.37 24.19
C LEU A 174 16.53 -5.13 25.27
N ASP A 175 17.11 -4.46 26.26
CA ASP A 175 17.83 -5.13 27.34
C ASP A 175 16.83 -5.89 28.20
N ALA A 176 16.80 -7.22 28.04
CA ALA A 176 15.86 -8.05 28.77
C ALA A 176 16.09 -8.01 30.28
N SER A 177 17.28 -7.56 30.71
CA SER A 177 17.51 -7.34 32.13
C SER A 177 16.69 -6.17 32.67
N LEU A 178 16.13 -5.33 31.82
CA LEU A 178 15.36 -4.19 32.28
C LEU A 178 13.88 -4.54 32.37
N SER A 179 13.18 -3.83 33.26
CA SER A 179 11.75 -4.02 33.46
C SER A 179 10.97 -3.50 32.25
N GLN A 180 9.67 -3.81 32.24
CA GLN A 180 8.78 -3.26 31.21
C GLN A 180 8.65 -1.75 31.33
N LYS A 181 8.69 -1.22 32.55
CA LYS A 181 8.64 0.23 32.72
C LYS A 181 9.90 0.90 32.16
N ARG A 182 11.06 0.29 32.39
CA ARG A 182 12.31 0.89 31.91
C ARG A 182 12.44 0.75 30.40
N ARG A 183 12.31 -0.47 29.88
CA ARG A 183 12.51 -0.70 28.44
C ARG A 183 11.51 0.11 27.61
N ALA A 184 10.25 0.20 28.07
CA ALA A 184 9.25 0.97 27.32
C ALA A 184 9.53 2.47 27.40
N ALA A 185 10.08 2.94 28.52
CA ALA A 185 10.46 4.34 28.63
C ALA A 185 11.61 4.66 27.69
N LEU A 186 12.55 3.72 27.54
CA LEU A 186 13.66 3.91 26.62
C LEU A 186 13.21 3.74 25.16
N GLY A 187 12.22 2.88 24.91
CA GLY A 187 11.68 2.73 23.57
C GLY A 187 10.95 3.97 23.08
N ASP A 188 10.28 4.68 23.99
CA ASP A 188 9.59 5.91 23.61
C ASP A 188 10.56 7.03 23.28
N LYS A 189 11.66 7.14 24.05
CA LYS A 189 12.67 8.16 23.79
C LYS A 189 13.42 7.86 22.49
N PHE A 190 13.60 6.58 22.17
CA PHE A 190 14.17 6.18 20.88
C PHE A 190 13.34 6.71 19.72
N SER A 191 12.04 6.41 19.71
CA SER A 191 11.17 6.85 18.62
C SER A 191 11.02 8.36 18.55
N ARG A 192 11.29 9.08 19.64
CA ARG A 192 11.27 10.54 19.54
C ARG A 192 12.51 11.06 18.81
N TYR A 193 13.70 10.53 19.14
CA TYR A 193 14.93 11.03 18.52
C TYR A 193 14.92 10.83 17.01
N LEU A 194 14.49 9.65 16.55
CA LEU A 194 14.45 9.36 15.12
C LEU A 194 13.44 10.26 14.42
N LEU A 195 12.20 10.33 14.95
CA LEU A 195 11.21 11.21 14.35
C LEU A 195 11.71 12.64 14.34
N ALA A 196 12.46 13.03 15.38
CA ALA A 196 13.11 14.34 15.38
C ALA A 196 14.12 14.41 14.24
N MET A 197 14.96 13.38 14.10
CA MET A 197 15.99 13.41 13.07
C MET A 197 15.38 13.43 11.67
N ILE A 198 14.35 12.61 11.43
CA ILE A 198 13.74 12.54 10.09
C ILE A 198 13.04 13.85 9.74
N ALA A 199 12.24 14.40 10.67
CA ALA A 199 11.58 15.67 10.42
C ALA A 199 12.59 16.80 10.25
N ARG A 200 13.65 16.79 11.05
CA ARG A 200 14.75 17.73 10.87
C ARG A 200 15.42 17.53 9.51
N GLU A 201 15.64 16.26 9.12
CA GLU A 201 16.26 15.97 7.84
C GLU A 201 15.32 16.30 6.68
N ARG A 202 14.02 16.02 6.85
CA ARG A 202 13.06 16.31 5.78
C ARG A 202 13.00 17.79 5.48
N LYS A 203 12.91 18.62 6.53
CA LYS A 203 12.82 20.06 6.35
C LYS A 203 14.04 20.62 5.63
N ASP A 204 15.22 20.04 5.86
CA ASP A 204 16.43 20.47 5.16
C ASP A 204 17.31 19.26 4.91
N PRO A 205 17.14 18.59 3.77
CA PRO A 205 17.94 17.38 3.51
C PRO A 205 19.27 17.67 2.84
N GLY A 206 20.36 17.40 3.57
CA GLY A 206 21.68 17.48 3.00
C GLY A 206 22.02 16.17 2.32
N ASP A 207 23.22 15.66 2.56
CA ASP A 207 23.66 14.38 2.05
C ASP A 207 23.74 13.41 3.23
N GLY A 208 23.11 12.26 3.07
CA GLY A 208 23.04 11.27 4.13
C GLY A 208 21.98 10.25 3.73
N PHE A 209 21.68 9.35 4.67
CA PHE A 209 20.70 8.32 4.38
C PHE A 209 19.32 8.94 4.18
N ILE A 210 18.80 9.62 5.20
CA ILE A 210 17.49 10.24 5.12
C ILE A 210 17.48 11.28 4.01
N GLY A 211 18.52 12.13 3.96
CA GLY A 211 18.56 13.18 2.97
C GLY A 211 18.50 12.68 1.55
N SER A 212 19.27 11.65 1.23
CA SER A 212 19.27 11.13 -0.13
C SER A 212 17.91 10.56 -0.52
N ILE A 213 17.18 9.98 0.44
CA ILE A 213 15.91 9.34 0.13
C ILE A 213 14.80 10.37 -0.03
N VAL A 214 14.65 11.30 0.92
CA VAL A 214 13.55 12.25 0.86
C VAL A 214 13.75 13.27 -0.26
N ALA A 215 15.00 13.55 -0.63
CA ALA A 215 15.23 14.45 -1.76
C ALA A 215 14.71 13.87 -3.06
N GLU A 216 14.51 12.56 -3.11
CA GLU A 216 14.07 11.91 -4.34
C GLU A 216 12.69 11.28 -4.25
N HIS A 217 12.22 10.93 -3.06
CA HIS A 217 10.90 10.31 -2.90
C HIS A 217 10.15 10.89 -1.71
N GLY A 218 10.33 12.17 -1.40
CA GLY A 218 9.77 12.74 -0.19
C GLY A 218 8.26 12.62 -0.08
N ASP A 219 7.56 12.50 -1.21
CA ASP A 219 6.10 12.44 -1.19
C ASP A 219 5.58 11.02 -1.06
N THR A 220 6.42 10.01 -1.32
CA THR A 220 6.01 8.61 -1.36
C THR A 220 6.26 7.86 -0.07
N ILE A 221 7.23 8.30 0.74
CA ILE A 221 7.66 7.57 1.93
C ILE A 221 7.33 8.38 3.17
N THR A 222 6.68 7.75 4.15
CA THR A 222 6.22 8.37 5.39
C THR A 222 7.32 8.36 6.46
N ASP A 223 7.19 9.27 7.43
CA ASP A 223 8.11 9.27 8.56
C ASP A 223 8.00 7.98 9.37
N GLU A 224 6.78 7.43 9.50
CA GLU A 224 6.61 6.16 10.19
C GLU A 224 7.38 5.04 9.50
N GLU A 225 7.40 5.04 8.17
CA GLU A 225 8.24 4.08 7.45
C GLU A 225 9.72 4.38 7.61
N LEU A 226 10.09 5.66 7.52
CA LEU A 226 11.51 5.98 7.65
C LEU A 226 12.01 5.69 9.06
N ARG A 227 11.20 5.97 10.09
CA ARG A 227 11.58 5.57 11.45
C ARG A 227 11.72 4.05 11.55
N GLY A 228 10.69 3.33 11.13
CA GLY A 228 10.75 1.88 11.15
C GLY A 228 11.99 1.35 10.47
N VAL A 229 12.38 1.95 9.35
CA VAL A 229 13.53 1.45 8.60
C VAL A 229 14.83 1.68 9.36
N CYS A 230 15.01 2.88 9.93
CA CYS A 230 16.20 3.17 10.73
C CYS A 230 16.34 2.22 11.91
N VAL A 231 15.25 1.97 12.66
CA VAL A 231 15.32 1.01 13.76
C VAL A 231 15.76 -0.36 13.25
N GLN A 232 15.12 -0.84 12.19
CA GLN A 232 15.43 -2.18 11.71
C GLN A 232 16.88 -2.32 11.24
N LEU A 233 17.47 -1.26 10.67
CA LEU A 233 18.87 -1.36 10.24
C LEU A 233 19.81 -1.49 11.44
N MET A 234 19.53 -0.74 12.52
CA MET A 234 20.32 -0.89 13.74
C MET A 234 20.29 -2.34 14.20
N LEU A 235 19.12 -2.97 14.16
CA LEU A 235 19.01 -4.37 14.54
C LEU A 235 19.58 -5.31 13.50
N ALA A 236 19.65 -4.91 12.23
CA ALA A 236 20.08 -5.84 11.20
C ALA A 236 21.60 -5.93 11.10
N GLY A 237 22.31 -4.87 11.40
CA GLY A 237 23.72 -4.83 11.08
C GLY A 237 24.69 -4.81 12.23
N ASP A 238 24.25 -5.19 13.42
CA ASP A 238 25.06 -5.08 14.61
C ASP A 238 25.55 -6.45 15.05
N ASP A 239 24.64 -7.30 15.54
CA ASP A 239 24.94 -8.66 16.00
C ASP A 239 25.63 -9.48 14.91
N ASN A 240 25.25 -9.28 13.65
CA ASN A 240 25.86 -10.02 12.56
C ASN A 240 27.33 -9.62 12.35
N VAL A 241 27.64 -8.32 12.36
CA VAL A 241 28.99 -7.90 11.99
C VAL A 241 29.95 -8.15 13.16
N SER A 242 29.54 -7.80 14.37
CA SER A 242 30.35 -8.09 15.55
C SER A 242 30.65 -9.58 15.65
N GLY A 243 29.66 -10.42 15.37
CA GLY A 243 29.94 -11.84 15.31
C GLY A 243 31.00 -12.16 14.29
N MET A 244 30.89 -11.56 13.10
CA MET A 244 31.84 -11.85 12.04
C MET A 244 33.28 -11.44 12.41
N ILE A 245 33.43 -10.32 13.10
CA ILE A 245 34.77 -9.84 13.44
C ILE A 245 35.44 -10.80 14.44
N GLY A 246 34.74 -11.16 15.51
CA GLY A 246 35.31 -12.10 16.47
C GLY A 246 35.63 -13.46 15.86
N LEU A 247 34.64 -14.10 15.23
CA LEU A 247 34.91 -15.42 14.66
C LEU A 247 35.95 -15.34 13.57
N GLY A 248 35.97 -14.24 12.83
CA GLY A 248 36.92 -14.12 11.73
C GLY A 248 38.35 -14.06 12.23
N VAL A 249 38.62 -13.21 13.21
CA VAL A 249 39.96 -13.14 13.79
C VAL A 249 40.38 -14.50 14.35
N LEU A 250 39.50 -15.17 15.06
CA LEU A 250 39.85 -16.51 15.54
C LEU A 250 40.03 -17.50 14.39
N ALA A 251 39.22 -17.39 13.32
CA ALA A 251 39.40 -18.30 12.17
C ALA A 251 40.79 -18.15 11.56
N LEU A 252 41.28 -16.91 11.43
CA LEU A 252 42.59 -16.70 10.83
C LEU A 252 43.72 -17.18 11.75
N LEU A 253 43.57 -17.01 13.07
CA LEU A 253 44.57 -17.53 13.98
C LEU A 253 44.64 -19.06 13.94
N ARG A 254 43.52 -19.72 13.71
CA ARG A 254 43.52 -21.17 13.57
C ARG A 254 43.97 -21.65 12.19
N HIS A 255 44.06 -20.75 11.20
CA HIS A 255 44.59 -21.07 9.88
C HIS A 255 45.66 -20.06 9.56
N PRO A 256 46.76 -20.07 10.31
CA PRO A 256 47.72 -18.94 10.27
C PRO A 256 48.33 -18.69 8.90
N GLU A 257 48.40 -19.69 8.03
CA GLU A 257 48.98 -19.40 6.72
C GLU A 257 48.07 -18.55 5.85
N GLN A 258 46.83 -18.31 6.25
CA GLN A 258 45.89 -17.54 5.47
C GLN A 258 45.79 -16.09 5.89
N ILE A 259 46.52 -15.66 6.94
CA ILE A 259 46.60 -14.25 7.30
C ILE A 259 47.24 -13.45 6.18
N ALA A 260 48.07 -14.09 5.35
CA ALA A 260 48.78 -13.39 4.30
C ALA A 260 47.81 -12.76 3.31
N ALA A 261 46.64 -13.35 3.13
CA ALA A 261 45.64 -12.80 2.22
C ALA A 261 45.16 -11.43 2.65
N LEU A 262 45.41 -11.03 3.89
CA LEU A 262 45.06 -9.72 4.43
C LEU A 262 46.25 -8.77 4.44
N ARG A 263 47.33 -9.10 3.74
CA ARG A 263 48.51 -8.24 3.67
C ARG A 263 48.91 -7.91 2.24
N GLY A 264 47.97 -7.93 1.32
CA GLY A 264 48.24 -7.61 -0.08
C GLY A 264 47.33 -6.53 -0.60
N ASP A 265 46.81 -6.74 -1.81
CA ASP A 265 45.95 -5.76 -2.44
C ASP A 265 44.51 -5.96 -1.96
N ASP A 266 43.62 -5.09 -2.45
CA ASP A 266 42.23 -5.15 -2.00
C ASP A 266 41.49 -6.36 -2.58
N GLN A 267 41.90 -6.82 -3.78
CA GLN A 267 41.28 -8.00 -4.37
C GLN A 267 41.53 -9.22 -3.49
N SER A 268 42.78 -9.41 -3.07
CA SER A 268 43.13 -10.52 -2.19
C SER A 268 42.34 -10.48 -0.88
N ALA A 269 42.23 -9.29 -0.27
CA ALA A 269 41.48 -9.17 0.98
C ALA A 269 39.97 -9.37 0.77
N ASP A 270 39.40 -8.78 -0.31
CA ASP A 270 37.95 -8.91 -0.56
C ASP A 270 37.58 -10.36 -0.80
N ARG A 271 38.45 -11.09 -1.51
CA ARG A 271 38.25 -12.52 -1.71
C ARG A 271 38.29 -13.29 -0.38
N ALA A 272 39.21 -12.92 0.53
CA ALA A 272 39.29 -13.57 1.84
C ALA A 272 38.03 -13.32 2.66
N VAL A 273 37.61 -12.05 2.72
CA VAL A 273 36.41 -11.66 3.48
C VAL A 273 35.19 -12.47 3.02
N ASP A 274 34.98 -12.57 1.71
CA ASP A 274 33.78 -13.27 1.28
C ASP A 274 33.83 -14.75 1.60
N GLU A 275 35.04 -15.35 1.54
CA GLU A 275 35.18 -16.74 1.98
C GLU A 275 34.91 -16.89 3.48
N LEU A 276 35.34 -15.91 4.29
CA LEU A 276 35.06 -15.96 5.73
C LEU A 276 33.56 -15.88 6.04
N ILE A 277 32.81 -15.05 5.32
CA ILE A 277 31.36 -15.01 5.49
C ILE A 277 30.75 -16.38 5.21
N ARG A 278 31.18 -17.01 4.13
CA ARG A 278 30.58 -18.30 3.78
C ARG A 278 30.96 -19.37 4.78
N TYR A 279 32.24 -19.40 5.19
CA TYR A 279 32.71 -20.50 6.04
C TYR A 279 32.05 -20.45 7.41
N LEU A 280 31.90 -19.25 7.97
CA LEU A 280 31.35 -19.03 9.29
C LEU A 280 29.83 -18.93 9.30
N THR A 281 29.24 -18.32 8.26
CA THR A 281 27.79 -18.13 8.11
C THR A 281 27.13 -17.82 9.45
N VAL A 282 27.33 -16.59 9.97
CA VAL A 282 26.94 -16.31 11.36
C VAL A 282 25.45 -16.51 11.63
N PRO A 283 24.51 -16.16 10.74
CA PRO A 283 23.10 -16.36 11.08
C PRO A 283 22.65 -17.81 10.90
N TYR A 284 21.88 -18.29 11.88
CA TYR A 284 21.40 -19.67 11.83
C TYR A 284 20.32 -19.87 10.79
N ALA A 285 19.47 -18.86 10.57
CA ALA A 285 18.32 -19.01 9.68
C ALA A 285 17.90 -17.64 9.17
N PRO A 286 17.34 -17.56 7.97
CA PRO A 286 16.67 -16.32 7.55
C PRO A 286 15.25 -16.25 8.12
N THR A 287 14.46 -15.29 7.66
CA THR A 287 13.07 -15.17 8.07
C THR A 287 12.29 -16.43 7.69
N PRO A 288 11.50 -16.99 8.60
CA PRO A 288 10.66 -18.16 8.27
C PRO A 288 9.73 -17.88 7.10
N ARG A 289 9.60 -18.87 6.23
CA ARG A 289 8.70 -18.79 5.09
C ARG A 289 7.45 -19.61 5.35
N THR A 290 6.34 -19.18 4.78
CA THR A 290 5.09 -19.91 4.82
C THR A 290 4.64 -20.22 3.40
N ALA A 291 4.25 -21.47 3.15
CA ALA A 291 3.82 -21.85 1.82
C ALA A 291 2.46 -21.22 1.52
N VAL A 292 2.40 -20.43 0.45
CA VAL A 292 1.16 -19.81 -0.01
C VAL A 292 0.29 -20.80 -0.78
N GLU A 293 0.87 -21.87 -1.29
CA GLU A 293 0.12 -22.90 -2.01
C GLU A 293 0.92 -24.19 -1.93
N ASP A 294 0.34 -25.27 -2.47
CA ASP A 294 1.09 -26.51 -2.59
C ASP A 294 2.25 -26.33 -3.55
N VAL A 295 3.44 -26.72 -3.12
CA VAL A 295 4.66 -26.50 -3.89
C VAL A 295 5.55 -27.72 -3.73
N MET A 296 6.20 -28.12 -4.82
CA MET A 296 7.12 -29.24 -4.82
C MET A 296 8.51 -28.75 -4.44
N VAL A 297 9.11 -29.40 -3.46
CA VAL A 297 10.45 -29.07 -2.96
C VAL A 297 11.17 -30.38 -2.72
N ALA A 298 12.29 -30.61 -3.41
CA ALA A 298 13.14 -31.79 -3.24
C ALA A 298 12.33 -33.08 -3.18
N ASP A 299 11.43 -33.24 -4.15
CA ASP A 299 10.61 -34.44 -4.27
C ASP A 299 9.67 -34.64 -3.07
N GLN A 300 9.38 -33.58 -2.32
CA GLN A 300 8.38 -33.64 -1.27
C GLN A 300 7.48 -32.43 -1.36
N VAL A 301 6.19 -32.63 -1.10
CA VAL A 301 5.21 -31.56 -1.23
C VAL A 301 5.07 -30.87 0.12
N ILE A 302 5.15 -29.55 0.10
CA ILE A 302 4.89 -28.70 1.26
C ILE A 302 3.49 -28.10 1.11
N LYS A 303 2.58 -28.46 2.00
CA LYS A 303 1.21 -28.00 1.87
C LYS A 303 1.09 -26.53 2.22
N GLU A 304 0.03 -25.91 1.71
CA GLU A 304 -0.23 -24.50 1.94
C GLU A 304 -0.36 -24.23 3.43
N GLY A 305 0.18 -23.11 3.87
CA GLY A 305 0.17 -22.73 5.27
C GLY A 305 1.29 -23.31 6.12
N GLU A 306 2.02 -24.30 5.62
CA GLU A 306 3.12 -24.90 6.36
C GLU A 306 4.34 -23.99 6.33
N THR A 307 5.17 -24.13 7.37
CA THR A 307 6.35 -23.29 7.59
C THR A 307 7.60 -24.04 7.14
N VAL A 308 8.58 -23.26 6.68
CA VAL A 308 9.85 -23.78 6.19
C VAL A 308 10.96 -22.97 6.85
N LEU A 309 11.82 -23.64 7.62
CA LEU A 309 13.02 -23.02 8.18
C LEU A 309 14.23 -23.40 7.34
N CYS A 310 15.06 -22.40 7.01
CA CYS A 310 16.26 -22.58 6.20
C CYS A 310 17.52 -22.53 7.06
N SER A 311 18.33 -23.57 6.96
CA SER A 311 19.66 -23.58 7.59
C SER A 311 20.66 -23.00 6.61
N LEU A 312 20.97 -21.72 6.78
CA LEU A 312 22.03 -21.12 5.98
C LEU A 312 23.39 -21.77 6.22
N PRO A 313 23.80 -22.11 7.45
CA PRO A 313 25.12 -22.77 7.62
C PRO A 313 25.22 -24.11 6.91
N MET A 314 24.18 -24.95 6.97
CA MET A 314 24.24 -26.20 6.19
C MET A 314 24.26 -25.92 4.69
N ALA A 315 23.50 -24.93 4.23
CA ALA A 315 23.49 -24.65 2.80
C ALA A 315 24.87 -24.28 2.29
N ASN A 316 25.64 -23.50 3.07
CA ASN A 316 26.96 -23.04 2.67
C ASN A 316 28.07 -24.07 2.94
N ARG A 317 27.76 -25.24 3.51
CA ARG A 317 28.68 -26.38 3.50
C ARG A 317 28.27 -27.46 2.50
N ASP A 318 27.19 -27.23 1.74
CA ASP A 318 26.73 -28.20 0.75
C ASP A 318 27.82 -28.42 -0.28
N ARG A 319 28.24 -29.67 -0.44
CA ARG A 319 29.35 -29.93 -1.35
C ARG A 319 28.95 -29.85 -2.81
N ALA A 320 27.68 -29.58 -3.11
CA ALA A 320 27.29 -29.11 -4.44
C ALA A 320 27.68 -27.65 -4.64
N LEU A 321 27.69 -26.84 -3.58
CA LEU A 321 28.14 -25.47 -3.73
C LEU A 321 29.63 -25.44 -4.06
N LEU A 322 30.41 -26.30 -3.40
CA LEU A 322 31.82 -26.45 -3.74
C LEU A 322 32.43 -27.67 -3.05
N PRO A 323 33.38 -28.35 -3.70
CA PRO A 323 34.12 -29.41 -3.02
C PRO A 323 35.00 -28.79 -1.95
N ASP A 324 35.25 -29.56 -0.90
CA ASP A 324 35.88 -29.09 0.34
C ASP A 324 35.21 -27.82 0.90
N ALA A 325 33.88 -27.86 0.97
CA ALA A 325 33.15 -26.77 1.61
C ALA A 325 33.50 -26.66 3.09
N ASP A 326 33.87 -27.79 3.70
CA ASP A 326 34.17 -27.80 5.12
C ASP A 326 35.55 -27.29 5.45
N ARG A 327 36.33 -26.91 4.45
CA ARG A 327 37.66 -26.35 4.63
C ARG A 327 37.61 -24.85 4.36
N LEU A 328 38.44 -24.09 5.09
CA LEU A 328 38.56 -22.66 4.85
C LEU A 328 39.70 -22.40 3.87
N ASP A 329 39.44 -21.58 2.83
CA ASP A 329 40.45 -21.30 1.80
C ASP A 329 40.22 -19.91 1.21
N VAL A 330 40.88 -18.92 1.82
CA VAL A 330 40.71 -17.51 1.47
C VAL A 330 41.27 -17.14 0.10
N THR A 331 41.96 -18.05 -0.60
CA THR A 331 42.39 -17.78 -1.98
C THR A 331 41.38 -18.23 -3.02
N ARG A 332 40.29 -18.88 -2.62
CA ARG A 332 39.39 -19.45 -3.61
C ARG A 332 38.48 -18.36 -4.17
N THR A 333 37.95 -18.63 -5.33
CA THR A 333 37.09 -17.76 -6.12
C THR A 333 35.70 -17.73 -5.50
N PRO A 334 35.09 -16.54 -5.36
CA PRO A 334 33.78 -16.45 -4.71
C PRO A 334 32.76 -17.35 -5.37
N VAL A 335 31.83 -17.85 -4.57
CA VAL A 335 30.80 -18.75 -5.08
C VAL A 335 29.44 -18.22 -4.63
N PRO A 336 28.31 -18.69 -5.20
CA PRO A 336 27.00 -18.09 -4.79
C PRO A 336 26.45 -18.64 -3.47
N HIS A 337 27.14 -18.33 -2.38
CA HIS A 337 26.70 -18.74 -1.04
C HIS A 337 25.44 -17.98 -0.60
N VAL A 338 24.76 -18.53 0.41
CA VAL A 338 23.51 -17.92 0.87
C VAL A 338 23.64 -17.24 2.25
N ALA A 339 24.85 -16.86 2.70
CA ALA A 339 24.93 -16.18 3.99
C ALA A 339 24.23 -14.83 4.00
N PHE A 340 24.09 -14.20 2.83
CA PHE A 340 23.34 -12.95 2.69
C PHE A 340 21.95 -13.20 2.15
N GLY A 341 21.52 -14.45 2.08
CA GLY A 341 20.25 -14.76 1.47
C GLY A 341 20.39 -14.85 -0.05
N HIS A 342 19.26 -14.76 -0.75
CA HIS A 342 19.18 -14.90 -2.20
C HIS A 342 17.86 -14.36 -2.74
N GLY A 343 17.91 -13.71 -3.91
CA GLY A 343 16.70 -13.20 -4.55
C GLY A 343 16.28 -11.81 -4.07
N ILE A 344 14.98 -11.54 -3.95
CA ILE A 344 14.51 -10.17 -3.69
C ILE A 344 14.94 -9.65 -2.32
N HIS A 345 15.04 -10.50 -1.30
CA HIS A 345 15.35 -10.04 0.04
C HIS A 345 16.85 -10.00 0.35
N HIS A 346 17.72 -10.25 -0.64
CA HIS A 346 19.17 -10.24 -0.44
C HIS A 346 19.66 -9.07 0.42
N CYS A 347 20.51 -9.38 1.41
CA CYS A 347 20.91 -8.42 2.44
C CYS A 347 21.25 -7.06 1.85
N LEU A 348 20.50 -6.06 2.29
CA LEU A 348 20.76 -4.69 1.82
C LEU A 348 22.09 -4.16 2.35
N GLY A 349 22.64 -4.76 3.41
CA GLY A 349 23.92 -4.39 3.99
C GLY A 349 25.13 -5.14 3.49
N ALA A 350 25.00 -5.98 2.44
CA ALA A 350 26.11 -6.81 1.98
C ALA A 350 27.35 -5.98 1.65
N ALA A 351 27.24 -5.02 0.74
CA ALA A 351 28.41 -4.23 0.38
C ALA A 351 29.02 -3.54 1.59
N LEU A 352 28.19 -3.04 2.50
CA LEU A 352 28.70 -2.41 3.70
C LEU A 352 29.45 -3.40 4.58
N THR A 353 28.92 -4.62 4.70
CA THR A 353 29.62 -5.63 5.50
C THR A 353 30.96 -5.97 4.89
N ARG A 354 31.00 -6.18 3.57
CA ARG A 354 32.26 -6.51 2.90
C ARG A 354 33.29 -5.42 3.10
N LEU A 355 32.86 -4.18 2.92
CA LEU A 355 33.76 -3.03 3.11
C LEU A 355 34.33 -2.99 4.53
N GLN A 356 33.46 -3.00 5.55
CA GLN A 356 33.94 -2.73 6.89
C GLN A 356 34.73 -3.93 7.44
N LEU A 357 34.41 -5.15 6.99
CA LEU A 357 35.19 -6.31 7.38
C LEU A 357 36.59 -6.27 6.77
N ARG A 358 36.69 -5.84 5.51
CA ARG A 358 38.00 -5.67 4.88
C ARG A 358 38.83 -4.62 5.60
N ILE A 359 38.20 -3.50 5.96
CA ILE A 359 38.91 -2.46 6.69
C ILE A 359 39.34 -2.95 8.09
N ALA A 360 38.50 -3.72 8.78
CA ALA A 360 38.82 -4.12 10.15
C ALA A 360 39.95 -5.14 10.21
N TYR A 361 39.79 -6.30 9.54
CA TYR A 361 40.81 -7.35 9.57
C TYR A 361 42.16 -6.81 9.10
N THR A 362 42.17 -6.10 7.97
CA THR A 362 43.40 -5.56 7.41
C THR A 362 44.08 -4.60 8.39
N ALA A 363 43.30 -3.69 9.00
CA ALA A 363 43.91 -2.74 9.93
C ALA A 363 44.45 -3.42 11.19
N LEU A 364 43.82 -4.52 11.62
CA LEU A 364 44.17 -5.17 12.89
C LEU A 364 45.55 -5.77 12.82
N TRP A 365 45.81 -6.55 11.77
CA TRP A 365 47.13 -7.13 11.59
C TRP A 365 48.16 -6.11 11.13
N ARG A 366 47.74 -4.96 10.62
CA ARG A 366 48.72 -3.92 10.32
C ARG A 366 49.19 -3.23 11.60
N ARG A 367 48.30 -3.05 12.57
CA ARG A 367 48.73 -2.42 13.82
C ARG A 367 49.42 -3.44 14.72
N PHE A 368 48.91 -4.68 14.73
CA PHE A 368 49.41 -5.76 15.59
C PHE A 368 49.78 -6.95 14.70
N PRO A 369 50.92 -6.87 13.99
CA PRO A 369 51.29 -8.01 13.13
C PRO A 369 51.48 -9.30 13.90
N ALA A 370 51.95 -9.23 15.15
CA ALA A 370 52.23 -10.41 15.98
C ALA A 370 51.06 -10.83 16.86
N LEU A 371 49.83 -10.43 16.50
CA LEU A 371 48.63 -10.84 17.22
C LEU A 371 48.58 -12.35 17.40
N GLN A 372 48.14 -12.77 18.58
CA GLN A 372 48.03 -14.18 18.94
C GLN A 372 47.05 -14.29 20.09
N LEU A 373 46.52 -15.49 20.27
CA LEU A 373 45.85 -15.78 21.53
C LEU A 373 46.81 -15.47 22.68
N ALA A 374 46.29 -14.80 23.72
CA ALA A 374 47.12 -14.48 24.87
C ALA A 374 47.66 -15.74 25.52
N ASP A 375 46.84 -16.78 25.55
CA ASP A 375 47.23 -18.08 26.05
C ASP A 375 46.52 -19.12 25.19
N PRO A 376 47.25 -20.00 24.51
CA PRO A 376 46.59 -20.94 23.60
C PRO A 376 45.70 -21.97 24.30
N ALA A 377 45.75 -22.09 25.61
CA ALA A 377 44.89 -23.06 26.27
C ALA A 377 43.55 -22.49 26.70
N GLN A 378 43.42 -21.18 26.70
CA GLN A 378 42.20 -20.53 27.18
C GLN A 378 40.96 -21.10 26.46
N GLU A 379 39.84 -21.12 27.18
CA GLU A 379 38.60 -21.58 26.56
C GLU A 379 38.08 -20.59 25.52
N ILE A 380 37.51 -21.11 24.46
CA ILE A 380 36.85 -20.28 23.48
C ILE A 380 35.43 -20.05 23.99
N MET A 381 35.03 -18.80 24.07
CA MET A 381 33.75 -18.41 24.65
C MET A 381 32.81 -18.02 23.51
N PHE A 382 32.00 -18.99 23.07
CA PHE A 382 31.09 -18.83 21.95
C PHE A 382 29.81 -18.14 22.37
N ARG A 383 29.40 -17.16 21.57
CA ARG A 383 28.08 -16.53 21.68
C ARG A 383 27.04 -17.47 21.05
N THR A 384 26.12 -17.96 21.86
CA THR A 384 25.11 -18.91 21.43
C THR A 384 23.68 -18.45 21.68
N SER A 385 23.49 -17.31 22.34
CA SER A 385 22.14 -16.89 22.74
C SER A 385 21.49 -15.92 21.77
N THR A 386 22.23 -15.37 20.83
CA THR A 386 21.69 -14.32 19.97
C THR A 386 21.21 -14.91 18.64
N PRO A 387 20.61 -14.12 17.73
CA PRO A 387 20.32 -14.66 16.39
C PRO A 387 21.56 -14.89 15.52
N ALA A 388 22.74 -14.39 15.89
CA ALA A 388 23.96 -14.55 15.10
C ALA A 388 25.08 -15.17 15.94
N TYR A 389 25.66 -16.27 15.44
CA TYR A 389 26.85 -16.87 16.06
C TYR A 389 28.00 -15.88 16.18
N GLY A 390 28.84 -16.09 17.19
CA GLY A 390 29.96 -15.22 17.47
C GLY A 390 30.74 -15.67 18.69
N LEU A 391 31.54 -14.75 19.24
CA LEU A 391 32.27 -14.94 20.50
C LEU A 391 31.83 -13.91 21.52
N THR A 392 31.77 -14.30 22.81
CA THR A 392 31.53 -13.33 23.89
C THR A 392 32.80 -12.67 24.42
N SER A 393 33.97 -13.27 24.25
CA SER A 393 35.21 -12.63 24.65
C SER A 393 36.38 -13.31 23.93
N LEU A 394 37.51 -12.59 23.81
CA LEU A 394 38.71 -13.17 23.20
C LEU A 394 39.94 -12.37 23.64
N LEU A 395 40.65 -12.89 24.65
CA LEU A 395 41.89 -12.26 25.09
C LEU A 395 43.01 -12.56 24.12
N VAL A 396 43.70 -11.51 23.67
CA VAL A 396 44.80 -11.63 22.74
C VAL A 396 45.96 -10.81 23.25
N ALA A 397 47.12 -11.09 22.70
CA ALA A 397 48.31 -10.31 22.92
C ALA A 397 48.92 -10.00 21.57
N TRP A 398 49.95 -9.17 21.58
CA TRP A 398 50.63 -8.73 20.37
C TRP A 398 51.96 -8.18 20.84
N SER B 6 41.96 11.77 -24.58
CA SER B 6 40.92 12.78 -24.39
C SER B 6 39.70 12.43 -25.23
N PRO B 7 38.54 12.29 -24.58
CA PRO B 7 37.29 12.01 -25.31
C PRO B 7 36.64 13.29 -25.81
N PRO B 8 36.07 13.26 -27.02
CA PRO B 8 35.43 14.48 -27.55
C PRO B 8 34.37 15.03 -26.61
N ILE B 9 34.34 16.37 -26.53
CA ILE B 9 33.51 17.05 -25.54
C ILE B 9 32.02 16.74 -25.75
N HIS B 10 31.60 16.48 -26.99
CA HIS B 10 30.19 16.19 -27.25
C HIS B 10 29.79 14.77 -26.90
N THR B 11 30.73 13.92 -26.47
CA THR B 11 30.41 12.54 -26.13
C THR B 11 30.47 12.27 -24.64
N ARG B 12 30.62 13.29 -23.81
CA ARG B 12 30.79 13.10 -22.38
C ARG B 12 29.45 13.13 -21.66
N ARG B 13 29.20 12.10 -20.85
CA ARG B 13 28.01 12.00 -20.04
C ARG B 13 28.34 11.96 -18.55
N GLN B 14 27.31 12.28 -17.75
CA GLN B 14 27.33 12.19 -16.29
C GLN B 14 26.06 11.46 -15.90
N GLY B 15 26.15 10.15 -15.65
CA GLY B 15 24.94 9.37 -15.50
C GLY B 15 24.04 9.45 -16.75
N PHE B 16 22.78 9.81 -16.54
CA PHE B 16 21.79 9.98 -17.58
C PHE B 16 21.88 11.31 -18.33
N ASP B 17 22.71 12.25 -17.85
CA ASP B 17 22.75 13.65 -18.25
C ASP B 17 23.97 14.00 -19.13
N PRO B 18 23.87 15.08 -19.92
CA PRO B 18 25.08 15.63 -20.54
C PRO B 18 26.07 16.06 -19.48
N ALA B 19 27.36 15.89 -19.77
CA ALA B 19 28.38 16.22 -18.80
C ALA B 19 28.39 17.72 -18.51
N ASP B 20 28.97 18.08 -17.38
CA ASP B 20 28.99 19.49 -16.98
C ASP B 20 29.69 20.36 -18.02
N GLU B 21 30.90 19.94 -18.46
CA GLU B 21 31.62 20.76 -19.42
C GLU B 21 30.92 20.81 -20.79
N LEU B 22 30.06 19.82 -21.09
CA LEU B 22 29.23 19.91 -22.29
C LEU B 22 28.09 20.91 -22.09
N ARG B 23 27.42 20.85 -20.94
CA ARG B 23 26.42 21.87 -20.62
C ARG B 23 27.01 23.27 -20.66
N ALA B 24 28.28 23.41 -20.27
CA ALA B 24 28.90 24.73 -20.17
C ALA B 24 29.17 25.36 -21.53
N ALA B 25 29.14 24.58 -22.61
CA ALA B 25 29.30 25.15 -23.95
C ALA B 25 28.03 25.86 -24.39
N GLY B 26 28.19 26.93 -25.16
CA GLY B 26 27.07 27.73 -25.58
C GLY B 26 26.18 26.98 -26.57
N THR B 27 25.19 27.71 -27.09
CA THR B 27 24.34 27.17 -28.15
C THR B 27 25.15 26.88 -29.41
N LEU B 28 26.08 27.76 -29.76
CA LEU B 28 26.91 27.59 -30.94
C LEU B 28 28.33 28.05 -30.61
N THR B 29 29.27 27.11 -30.72
CA THR B 29 30.68 27.37 -30.44
C THR B 29 31.56 26.62 -31.43
N LYS B 30 32.80 27.10 -31.56
CA LYS B 30 33.85 26.39 -32.28
C LYS B 30 34.62 25.51 -31.29
N ILE B 31 34.90 24.27 -31.70
CA ILE B 31 35.58 23.30 -30.85
C ILE B 31 36.55 22.48 -31.70
N SER B 32 37.33 21.65 -31.02
CA SER B 32 38.24 20.70 -31.62
C SER B 32 37.74 19.29 -31.31
N ILE B 33 38.17 18.31 -32.10
CA ILE B 33 37.56 16.99 -32.00
C ILE B 33 38.29 16.13 -30.98
N THR B 41 39.04 22.16 -37.33
CA THR B 41 38.07 22.18 -36.24
C THR B 41 36.63 22.02 -36.75
N THR B 42 35.64 22.34 -35.92
CA THR B 42 34.25 22.04 -36.22
C THR B 42 33.35 22.82 -35.28
N TRP B 43 32.20 23.26 -35.79
CA TRP B 43 31.18 23.91 -34.97
C TRP B 43 30.40 22.87 -34.18
N LEU B 44 30.14 23.17 -32.91
CA LEU B 44 29.24 22.39 -32.08
C LEU B 44 27.97 23.21 -31.82
N ALA B 45 26.82 22.66 -32.20
CA ALA B 45 25.52 23.30 -32.02
C ALA B 45 24.70 22.55 -30.98
N ALA B 46 24.22 23.27 -29.97
CA ALA B 46 23.62 22.61 -28.80
C ALA B 46 22.22 23.07 -28.44
N GLY B 47 21.73 24.20 -28.98
CA GLY B 47 20.35 24.59 -28.78
C GLY B 47 19.38 23.84 -29.69
N HIS B 48 18.11 23.81 -29.27
CA HIS B 48 17.07 23.12 -30.03
C HIS B 48 16.78 23.81 -31.36
N ALA B 49 16.63 25.14 -31.35
CA ALA B 49 16.35 25.86 -32.58
C ALA B 49 17.48 25.69 -33.59
N VAL B 50 18.71 25.93 -33.15
CA VAL B 50 19.87 25.85 -34.02
C VAL B 50 20.09 24.43 -34.55
N VAL B 51 19.84 23.42 -33.71
CA VAL B 51 20.05 22.06 -34.19
C VAL B 51 18.99 21.70 -35.22
N ARG B 52 17.73 22.07 -34.97
CA ARG B 52 16.70 21.82 -35.97
C ARG B 52 17.05 22.50 -37.29
N GLN B 53 17.65 23.69 -37.23
CA GLN B 53 17.98 24.42 -38.45
C GLN B 53 19.00 23.66 -39.30
N VAL B 54 20.07 23.18 -38.68
CA VAL B 54 21.14 22.47 -39.38
C VAL B 54 20.64 21.14 -39.97
N LEU B 55 19.82 20.39 -39.22
CA LEU B 55 19.39 19.06 -39.65
C LEU B 55 18.40 19.11 -40.82
N GLY B 56 17.61 20.17 -40.92
CA GLY B 56 16.54 20.19 -41.89
C GLY B 56 16.82 20.97 -43.16
N ASP B 57 17.56 22.07 -43.03
CA ASP B 57 17.81 22.98 -44.14
C ASP B 57 18.88 22.37 -45.06
N HIS B 58 18.47 21.34 -45.80
CA HIS B 58 19.36 20.69 -46.75
C HIS B 58 19.75 21.59 -47.92
N GLN B 59 19.16 22.78 -48.03
CA GLN B 59 19.61 23.70 -49.06
C GLN B 59 20.96 24.32 -48.72
N GLN B 60 21.29 24.45 -47.43
CA GLN B 60 22.56 25.01 -47.00
C GLN B 60 23.49 24.02 -46.33
N PHE B 61 23.04 22.79 -46.10
CA PHE B 61 23.85 21.80 -45.42
C PHE B 61 23.81 20.48 -46.16
N SER B 62 24.98 19.91 -46.40
CA SER B 62 25.13 18.61 -47.03
C SER B 62 25.62 17.62 -46.00
N THR B 63 25.19 16.37 -46.15
CA THR B 63 25.62 15.29 -45.26
C THR B 63 26.65 14.37 -45.91
N ARG B 64 26.99 14.59 -47.17
CA ARG B 64 27.86 13.67 -47.87
C ARG B 64 29.29 13.76 -47.33
N ARG B 65 29.94 12.61 -47.20
CA ARG B 65 31.32 12.58 -46.70
C ARG B 65 32.24 13.16 -47.77
N ARG B 66 32.91 14.26 -47.44
CA ARG B 66 33.71 15.03 -48.38
C ARG B 66 35.20 14.80 -48.22
N TRP B 67 35.63 14.02 -47.23
CA TRP B 67 37.06 13.70 -47.01
C TRP B 67 37.95 14.95 -47.01
N GLY B 74 31.02 14.95 -57.42
CA GLY B 74 32.09 14.61 -56.51
C GLY B 74 31.76 13.52 -55.53
N GLY B 75 31.90 12.26 -55.95
CA GLY B 75 31.50 11.12 -55.14
C GLY B 75 30.00 10.92 -55.01
N LYS B 76 29.23 11.38 -55.99
CA LYS B 76 27.81 11.09 -56.07
C LYS B 76 27.56 10.09 -57.19
N GLY B 77 26.39 9.47 -57.16
CA GLY B 77 25.98 8.65 -58.29
C GLY B 77 26.82 7.42 -58.46
N ILE B 78 27.24 7.18 -59.71
CA ILE B 78 28.03 6.01 -60.03
C ILE B 78 29.37 6.06 -59.28
N PHE B 79 29.80 7.24 -58.85
CA PHE B 79 31.07 7.43 -58.14
C PHE B 79 30.94 7.37 -56.62
N ARG B 80 29.88 6.77 -56.09
CA ARG B 80 29.86 6.75 -54.62
C ARG B 80 30.50 5.47 -54.11
N PRO B 81 31.39 5.54 -53.12
CA PRO B 81 32.07 4.33 -52.65
C PRO B 81 31.08 3.27 -52.17
N ARG B 82 31.55 2.03 -52.20
CA ARG B 82 30.72 0.87 -51.87
C ARG B 82 30.32 0.87 -50.39
N GLU B 83 31.23 1.28 -49.52
CA GLU B 83 30.94 1.44 -48.09
C GLU B 83 29.77 2.37 -47.82
N LEU B 84 29.40 3.22 -48.77
CA LEU B 84 28.36 4.22 -48.52
C LEU B 84 27.10 4.04 -49.37
N VAL B 85 27.08 3.08 -50.31
CA VAL B 85 25.89 2.85 -51.13
C VAL B 85 24.76 2.28 -50.25
N GLY B 86 23.58 2.89 -50.35
CA GLY B 86 22.45 2.46 -49.57
C GLY B 86 22.37 3.06 -48.19
N ASN B 87 23.27 4.00 -47.86
CA ASN B 87 23.28 4.67 -46.59
C ASN B 87 22.67 6.03 -46.86
N LEU B 88 21.37 6.15 -46.57
CA LEU B 88 20.64 7.36 -46.92
C LEU B 88 21.29 8.59 -46.32
N MET B 89 22.07 8.42 -45.26
CA MET B 89 22.68 9.57 -44.59
C MET B 89 23.82 10.21 -45.41
N ASP B 90 24.36 9.52 -46.41
CA ASP B 90 25.39 10.07 -47.28
C ASP B 90 24.80 10.69 -48.55
N TYR B 91 23.48 10.78 -48.64
CA TYR B 91 22.78 11.24 -49.83
C TYR B 91 22.21 12.63 -49.56
N ASP B 92 22.32 13.53 -50.56
CA ASP B 92 21.56 14.79 -50.56
C ASP B 92 20.37 14.65 -51.48
N PRO B 93 19.35 15.48 -51.33
CA PRO B 93 18.34 15.57 -52.39
C PRO B 93 18.96 16.11 -53.66
N PRO B 94 18.57 15.61 -54.85
CA PRO B 94 17.51 14.65 -55.13
C PRO B 94 17.92 13.17 -55.08
N GLU B 95 19.21 12.89 -54.94
CA GLU B 95 19.65 11.51 -54.84
C GLU B 95 19.06 10.84 -53.58
N HIS B 96 19.01 11.57 -52.46
CA HIS B 96 18.35 11.05 -51.27
C HIS B 96 16.88 10.78 -51.54
N THR B 97 16.21 11.72 -52.20
CA THR B 97 14.76 11.68 -52.40
C THR B 97 14.32 10.41 -53.14
N ARG B 98 15.03 10.07 -54.22
CA ARG B 98 14.71 8.86 -54.96
C ARG B 98 14.78 7.63 -54.06
N LEU B 99 15.94 7.43 -53.42
CA LEU B 99 16.16 6.16 -52.73
C LEU B 99 15.21 6.03 -51.55
N ARG B 100 14.93 7.13 -50.84
CA ARG B 100 14.03 7.06 -49.70
C ARG B 100 12.59 6.82 -50.16
N HIS B 101 12.16 7.48 -51.24
CA HIS B 101 10.85 7.17 -51.81
C HIS B 101 10.75 5.69 -52.15
N LEU B 102 11.83 5.12 -52.70
CA LEU B 102 11.81 3.73 -53.14
C LEU B 102 11.78 2.75 -51.96
N LEU B 103 12.35 3.12 -50.80
CA LEU B 103 12.28 2.23 -49.65
C LEU B 103 10.97 2.36 -48.88
N THR B 104 10.18 3.40 -49.17
CA THR B 104 8.98 3.66 -48.39
C THR B 104 7.96 2.51 -48.39
N PRO B 105 7.76 1.73 -49.45
CA PRO B 105 6.86 0.55 -49.33
C PRO B 105 7.25 -0.42 -48.23
N GLY B 106 8.51 -0.46 -47.82
CA GLY B 106 8.93 -1.40 -46.79
C GLY B 106 8.71 -0.96 -45.36
N PHE B 107 8.17 0.25 -45.14
CA PHE B 107 7.99 0.77 -43.80
C PHE B 107 6.55 1.18 -43.53
N THR B 108 5.60 0.60 -44.26
CA THR B 108 4.20 0.98 -44.14
C THR B 108 3.61 0.47 -42.81
N GLN B 109 2.48 1.07 -42.43
CA GLN B 109 1.83 0.65 -41.19
C GLN B 109 1.39 -0.81 -41.24
N ARG B 110 0.96 -1.30 -42.41
CA ARG B 110 0.60 -2.72 -42.49
C ARG B 110 1.78 -3.59 -42.08
N ARG B 111 2.98 -3.27 -42.56
CA ARG B 111 4.16 -4.06 -42.20
C ARG B 111 4.43 -4.01 -40.69
N MET B 112 4.35 -2.82 -40.07
CA MET B 112 4.52 -2.70 -38.63
C MET B 112 3.58 -3.63 -37.88
N ARG B 113 2.30 -3.66 -38.29
CA ARG B 113 1.31 -4.55 -37.67
C ARG B 113 1.68 -6.02 -37.88
N ARG B 114 2.27 -6.36 -39.04
CA ARG B 114 2.72 -7.73 -39.27
C ARG B 114 3.82 -8.14 -38.28
N LEU B 115 4.73 -7.23 -37.96
CA LEU B 115 5.91 -7.58 -37.20
C LEU B 115 5.66 -7.65 -35.70
N ALA B 116 4.59 -7.00 -35.20
CA ALA B 116 4.36 -6.97 -33.75
C ALA B 116 4.24 -8.35 -33.13
N PRO B 117 3.46 -9.30 -33.65
CA PRO B 117 3.47 -10.65 -33.04
C PRO B 117 4.86 -11.26 -33.01
N ARG B 118 5.70 -10.97 -34.00
CA ARG B 118 7.03 -11.56 -34.04
C ARG B 118 7.94 -10.91 -33.02
N ILE B 119 7.82 -9.59 -32.82
CA ILE B 119 8.57 -8.91 -31.77
C ILE B 119 8.16 -9.44 -30.40
N GLU B 120 6.85 -9.65 -30.19
CA GLU B 120 6.38 -10.29 -28.98
C GLU B 120 7.04 -11.66 -28.81
N GLU B 121 7.13 -12.41 -29.90
CA GLU B 121 7.68 -13.75 -29.84
C GLU B 121 9.18 -13.71 -29.53
N ILE B 122 9.91 -12.75 -30.11
CA ILE B 122 11.34 -12.62 -29.85
C ILE B 122 11.57 -12.22 -28.41
N VAL B 123 10.78 -11.29 -27.90
CA VAL B 123 10.92 -10.83 -26.53
C VAL B 123 10.61 -11.96 -25.55
N THR B 124 9.55 -12.74 -25.81
CA THR B 124 9.23 -13.87 -24.94
C THR B 124 10.39 -14.87 -24.84
N ASP B 125 11.05 -15.17 -25.97
CA ASP B 125 12.17 -16.12 -25.99
C ASP B 125 13.30 -15.63 -25.11
N ARG B 126 13.54 -14.33 -25.14
CA ARG B 126 14.64 -13.78 -24.36
C ARG B 126 14.29 -13.72 -22.88
N LEU B 127 13.03 -13.42 -22.55
CA LEU B 127 12.54 -13.52 -21.18
C LEU B 127 12.64 -14.97 -20.68
N ASP B 128 12.31 -15.94 -21.53
CA ASP B 128 12.45 -17.34 -21.14
C ASP B 128 13.88 -17.65 -20.73
N ALA B 129 14.84 -17.19 -21.54
CA ALA B 129 16.25 -17.43 -21.26
C ALA B 129 16.66 -16.84 -19.91
N MET B 130 16.15 -15.64 -19.59
CA MET B 130 16.44 -15.09 -18.28
C MET B 130 15.86 -15.96 -17.17
N GLU B 131 14.61 -16.39 -17.33
CA GLU B 131 14.00 -17.23 -16.31
C GLU B 131 14.66 -18.59 -16.24
N GLN B 132 15.21 -19.06 -17.37
CA GLN B 132 16.00 -20.29 -17.34
C GLN B 132 17.25 -20.10 -16.50
N ALA B 133 17.95 -18.98 -16.69
CA ALA B 133 19.20 -18.74 -15.96
C ALA B 133 18.96 -18.44 -14.50
N GLY B 134 17.73 -18.11 -14.11
CA GLY B 134 17.42 -17.81 -12.73
C GLY B 134 18.10 -16.54 -12.28
N PRO B 135 17.54 -15.88 -11.27
CA PRO B 135 18.15 -14.65 -10.76
C PRO B 135 19.30 -14.97 -9.81
N PRO B 136 20.33 -14.11 -9.74
CA PRO B 136 20.47 -12.90 -10.58
C PRO B 136 21.05 -13.19 -11.98
N ALA B 137 20.90 -12.24 -12.91
CA ALA B 137 21.36 -12.43 -14.27
C ALA B 137 21.66 -11.08 -14.91
N ASP B 138 22.46 -11.11 -15.96
CA ASP B 138 22.84 -9.92 -16.68
C ASP B 138 21.75 -9.60 -17.72
N LEU B 139 21.01 -8.53 -17.47
CA LEU B 139 19.93 -8.16 -18.38
C LEU B 139 20.49 -7.78 -19.75
N ILE B 140 21.71 -7.24 -19.77
CA ILE B 140 22.29 -6.75 -21.01
C ILE B 140 22.74 -7.91 -21.88
N GLU B 141 23.42 -8.89 -21.30
CA GLU B 141 23.88 -10.00 -22.13
C GLU B 141 22.73 -10.86 -22.62
N LEU B 142 21.67 -10.99 -21.85
CA LEU B 142 20.63 -11.94 -22.20
C LEU B 142 19.42 -11.33 -22.88
N PHE B 143 19.18 -10.02 -22.73
CA PHE B 143 17.95 -9.42 -23.22
C PHE B 143 18.22 -8.22 -24.12
N ALA B 144 18.82 -7.15 -23.58
CA ALA B 144 19.01 -5.92 -24.33
C ALA B 144 19.89 -6.09 -25.56
N ASP B 145 20.91 -6.96 -25.47
CA ASP B 145 21.82 -7.16 -26.61
C ASP B 145 21.32 -8.21 -27.60
N GLU B 146 20.24 -8.93 -27.30
CA GLU B 146 19.75 -9.94 -28.22
C GLU B 146 18.51 -9.49 -28.99
N VAL B 147 17.59 -8.73 -28.37
CA VAL B 147 16.35 -8.37 -29.04
C VAL B 147 16.61 -7.59 -30.32
N PRO B 148 17.39 -6.50 -30.33
CA PRO B 148 17.43 -5.64 -31.54
C PRO B 148 17.85 -6.35 -32.82
N GLY B 149 18.86 -7.22 -32.77
CA GLY B 149 19.30 -7.90 -33.98
C GLY B 149 18.29 -8.91 -34.52
N ALA B 150 17.56 -9.58 -33.61
CA ALA B 150 16.49 -10.46 -34.05
C ALA B 150 15.30 -9.67 -34.62
N VAL B 151 15.02 -8.48 -34.08
CA VAL B 151 13.95 -7.67 -34.66
C VAL B 151 14.33 -7.22 -36.07
N LEU B 152 15.59 -6.79 -36.25
CA LEU B 152 16.05 -6.34 -37.56
C LEU B 152 16.04 -7.45 -38.59
N CYS B 153 16.43 -8.67 -38.18
CA CYS B 153 16.31 -9.81 -39.09
C CYS B 153 14.88 -9.98 -39.55
N GLU B 154 13.92 -9.83 -38.63
CA GLU B 154 12.52 -9.92 -38.99
C GLU B 154 12.14 -8.84 -39.99
N LEU B 155 12.63 -7.62 -39.79
CA LEU B 155 12.33 -6.52 -40.70
C LEU B 155 12.70 -6.87 -42.14
N ILE B 156 13.98 -7.15 -42.40
CA ILE B 156 14.44 -7.33 -43.78
C ILE B 156 14.16 -8.72 -44.35
N GLY B 157 13.70 -9.66 -43.52
CA GLY B 157 13.26 -10.96 -43.99
C GLY B 157 14.23 -12.12 -43.92
N VAL B 158 15.28 -12.04 -43.08
CA VAL B 158 16.18 -13.21 -43.01
C VAL B 158 15.40 -14.42 -42.52
N PRO B 159 15.58 -15.60 -43.13
CA PRO B 159 14.87 -16.79 -42.66
C PRO B 159 15.12 -17.04 -41.18
N ARG B 160 14.12 -17.64 -40.52
CA ARG B 160 14.18 -17.86 -39.08
C ARG B 160 15.37 -18.74 -38.69
N ASP B 161 15.69 -19.73 -39.52
CA ASP B 161 16.76 -20.66 -39.18
C ASP B 161 18.15 -20.07 -39.38
N ASP B 162 18.27 -19.00 -40.17
CA ASP B 162 19.56 -18.40 -40.48
C ASP B 162 19.91 -17.22 -39.58
N ARG B 163 19.09 -16.91 -38.57
CA ARG B 163 19.32 -15.73 -37.72
C ARG B 163 20.71 -15.75 -37.06
N ASP B 164 21.19 -16.93 -36.65
CA ASP B 164 22.47 -16.98 -35.95
C ASP B 164 23.65 -16.85 -36.91
N MET B 165 23.61 -17.55 -38.05
CA MET B 165 24.65 -17.37 -39.05
C MET B 165 24.69 -15.92 -39.56
N PHE B 166 23.51 -15.31 -39.72
CA PHE B 166 23.44 -13.94 -40.22
C PHE B 166 24.09 -12.97 -39.23
N MET B 167 23.66 -13.02 -37.96
CA MET B 167 24.28 -12.15 -36.96
C MET B 167 25.75 -12.48 -36.76
N LYS B 168 26.14 -13.74 -36.98
CA LYS B 168 27.56 -14.08 -36.94
C LYS B 168 28.33 -13.34 -38.03
N LEU B 169 27.79 -13.34 -39.27
CA LEU B 169 28.48 -12.64 -40.35
C LEU B 169 28.36 -11.11 -40.22
N CYS B 170 27.25 -10.61 -39.69
CA CYS B 170 27.07 -9.17 -39.62
C CYS B 170 28.07 -8.53 -38.67
N HIS B 171 28.19 -9.06 -37.44
CA HIS B 171 29.21 -8.57 -36.52
C HIS B 171 30.61 -9.00 -36.96
N GLY B 172 30.72 -10.17 -37.57
CA GLY B 172 32.04 -10.70 -37.88
C GLY B 172 32.85 -9.80 -38.81
N HIS B 173 32.22 -9.28 -39.86
CA HIS B 173 32.94 -8.43 -40.79
C HIS B 173 33.34 -7.08 -40.21
N LEU B 174 32.94 -6.79 -38.96
CA LEU B 174 33.21 -5.51 -38.32
C LEU B 174 33.90 -5.60 -36.96
N ASP B 175 34.14 -6.80 -36.43
CA ASP B 175 34.84 -6.93 -35.15
C ASP B 175 36.29 -6.53 -35.36
N ALA B 176 36.64 -5.31 -34.92
CA ALA B 176 37.99 -4.79 -35.15
C ALA B 176 39.07 -5.62 -34.48
N SER B 177 38.72 -6.46 -33.51
CA SER B 177 39.69 -7.39 -32.92
C SER B 177 40.20 -8.43 -33.92
N LEU B 178 39.55 -8.60 -35.06
CA LEU B 178 39.94 -9.59 -36.06
C LEU B 178 40.91 -8.99 -37.08
N SER B 179 41.71 -9.88 -37.68
CA SER B 179 42.68 -9.47 -38.69
C SER B 179 41.97 -9.05 -39.98
N GLN B 180 42.75 -8.43 -40.88
CA GLN B 180 42.22 -8.02 -42.18
C GLN B 180 41.81 -9.22 -43.02
N LYS B 181 42.50 -10.35 -42.88
CA LYS B 181 42.08 -11.56 -43.57
C LYS B 181 40.73 -12.05 -43.04
N ARG B 182 40.53 -11.98 -41.73
CA ARG B 182 39.30 -12.48 -41.14
C ARG B 182 38.10 -11.60 -41.48
N ARG B 183 38.20 -10.30 -41.19
CA ARG B 183 37.07 -9.39 -41.40
C ARG B 183 36.67 -9.34 -42.88
N ALA B 184 37.65 -9.37 -43.79
CA ALA B 184 37.33 -9.35 -45.22
C ALA B 184 36.71 -10.66 -45.68
N ALA B 185 37.12 -11.79 -45.10
CA ALA B 185 36.51 -13.06 -45.46
C ALA B 185 35.08 -13.14 -44.99
N LEU B 186 34.78 -12.60 -43.80
CA LEU B 186 33.41 -12.54 -43.33
C LEU B 186 32.62 -11.49 -44.08
N GLY B 187 33.28 -10.43 -44.56
CA GLY B 187 32.59 -9.43 -45.35
C GLY B 187 32.14 -9.96 -46.70
N ASP B 188 32.94 -10.83 -47.32
CA ASP B 188 32.54 -11.40 -48.59
C ASP B 188 31.37 -12.37 -48.44
N LYS B 189 31.38 -13.17 -47.37
CA LYS B 189 30.29 -14.12 -47.15
C LYS B 189 28.98 -13.42 -46.79
N PHE B 190 29.07 -12.32 -46.03
CA PHE B 190 27.88 -11.52 -45.71
C PHE B 190 27.20 -11.03 -46.98
N SER B 191 27.95 -10.33 -47.84
CA SER B 191 27.40 -9.77 -49.07
C SER B 191 26.95 -10.86 -50.03
N ARG B 192 27.45 -12.08 -49.89
CA ARG B 192 26.96 -13.17 -50.72
C ARG B 192 25.56 -13.60 -50.30
N TYR B 193 25.34 -13.80 -48.98
CA TYR B 193 24.02 -14.24 -48.50
C TYR B 193 22.95 -13.22 -48.89
N LEU B 194 23.27 -11.93 -48.76
CA LEU B 194 22.30 -10.88 -49.08
C LEU B 194 21.96 -10.87 -50.56
N LEU B 195 22.99 -10.87 -51.42
CA LEU B 195 22.77 -10.85 -52.87
C LEU B 195 21.94 -12.05 -53.32
N ALA B 196 22.16 -13.21 -52.71
CA ALA B 196 21.32 -14.37 -53.01
C ALA B 196 19.88 -14.12 -52.58
N MET B 197 19.69 -13.62 -51.36
CA MET B 197 18.34 -13.42 -50.86
C MET B 197 17.55 -12.43 -51.72
N ILE B 198 18.20 -11.34 -52.12
CA ILE B 198 17.54 -10.34 -52.95
C ILE B 198 17.16 -10.93 -54.29
N ALA B 199 18.08 -11.68 -54.92
CA ALA B 199 17.80 -12.28 -56.21
C ALA B 199 16.66 -13.30 -56.12
N ARG B 200 16.64 -14.08 -55.04
CA ARG B 200 15.52 -14.97 -54.81
C ARG B 200 14.22 -14.19 -54.65
N GLU B 201 14.26 -13.09 -53.90
CA GLU B 201 13.08 -12.27 -53.69
C GLU B 201 12.64 -11.55 -54.97
N ARG B 202 13.54 -11.33 -55.94
CA ARG B 202 13.12 -10.71 -57.17
C ARG B 202 12.23 -11.64 -57.98
N LYS B 203 12.71 -12.86 -58.23
CA LYS B 203 12.00 -13.80 -59.09
C LYS B 203 10.61 -14.16 -58.55
N ASP B 204 10.45 -14.22 -57.23
CA ASP B 204 9.17 -14.54 -56.62
C ASP B 204 9.01 -13.70 -55.37
N PRO B 205 8.43 -12.51 -55.49
CA PRO B 205 8.33 -11.59 -54.34
C PRO B 205 7.10 -11.92 -53.48
N GLY B 206 7.36 -12.29 -52.22
CA GLY B 206 6.30 -12.47 -51.27
C GLY B 206 5.88 -11.17 -50.62
N ASP B 207 5.65 -11.17 -49.30
CA ASP B 207 5.19 -10.00 -48.57
C ASP B 207 6.26 -9.42 -47.65
N GLY B 208 7.52 -9.78 -47.85
CA GLY B 208 8.59 -9.32 -46.98
C GLY B 208 9.09 -7.94 -47.38
N PHE B 209 10.21 -7.57 -46.75
CA PHE B 209 10.81 -6.26 -47.01
C PHE B 209 11.19 -6.07 -48.47
N ILE B 210 12.12 -6.89 -48.98
CA ILE B 210 12.51 -6.75 -50.38
C ILE B 210 11.32 -6.99 -51.30
N GLY B 211 10.55 -8.04 -51.02
CA GLY B 211 9.46 -8.41 -51.91
C GLY B 211 8.46 -7.29 -52.12
N SER B 212 8.04 -6.63 -51.04
CA SER B 212 7.11 -5.54 -51.21
C SER B 212 7.76 -4.39 -51.97
N ILE B 213 9.07 -4.23 -51.86
CA ILE B 213 9.75 -3.13 -52.53
C ILE B 213 9.90 -3.41 -54.02
N VAL B 214 10.38 -4.59 -54.40
CA VAL B 214 10.57 -4.87 -55.82
C VAL B 214 9.23 -5.03 -56.53
N ALA B 215 8.18 -5.42 -55.81
CA ALA B 215 6.87 -5.53 -56.45
C ALA B 215 6.35 -4.19 -56.92
N GLU B 216 6.91 -3.10 -56.42
CA GLU B 216 6.45 -1.76 -56.77
C GLU B 216 7.48 -0.92 -57.50
N HIS B 217 8.76 -1.24 -57.40
CA HIS B 217 9.81 -0.47 -58.04
C HIS B 217 10.84 -1.38 -58.71
N GLY B 218 10.41 -2.54 -59.23
CA GLY B 218 11.37 -3.57 -59.61
C GLY B 218 12.40 -3.13 -60.63
N ASP B 219 12.07 -2.19 -61.50
CA ASP B 219 12.99 -1.80 -62.55
C ASP B 219 13.91 -0.65 -62.16
N THR B 220 13.56 0.09 -61.12
CA THR B 220 14.25 1.32 -60.77
C THR B 220 15.35 1.16 -59.74
N ILE B 221 15.28 0.14 -58.88
CA ILE B 221 16.23 -0.03 -57.79
C ILE B 221 17.08 -1.27 -58.09
N THR B 222 18.40 -1.11 -57.98
CA THR B 222 19.33 -2.18 -58.30
C THR B 222 19.57 -3.07 -57.09
N ASP B 223 20.02 -4.30 -57.37
CA ASP B 223 20.35 -5.24 -56.29
C ASP B 223 21.50 -4.71 -55.44
N GLU B 224 22.49 -4.05 -56.06
CA GLU B 224 23.58 -3.48 -55.28
C GLU B 224 23.09 -2.42 -54.29
N GLU B 225 22.08 -1.64 -54.68
CA GLU B 225 21.47 -0.71 -53.73
C GLU B 225 20.73 -1.46 -52.62
N LEU B 226 19.99 -2.51 -52.98
CA LEU B 226 19.26 -3.27 -51.98
C LEU B 226 20.20 -3.97 -51.01
N ARG B 227 21.35 -4.46 -51.49
CA ARG B 227 22.33 -5.03 -50.58
C ARG B 227 22.82 -3.97 -49.61
N GLY B 228 23.29 -2.84 -50.15
CA GLY B 228 23.77 -1.77 -49.31
C GLY B 228 22.77 -1.31 -48.25
N VAL B 229 21.49 -1.25 -48.60
CA VAL B 229 20.48 -0.74 -47.67
C VAL B 229 20.27 -1.72 -46.52
N CYS B 230 20.19 -3.02 -46.83
CA CYS B 230 20.07 -4.04 -45.79
C CYS B 230 21.22 -3.98 -44.78
N VAL B 231 22.45 -3.82 -45.27
CA VAL B 231 23.60 -3.69 -44.37
C VAL B 231 23.42 -2.49 -43.45
N GLN B 232 23.11 -1.34 -44.04
CA GLN B 232 23.03 -0.11 -43.27
C GLN B 232 21.93 -0.18 -42.23
N LEU B 233 20.86 -0.92 -42.51
CA LEU B 233 19.79 -1.03 -41.52
C LEU B 233 20.27 -1.83 -40.31
N MET B 234 21.02 -2.91 -40.56
CA MET B 234 21.59 -3.68 -39.46
C MET B 234 22.45 -2.79 -38.57
N LEU B 235 23.31 -1.97 -39.19
CA LEU B 235 24.19 -1.10 -38.41
C LEU B 235 23.44 0.06 -37.78
N ALA B 236 22.31 0.47 -38.34
CA ALA B 236 21.60 1.63 -37.83
C ALA B 236 20.70 1.30 -36.64
N GLY B 237 20.17 0.09 -36.59
CA GLY B 237 19.08 -0.14 -35.66
C GLY B 237 19.39 -1.06 -34.52
N ASP B 238 20.68 -1.30 -34.27
CA ASP B 238 21.11 -2.27 -33.26
C ASP B 238 21.66 -1.56 -32.03
N ASP B 239 22.83 -0.93 -32.14
CA ASP B 239 23.45 -0.22 -31.02
C ASP B 239 22.50 0.79 -30.40
N ASN B 240 21.69 1.48 -31.20
CA ASN B 240 20.77 2.45 -30.64
C ASN B 240 19.73 1.76 -29.75
N VAL B 241 19.15 0.65 -30.23
CA VAL B 241 18.03 0.04 -29.54
C VAL B 241 18.51 -0.74 -28.33
N SER B 242 19.61 -1.48 -28.48
CA SER B 242 20.21 -2.16 -27.33
C SER B 242 20.58 -1.15 -26.25
N GLY B 243 21.11 0.01 -26.66
CA GLY B 243 21.35 1.08 -25.69
C GLY B 243 20.09 1.52 -24.97
N MET B 244 18.99 1.74 -25.72
CA MET B 244 17.76 2.24 -25.12
C MET B 244 17.20 1.27 -24.08
N ILE B 245 17.27 -0.04 -24.35
CA ILE B 245 16.65 -1.00 -23.46
C ILE B 245 17.35 -1.00 -22.09
N GLY B 246 18.69 -1.04 -22.10
CA GLY B 246 19.42 -1.01 -20.85
C GLY B 246 19.21 0.27 -20.06
N LEU B 247 19.48 1.42 -20.69
CA LEU B 247 19.30 2.68 -19.96
C LEU B 247 17.85 2.89 -19.59
N GLY B 248 16.93 2.38 -20.42
CA GLY B 248 15.52 2.56 -20.14
C GLY B 248 15.09 1.82 -18.87
N VAL B 249 15.51 0.55 -18.77
CA VAL B 249 15.23 -0.24 -17.56
C VAL B 249 15.85 0.41 -16.33
N LEU B 250 17.08 0.86 -16.43
CA LEU B 250 17.73 1.51 -15.30
C LEU B 250 17.05 2.84 -14.97
N ALA B 251 16.60 3.58 -16.00
CA ALA B 251 15.91 4.85 -15.72
C ALA B 251 14.65 4.62 -14.92
N LEU B 252 13.88 3.60 -15.26
CA LEU B 252 12.63 3.36 -14.54
C LEU B 252 12.88 2.86 -13.11
N LEU B 253 13.94 2.05 -12.90
CA LEU B 253 14.27 1.62 -11.54
C LEU B 253 14.70 2.80 -10.68
N ARG B 254 15.31 3.82 -11.27
CA ARG B 254 15.65 5.02 -10.51
C ARG B 254 14.47 5.96 -10.33
N HIS B 255 13.37 5.74 -11.04
CA HIS B 255 12.13 6.51 -10.89
C HIS B 255 11.00 5.51 -10.73
N PRO B 256 11.01 4.73 -9.63
CA PRO B 256 10.11 3.57 -9.52
C PRO B 256 8.63 3.92 -9.54
N GLU B 257 8.25 5.15 -9.20
CA GLU B 257 6.83 5.48 -9.32
C GLU B 257 6.41 5.65 -10.77
N GLN B 258 7.33 5.63 -11.72
CA GLN B 258 6.92 5.76 -13.12
C GLN B 258 6.83 4.42 -13.85
N ILE B 259 7.15 3.29 -13.19
CA ILE B 259 6.90 1.99 -13.81
C ILE B 259 5.42 1.78 -14.10
N ALA B 260 4.53 2.47 -13.38
CA ALA B 260 3.10 2.29 -13.55
C ALA B 260 2.63 2.62 -14.97
N ALA B 261 3.32 3.54 -15.66
CA ALA B 261 2.94 3.91 -17.03
C ALA B 261 3.05 2.73 -18.00
N LEU B 262 3.76 1.69 -17.62
CA LEU B 262 3.97 0.50 -18.43
C LEU B 262 3.02 -0.63 -18.07
N ARG B 263 1.99 -0.35 -17.28
CA ARG B 263 1.02 -1.33 -16.85
C ARG B 263 -0.40 -0.98 -17.27
N GLY B 264 -0.62 0.23 -17.78
CA GLY B 264 -1.93 0.64 -18.26
C GLY B 264 -2.16 0.22 -19.70
N ASP B 265 -2.71 1.14 -20.48
CA ASP B 265 -3.03 0.93 -21.88
C ASP B 265 -1.83 1.28 -22.77
N ASP B 266 -2.02 1.13 -24.09
CA ASP B 266 -0.93 1.40 -25.03
C ASP B 266 -0.64 2.89 -25.15
N GLN B 267 -1.63 3.74 -24.93
CA GLN B 267 -1.36 5.17 -24.98
C GLN B 267 -0.42 5.59 -23.86
N SER B 268 -0.71 5.16 -22.63
CA SER B 268 0.14 5.50 -21.49
C SER B 268 1.57 4.98 -21.70
N ALA B 269 1.70 3.78 -22.22
CA ALA B 269 3.00 3.19 -22.52
C ALA B 269 3.72 3.93 -23.63
N ASP B 270 3.00 4.33 -24.70
CA ASP B 270 3.64 5.03 -25.83
C ASP B 270 4.13 6.41 -25.42
N ARG B 271 3.37 7.11 -24.57
CA ARG B 271 3.85 8.38 -24.04
C ARG B 271 5.14 8.19 -23.27
N ALA B 272 5.22 7.11 -22.47
CA ALA B 272 6.40 6.85 -21.65
C ALA B 272 7.62 6.61 -22.50
N VAL B 273 7.52 5.71 -23.49
CA VAL B 273 8.65 5.38 -24.37
C VAL B 273 9.20 6.65 -25.05
N ASP B 274 8.32 7.52 -25.54
CA ASP B 274 8.83 8.70 -26.22
C ASP B 274 9.49 9.66 -25.24
N GLU B 275 9.01 9.71 -24.00
CA GLU B 275 9.72 10.48 -22.97
C GLU B 275 11.06 9.84 -22.64
N LEU B 276 11.13 8.51 -22.53
CA LEU B 276 12.41 7.86 -22.24
C LEU B 276 13.41 8.10 -23.37
N ILE B 277 12.94 8.02 -24.64
CA ILE B 277 13.78 8.37 -25.80
C ILE B 277 14.30 9.80 -25.67
N ARG B 278 13.42 10.74 -25.31
CA ARG B 278 13.88 12.13 -25.22
C ARG B 278 14.86 12.32 -24.06
N TYR B 279 14.56 11.73 -22.89
CA TYR B 279 15.38 11.94 -21.70
C TYR B 279 16.76 11.33 -21.87
N LEU B 280 16.84 10.13 -22.46
CA LEU B 280 18.10 9.40 -22.57
C LEU B 280 18.90 9.80 -23.80
N THR B 281 18.23 10.10 -24.93
CA THR B 281 18.85 10.51 -26.21
C THR B 281 20.16 9.77 -26.47
N VAL B 282 20.08 8.47 -26.77
CA VAL B 282 21.31 7.66 -26.83
C VAL B 282 22.32 8.10 -27.89
N PRO B 283 21.93 8.59 -29.08
CA PRO B 283 22.98 8.98 -30.04
C PRO B 283 23.57 10.34 -29.68
N TYR B 284 24.89 10.44 -29.71
CA TYR B 284 25.55 11.68 -29.33
C TYR B 284 25.39 12.76 -30.39
N ALA B 285 25.38 12.37 -31.67
CA ALA B 285 25.35 13.33 -32.76
C ALA B 285 24.77 12.67 -34.01
N PRO B 286 24.07 13.40 -34.84
CA PRO B 286 23.74 12.88 -36.17
C PRO B 286 24.93 12.98 -37.11
N THR B 287 24.69 12.73 -38.40
CA THR B 287 25.73 12.84 -39.40
C THR B 287 26.28 14.26 -39.40
N PRO B 288 27.61 14.43 -39.46
CA PRO B 288 28.18 15.77 -39.59
C PRO B 288 27.62 16.48 -40.82
N ARG B 289 27.30 17.76 -40.65
CA ARG B 289 26.84 18.57 -41.76
C ARG B 289 27.96 19.48 -42.26
N THR B 290 27.94 19.77 -43.57
CA THR B 290 28.88 20.68 -44.21
C THR B 290 28.11 21.81 -44.86
N ALA B 291 28.53 23.04 -44.60
CA ALA B 291 27.84 24.19 -45.17
C ALA B 291 28.15 24.27 -46.66
N VAL B 292 27.11 24.24 -47.49
CA VAL B 292 27.31 24.35 -48.93
C VAL B 292 27.61 25.79 -49.36
N GLU B 293 27.26 26.77 -48.52
CA GLU B 293 27.50 28.18 -48.79
C GLU B 293 27.61 28.89 -47.45
N ASP B 294 27.98 30.17 -47.48
CA ASP B 294 27.97 30.98 -46.26
C ASP B 294 26.55 31.08 -45.74
N VAL B 295 26.35 30.80 -44.45
CA VAL B 295 25.01 30.72 -43.89
C VAL B 295 24.99 31.34 -42.48
N MET B 296 23.89 32.02 -42.17
CA MET B 296 23.68 32.62 -40.86
C MET B 296 22.99 31.63 -39.93
N VAL B 297 23.59 31.37 -38.77
CA VAL B 297 23.04 30.48 -37.75
C VAL B 297 23.29 31.14 -36.40
N ALA B 298 22.22 31.40 -35.64
CA ALA B 298 22.31 31.98 -34.30
C ALA B 298 23.23 33.21 -34.25
N ASP B 299 23.03 34.13 -35.19
CA ASP B 299 23.77 35.39 -35.23
C ASP B 299 25.27 35.19 -35.43
N GLN B 300 25.68 34.03 -35.93
CA GLN B 300 27.06 33.80 -36.31
C GLN B 300 27.09 33.13 -37.66
N VAL B 301 28.06 33.51 -38.48
CA VAL B 301 28.15 33.05 -39.85
C VAL B 301 29.02 31.80 -39.92
N ILE B 302 28.50 30.77 -40.59
CA ILE B 302 29.22 29.55 -40.89
C ILE B 302 29.65 29.61 -42.35
N LYS B 303 30.97 29.69 -42.59
CA LYS B 303 31.46 29.81 -43.94
C LYS B 303 31.34 28.46 -44.66
N GLU B 304 31.28 28.53 -46.00
CA GLU B 304 31.14 27.31 -46.80
C GLU B 304 32.30 26.36 -46.60
N GLY B 305 32.00 25.06 -46.60
CA GLY B 305 32.98 24.03 -46.40
C GLY B 305 33.30 23.71 -44.95
N GLU B 306 32.87 24.54 -44.01
CA GLU B 306 33.07 24.27 -42.59
C GLU B 306 32.04 23.24 -42.10
N THR B 307 32.43 22.50 -41.06
CA THR B 307 31.61 21.42 -40.53
C THR B 307 30.88 21.84 -39.26
N VAL B 308 29.70 21.26 -39.06
CA VAL B 308 28.81 21.54 -37.93
C VAL B 308 28.43 20.20 -37.30
N LEU B 309 28.73 20.05 -36.01
CA LEU B 309 28.29 18.89 -35.23
C LEU B 309 27.08 19.25 -34.37
N CYS B 310 26.08 18.39 -34.35
CA CYS B 310 24.88 18.62 -33.55
C CYS B 310 24.88 17.73 -32.32
N SER B 311 24.71 18.34 -31.14
CA SER B 311 24.54 17.60 -29.89
C SER B 311 23.05 17.37 -29.66
N LEU B 312 22.57 16.19 -30.05
CA LEU B 312 21.17 15.86 -29.76
C LEU B 312 20.85 15.83 -28.26
N PRO B 313 21.68 15.28 -27.37
CA PRO B 313 21.32 15.32 -25.95
C PRO B 313 21.18 16.74 -25.40
N MET B 314 22.06 17.68 -25.77
CA MET B 314 21.87 19.04 -25.29
C MET B 314 20.60 19.68 -25.83
N ALA B 315 20.29 19.43 -27.12
CA ALA B 315 19.07 19.98 -27.71
C ALA B 315 17.82 19.46 -26.99
N ASN B 316 17.82 18.18 -26.61
CA ASN B 316 16.65 17.61 -25.98
C ASN B 316 16.54 17.96 -24.49
N ARG B 317 17.52 18.69 -23.93
CA ARG B 317 17.42 19.31 -22.61
C ARG B 317 17.23 20.83 -22.67
N ASP B 318 17.13 21.42 -23.86
CA ASP B 318 16.93 22.86 -24.01
C ASP B 318 15.60 23.30 -23.38
N ARG B 319 15.63 24.42 -22.65
CA ARG B 319 14.41 24.97 -22.09
C ARG B 319 13.41 25.40 -23.15
N ALA B 320 13.85 25.56 -24.41
CA ALA B 320 12.91 25.93 -25.47
C ALA B 320 12.03 24.75 -25.87
N LEU B 321 12.54 23.53 -25.78
CA LEU B 321 11.72 22.36 -26.05
C LEU B 321 10.69 22.15 -24.97
N LEU B 322 11.08 22.31 -23.68
CA LEU B 322 10.11 22.06 -22.60
C LEU B 322 10.62 22.50 -21.22
N PRO B 323 9.72 22.90 -20.32
CA PRO B 323 10.15 23.23 -18.96
C PRO B 323 10.63 21.98 -18.23
N ASP B 324 11.62 22.18 -17.36
CA ASP B 324 12.32 21.11 -16.61
C ASP B 324 12.63 19.89 -17.48
N ALA B 325 13.37 20.14 -18.56
CA ALA B 325 13.83 19.07 -19.43
C ALA B 325 14.74 18.08 -18.69
N ASP B 326 15.40 18.52 -17.63
CA ASP B 326 16.32 17.62 -16.96
C ASP B 326 15.62 16.62 -16.04
N ARG B 327 14.30 16.65 -15.99
CA ARG B 327 13.52 15.69 -15.20
C ARG B 327 12.84 14.72 -16.14
N LEU B 328 12.70 13.46 -15.69
CA LEU B 328 11.97 12.43 -16.43
C LEU B 328 10.51 12.39 -15.96
N ASP B 329 9.57 12.38 -16.91
CA ASP B 329 8.14 12.41 -16.59
C ASP B 329 7.38 11.70 -17.73
N VAL B 330 7.13 10.40 -17.54
CA VAL B 330 6.45 9.58 -18.55
C VAL B 330 4.97 9.91 -18.73
N THR B 331 4.40 10.76 -17.89
CA THR B 331 3.00 11.12 -18.10
C THR B 331 2.88 12.32 -19.03
N ARG B 332 3.99 12.92 -19.42
CA ARG B 332 3.85 14.17 -20.13
C ARG B 332 3.57 13.94 -21.62
N THR B 333 2.95 14.95 -22.27
CA THR B 333 2.56 14.89 -23.69
C THR B 333 3.80 15.07 -24.57
N PRO B 334 4.00 14.24 -25.59
CA PRO B 334 5.23 14.32 -26.40
C PRO B 334 5.50 15.71 -26.95
N VAL B 335 6.79 15.99 -27.16
CA VAL B 335 7.25 17.27 -27.70
C VAL B 335 8.08 16.96 -28.93
N PRO B 336 8.41 17.95 -29.78
CA PRO B 336 9.19 17.64 -31.00
C PRO B 336 10.68 17.48 -30.72
N HIS B 337 11.05 16.42 -30.00
CA HIS B 337 12.44 16.16 -29.68
C HIS B 337 13.26 15.75 -30.93
N VAL B 338 14.58 15.83 -30.82
CA VAL B 338 15.42 15.53 -31.96
C VAL B 338 16.18 14.20 -31.81
N ALA B 339 15.79 13.32 -30.87
CA ALA B 339 16.55 12.06 -30.73
C ALA B 339 16.47 11.19 -31.97
N PHE B 340 15.44 11.36 -32.79
CA PHE B 340 15.33 10.70 -34.08
C PHE B 340 15.70 11.63 -35.24
N GLY B 341 16.25 12.82 -34.98
CA GLY B 341 16.51 13.77 -36.06
C GLY B 341 15.29 14.63 -36.44
N HIS B 342 15.37 15.23 -37.62
CA HIS B 342 14.37 16.18 -38.07
C HIS B 342 14.49 16.40 -39.57
N GLY B 343 13.35 16.50 -40.26
CA GLY B 343 13.36 16.76 -41.69
C GLY B 343 13.45 15.52 -42.58
N ILE B 344 14.20 15.62 -43.67
CA ILE B 344 14.22 14.57 -44.69
C ILE B 344 14.90 13.31 -44.17
N HIS B 345 15.91 13.46 -43.32
CA HIS B 345 16.66 12.32 -42.81
C HIS B 345 16.09 11.74 -41.50
N HIS B 346 14.90 12.19 -41.08
CA HIS B 346 14.23 11.63 -39.91
C HIS B 346 14.31 10.11 -39.86
N CYS B 347 14.71 9.57 -38.70
CA CYS B 347 15.01 8.16 -38.57
C CYS B 347 13.93 7.31 -39.23
N LEU B 348 14.32 6.55 -40.24
CA LEU B 348 13.35 5.70 -40.91
C LEU B 348 12.87 4.58 -39.98
N GLY B 349 13.65 4.25 -38.94
CA GLY B 349 13.26 3.23 -37.97
C GLY B 349 12.42 3.70 -36.78
N ALA B 350 11.96 4.97 -36.74
CA ALA B 350 11.24 5.49 -35.59
C ALA B 350 10.08 4.61 -35.18
N ALA B 351 9.14 4.35 -36.09
CA ALA B 351 8.00 3.52 -35.74
C ALA B 351 8.43 2.13 -35.26
N LEU B 352 9.47 1.56 -35.88
CA LEU B 352 9.95 0.27 -35.42
C LEU B 352 10.53 0.34 -33.99
N THR B 353 11.26 1.41 -33.67
CA THR B 353 11.82 1.56 -32.33
C THR B 353 10.74 1.73 -31.27
N ARG B 354 9.74 2.58 -31.56
CA ARG B 354 8.65 2.79 -30.62
C ARG B 354 7.88 1.50 -30.37
N LEU B 355 7.57 0.76 -31.43
CA LEU B 355 6.87 -0.51 -31.26
C LEU B 355 7.65 -1.50 -30.36
N GLN B 356 8.93 -1.77 -30.67
CA GLN B 356 9.62 -2.85 -29.95
C GLN B 356 9.97 -2.43 -28.50
N LEU B 357 10.24 -1.13 -28.25
CA LEU B 357 10.46 -0.66 -26.88
C LEU B 357 9.18 -0.75 -26.04
N ARG B 358 8.02 -0.51 -26.66
CA ARG B 358 6.77 -0.71 -25.94
C ARG B 358 6.56 -2.17 -25.59
N ILE B 359 6.85 -3.08 -26.52
CA ILE B 359 6.70 -4.50 -26.25
C ILE B 359 7.73 -4.99 -25.21
N ALA B 360 8.97 -4.49 -25.28
CA ALA B 360 10.01 -5.02 -24.41
C ALA B 360 9.78 -4.60 -22.96
N TYR B 361 9.74 -3.29 -22.70
CA TYR B 361 9.54 -2.79 -21.35
C TYR B 361 8.28 -3.39 -20.72
N THR B 362 7.16 -3.37 -21.47
CA THR B 362 5.91 -3.94 -20.97
C THR B 362 6.07 -5.42 -20.63
N ALA B 363 6.66 -6.19 -21.54
CA ALA B 363 6.78 -7.62 -21.26
C ALA B 363 7.71 -7.90 -20.06
N LEU B 364 8.70 -7.04 -19.84
CA LEU B 364 9.70 -7.25 -18.80
C LEU B 364 9.10 -7.14 -17.40
N TRP B 365 8.33 -6.09 -17.15
CA TRP B 365 7.65 -5.95 -15.87
C TRP B 365 6.43 -6.84 -15.75
N ARG B 366 5.91 -7.38 -16.86
CA ARG B 366 4.86 -8.38 -16.76
C ARG B 366 5.42 -9.73 -16.33
N ARG B 367 6.59 -10.11 -16.84
CA ARG B 367 7.16 -11.38 -16.45
C ARG B 367 7.87 -11.28 -15.09
N PHE B 368 8.52 -10.14 -14.82
CA PHE B 368 9.29 -9.92 -13.59
C PHE B 368 8.82 -8.64 -12.91
N PRO B 369 7.62 -8.62 -12.29
CA PRO B 369 7.16 -7.38 -11.63
C PRO B 369 8.10 -6.87 -10.55
N ALA B 370 8.83 -7.75 -9.87
CA ALA B 370 9.70 -7.35 -8.77
C ALA B 370 11.16 -7.14 -9.21
N LEU B 371 11.38 -6.88 -10.50
CA LEU B 371 12.71 -6.58 -11.00
C LEU B 371 13.39 -5.50 -10.17
N GLN B 372 14.67 -5.68 -9.91
CA GLN B 372 15.44 -4.74 -9.12
C GLN B 372 16.90 -5.00 -9.40
N LEU B 373 17.74 -4.01 -9.10
CA LEU B 373 19.17 -4.23 -9.05
C LEU B 373 19.45 -5.41 -8.11
N ALA B 374 20.34 -6.31 -8.52
CA ALA B 374 20.67 -7.46 -7.68
C ALA B 374 21.25 -7.01 -6.34
N ASP B 375 22.07 -5.98 -6.37
CA ASP B 375 22.61 -5.35 -5.19
C ASP B 375 22.67 -3.86 -5.46
N PRO B 376 22.03 -3.04 -4.62
CA PRO B 376 21.96 -1.61 -4.92
C PRO B 376 23.30 -0.91 -4.84
N ALA B 377 24.35 -1.55 -4.35
CA ALA B 377 25.64 -0.87 -4.31
C ALA B 377 26.45 -1.10 -5.57
N GLN B 378 26.04 -2.04 -6.42
CA GLN B 378 26.84 -2.40 -7.58
C GLN B 378 27.16 -1.17 -8.42
N GLU B 379 28.31 -1.20 -9.09
CA GLU B 379 28.65 -0.12 -9.99
C GLU B 379 27.78 -0.16 -11.25
N ILE B 380 27.40 1.01 -11.73
CA ILE B 380 26.72 1.10 -13.02
C ILE B 380 27.78 1.16 -14.11
N MET B 381 27.65 0.26 -15.09
CA MET B 381 28.66 0.02 -16.12
C MET B 381 28.17 0.63 -17.45
N PHE B 382 28.58 1.86 -17.72
CA PHE B 382 28.14 2.56 -18.92
C PHE B 382 28.91 2.17 -20.17
N ARG B 383 28.18 1.94 -21.25
CA ARG B 383 28.79 1.80 -22.57
C ARG B 383 29.19 3.16 -23.08
N THR B 384 30.47 3.38 -23.28
CA THR B 384 30.97 4.68 -23.72
C THR B 384 31.79 4.63 -25.02
N SER B 385 31.99 3.45 -25.61
CA SER B 385 32.86 3.36 -26.76
C SER B 385 32.11 3.45 -28.09
N THR B 386 30.79 3.32 -28.08
CA THR B 386 30.02 3.19 -29.31
C THR B 386 29.41 4.51 -29.76
N PRO B 387 28.74 4.57 -30.91
CA PRO B 387 28.01 5.80 -31.25
C PRO B 387 26.75 6.02 -30.43
N ALA B 388 26.29 5.03 -29.68
CA ALA B 388 25.07 5.16 -28.88
C ALA B 388 25.36 4.86 -27.41
N TYR B 389 24.94 5.76 -26.52
CA TYR B 389 25.05 5.53 -25.08
C TYR B 389 24.24 4.30 -24.65
N GLY B 390 24.73 3.62 -23.61
CA GLY B 390 24.12 2.39 -23.10
C GLY B 390 24.85 1.82 -21.89
N LEU B 391 24.55 0.56 -21.57
CA LEU B 391 25.23 -0.18 -20.51
C LEU B 391 25.88 -1.41 -21.11
N THR B 392 27.07 -1.78 -20.62
CA THR B 392 27.68 -3.04 -21.02
C THR B 392 27.15 -4.23 -20.22
N SER B 393 26.64 -4.02 -19.02
CA SER B 393 26.07 -5.11 -18.22
C SER B 393 25.14 -4.53 -17.18
N LEU B 394 24.18 -5.34 -16.73
CA LEU B 394 23.25 -4.91 -15.67
C LEU B 394 22.70 -6.14 -14.96
N LEU B 395 23.29 -6.43 -13.79
CA LEU B 395 22.85 -7.52 -12.95
C LEU B 395 21.56 -7.17 -12.22
N VAL B 396 20.53 -8.02 -12.38
CA VAL B 396 19.21 -7.77 -11.81
C VAL B 396 18.72 -9.02 -11.13
N ALA B 397 17.73 -8.85 -10.24
CA ALA B 397 17.03 -9.98 -9.63
C ALA B 397 15.53 -9.71 -9.73
N TRP B 398 14.72 -10.73 -9.38
CA TRP B 398 13.27 -10.62 -9.48
C TRP B 398 12.58 -11.71 -8.68
N PRO C 7 -25.99 -2.38 -30.34
CA PRO C 7 -25.72 -2.04 -28.95
C PRO C 7 -25.70 -3.27 -28.03
N PRO C 8 -24.80 -3.31 -27.05
CA PRO C 8 -24.76 -4.46 -26.14
C PRO C 8 -26.12 -4.66 -25.46
N ILE C 9 -26.51 -5.92 -25.34
CA ILE C 9 -27.87 -6.27 -24.92
C ILE C 9 -28.19 -5.76 -23.51
N HIS C 10 -27.19 -5.59 -22.64
CA HIS C 10 -27.47 -5.10 -21.30
C HIS C 10 -27.70 -3.60 -21.24
N THR C 11 -27.57 -2.89 -22.35
CA THR C 11 -27.80 -1.45 -22.35
C THR C 11 -29.08 -1.07 -23.10
N ARG C 12 -29.89 -2.06 -23.45
CA ARG C 12 -31.11 -1.78 -24.21
C ARG C 12 -32.26 -1.47 -23.26
N ARG C 13 -32.89 -0.33 -23.49
CA ARG C 13 -34.07 0.07 -22.75
C ARG C 13 -35.24 0.19 -23.72
N GLN C 14 -36.44 0.12 -23.16
CA GLN C 14 -37.70 0.33 -23.87
C GLN C 14 -38.52 1.26 -22.98
N GLY C 15 -38.47 2.56 -23.25
CA GLY C 15 -39.01 3.50 -22.30
C GLY C 15 -38.26 3.43 -20.97
N PHE C 16 -39.00 3.24 -19.88
CA PHE C 16 -38.42 3.13 -18.54
C PHE C 16 -37.91 1.73 -18.20
N ASP C 17 -38.22 0.72 -19.02
CA ASP C 17 -38.08 -0.70 -18.74
C ASP C 17 -36.87 -1.30 -19.42
N PRO C 18 -36.34 -2.41 -18.90
CA PRO C 18 -35.37 -3.18 -19.68
C PRO C 18 -36.03 -3.68 -20.95
N ALA C 19 -35.28 -3.69 -22.04
CA ALA C 19 -35.82 -4.08 -23.33
C ALA C 19 -36.24 -5.54 -23.31
N ASP C 20 -37.02 -5.91 -24.32
CA ASP C 20 -37.52 -7.27 -24.38
C ASP C 20 -36.38 -8.29 -24.45
N GLU C 21 -35.41 -8.07 -25.35
CA GLU C 21 -34.33 -9.03 -25.51
C GLU C 21 -33.43 -9.10 -24.28
N LEU C 22 -33.39 -8.06 -23.44
CA LEU C 22 -32.68 -8.14 -22.18
C LEU C 22 -33.45 -8.98 -21.16
N ARG C 23 -34.76 -8.74 -21.03
CA ARG C 23 -35.58 -9.58 -20.16
C ARG C 23 -35.51 -11.06 -20.55
N ALA C 24 -35.41 -11.36 -21.84
CA ALA C 24 -35.49 -12.75 -22.28
C ALA C 24 -34.26 -13.57 -21.91
N ALA C 25 -33.16 -12.91 -21.56
CA ALA C 25 -31.96 -13.64 -21.14
C ALA C 25 -32.15 -14.18 -19.72
N GLY C 26 -31.53 -15.32 -19.46
CA GLY C 26 -31.72 -15.98 -18.19
C GLY C 26 -31.16 -15.20 -17.02
N THR C 27 -31.22 -15.87 -15.86
CA THR C 27 -30.64 -15.33 -14.65
C THR C 27 -29.13 -15.16 -14.81
N LEU C 28 -28.49 -16.15 -15.43
CA LEU C 28 -27.04 -16.15 -15.66
C LEU C 28 -26.80 -16.80 -17.01
N THR C 29 -26.26 -16.04 -17.96
CA THR C 29 -25.97 -16.52 -19.30
C THR C 29 -24.65 -15.95 -19.76
N LYS C 30 -24.12 -16.53 -20.82
CA LYS C 30 -22.92 -16.05 -21.48
C LYS C 30 -23.36 -15.22 -22.68
N ILE C 31 -22.98 -13.94 -22.69
CA ILE C 31 -23.17 -13.06 -23.83
C ILE C 31 -21.81 -12.76 -24.46
N SER C 32 -21.85 -12.09 -25.60
CA SER C 32 -20.64 -11.69 -26.32
C SER C 32 -20.52 -10.16 -26.36
N ILE C 33 -19.31 -9.69 -26.60
CA ILE C 33 -19.04 -8.26 -26.57
C ILE C 33 -17.95 -7.88 -27.57
N THR C 41 -16.40 -12.00 -24.76
CA THR C 41 -17.37 -12.80 -24.02
C THR C 41 -17.33 -12.52 -22.51
N THR C 42 -18.46 -12.74 -21.83
CA THR C 42 -18.66 -12.35 -20.44
C THR C 42 -19.95 -12.98 -19.91
N TRP C 43 -19.97 -13.31 -18.63
CA TRP C 43 -21.23 -13.72 -18.01
C TRP C 43 -22.09 -12.50 -17.73
N LEU C 44 -23.38 -12.61 -18.03
CA LEU C 44 -24.37 -11.60 -17.67
C LEU C 44 -25.20 -12.14 -16.51
N ALA C 45 -25.21 -11.40 -15.42
CA ALA C 45 -25.94 -11.80 -14.22
C ALA C 45 -27.14 -10.87 -14.09
N ALA C 46 -28.33 -11.46 -14.05
CA ALA C 46 -29.56 -10.69 -14.16
C ALA C 46 -30.55 -10.94 -13.04
N GLY C 47 -30.41 -12.00 -12.27
CA GLY C 47 -31.22 -12.16 -11.09
C GLY C 47 -30.72 -11.30 -9.93
N HIS C 48 -31.64 -11.01 -9.01
CA HIS C 48 -31.27 -10.20 -7.84
C HIS C 48 -30.32 -10.95 -6.91
N ALA C 49 -30.65 -12.20 -6.58
CA ALA C 49 -29.81 -12.97 -5.66
C ALA C 49 -28.39 -13.12 -6.22
N VAL C 50 -28.27 -13.52 -7.48
CA VAL C 50 -26.97 -13.78 -8.11
C VAL C 50 -26.14 -12.50 -8.20
N VAL C 51 -26.77 -11.37 -8.49
CA VAL C 51 -26.05 -10.11 -8.60
C VAL C 51 -25.56 -9.64 -7.22
N ARG C 52 -26.38 -9.78 -6.18
CA ARG C 52 -25.87 -9.43 -4.85
C ARG C 52 -24.64 -10.25 -4.51
N GLN C 53 -24.64 -11.55 -4.88
CA GLN C 53 -23.51 -12.43 -4.60
C GLN C 53 -22.24 -11.95 -5.31
N VAL C 54 -22.34 -11.61 -6.59
CA VAL C 54 -21.18 -11.17 -7.35
C VAL C 54 -20.62 -9.86 -6.79
N LEU C 55 -21.51 -8.92 -6.43
CA LEU C 55 -21.04 -7.60 -6.00
C LEU C 55 -20.42 -7.64 -4.61
N GLY C 56 -20.84 -8.56 -3.76
CA GLY C 56 -20.42 -8.53 -2.37
C GLY C 56 -19.25 -9.45 -2.03
N ASP C 57 -19.19 -10.63 -2.66
CA ASP C 57 -18.18 -11.65 -2.36
C ASP C 57 -16.85 -11.27 -3.00
N HIS C 58 -16.20 -10.25 -2.43
CA HIS C 58 -14.89 -9.84 -2.91
C HIS C 58 -13.81 -10.89 -2.67
N GLN C 59 -14.14 -11.95 -1.93
CA GLN C 59 -13.19 -13.02 -1.74
C GLN C 59 -13.05 -13.86 -2.99
N GLN C 60 -14.11 -13.92 -3.81
CA GLN C 60 -14.10 -14.70 -5.04
C GLN C 60 -14.22 -13.85 -6.31
N PHE C 61 -14.48 -12.55 -6.19
CA PHE C 61 -14.61 -11.67 -7.35
C PHE C 61 -13.81 -10.39 -7.11
N SER C 62 -12.94 -10.07 -8.04
CA SER C 62 -12.11 -8.88 -8.00
C SER C 62 -12.62 -7.85 -8.99
N THR C 63 -12.44 -6.59 -8.64
CA THR C 63 -12.88 -5.47 -9.42
C THR C 63 -11.75 -4.79 -10.19
N ARG C 64 -10.51 -5.24 -10.03
CA ARG C 64 -9.39 -4.52 -10.58
C ARG C 64 -9.31 -4.67 -12.11
N ARG C 65 -8.85 -3.62 -12.76
CA ARG C 65 -8.71 -3.62 -14.21
C ARG C 65 -7.54 -4.51 -14.62
N ARG C 66 -7.81 -5.44 -15.53
CA ARG C 66 -6.76 -6.26 -16.13
C ARG C 66 -6.63 -5.92 -17.61
N TRP C 67 -5.41 -6.01 -18.12
CA TRP C 67 -5.15 -5.68 -19.52
C TRP C 67 -4.67 -6.90 -20.33
N ILE C 73 2.22 -7.35 -7.84
CA ILE C 73 2.68 -8.05 -9.03
C ILE C 73 1.63 -8.03 -10.13
N GLY C 74 0.66 -7.12 -10.01
CA GLY C 74 -0.40 -7.03 -11.00
C GLY C 74 -1.09 -5.69 -11.09
N GLY C 75 -0.32 -4.61 -11.00
CA GLY C 75 -0.90 -3.28 -11.11
C GLY C 75 -1.58 -2.76 -9.86
N LYS C 76 -1.15 -3.21 -8.68
CA LYS C 76 -1.62 -2.66 -7.41
C LYS C 76 -0.53 -1.79 -6.83
N GLY C 77 -0.91 -0.98 -5.85
CA GLY C 77 0.10 -0.26 -5.08
C GLY C 77 0.83 0.78 -5.90
N ILE C 78 2.17 0.76 -5.80
CA ILE C 78 3.01 1.71 -6.51
C ILE C 78 2.85 1.56 -8.01
N PHE C 79 2.44 0.36 -8.48
CA PHE C 79 2.28 0.06 -9.89
C PHE C 79 0.86 0.35 -10.40
N ARG C 80 0.07 1.18 -9.72
CA ARG C 80 -1.22 1.35 -10.36
C ARG C 80 -1.19 2.57 -11.29
N PRO C 81 -1.74 2.43 -12.49
CA PRO C 81 -1.72 3.56 -13.45
C PRO C 81 -2.39 4.80 -12.88
N ARG C 82 -1.81 5.96 -13.19
CA ARG C 82 -2.26 7.23 -12.62
C ARG C 82 -3.76 7.47 -12.86
N GLU C 83 -4.27 7.03 -14.00
CA GLU C 83 -5.67 7.15 -14.39
C GLU C 83 -6.62 6.38 -13.46
N LEU C 84 -6.11 5.48 -12.63
CA LEU C 84 -6.95 4.70 -11.74
C LEU C 84 -6.70 4.99 -10.26
N VAL C 85 -5.70 5.82 -9.94
CA VAL C 85 -5.39 6.16 -8.56
C VAL C 85 -6.54 6.98 -7.98
N GLY C 86 -7.10 6.50 -6.88
CA GLY C 86 -8.21 7.17 -6.26
C GLY C 86 -9.55 6.73 -6.76
N ASN C 87 -9.58 5.75 -7.65
CA ASN C 87 -10.83 5.22 -8.19
C ASN C 87 -11.07 3.96 -7.40
N LEU C 88 -11.86 4.08 -6.34
CA LEU C 88 -12.08 2.97 -5.40
C LEU C 88 -12.59 1.74 -6.10
N MET C 89 -13.22 1.89 -7.28
CA MET C 89 -13.76 0.73 -7.94
C MET C 89 -12.65 -0.17 -8.51
N ASP C 90 -11.44 0.35 -8.69
CA ASP C 90 -10.30 -0.44 -9.15
C ASP C 90 -9.46 -1.05 -8.00
N TYR C 91 -9.92 -0.95 -6.75
CA TYR C 91 -9.19 -1.45 -5.59
C TYR C 91 -9.92 -2.66 -5.02
N ASP C 92 -9.15 -3.71 -4.67
CA ASP C 92 -9.65 -4.80 -3.85
C ASP C 92 -9.23 -4.57 -2.41
N PRO C 93 -9.87 -5.22 -1.45
CA PRO C 93 -9.31 -5.28 -0.09
C PRO C 93 -7.96 -5.96 -0.12
N PRO C 94 -6.99 -5.52 0.70
CA PRO C 94 -7.07 -4.46 1.71
C PRO C 94 -6.75 -3.03 1.20
N GLU C 95 -6.31 -2.88 -0.04
CA GLU C 95 -6.09 -1.53 -0.57
C GLU C 95 -7.40 -0.74 -0.63
N HIS C 96 -8.50 -1.39 -1.02
CA HIS C 96 -9.79 -0.70 -1.00
C HIS C 96 -10.10 -0.24 0.41
N THR C 97 -9.88 -1.12 1.39
CA THR C 97 -10.23 -0.88 2.78
C THR C 97 -9.49 0.34 3.33
N ARG C 98 -8.20 0.47 3.02
CA ARG C 98 -7.45 1.63 3.49
C ARG C 98 -8.04 2.93 2.95
N LEU C 99 -8.15 3.06 1.61
CA LEU C 99 -8.50 4.36 1.04
C LEU C 99 -9.92 4.76 1.41
N ARG C 100 -10.85 3.80 1.44
CA ARG C 100 -12.22 4.14 1.81
C ARG C 100 -12.31 4.53 3.28
N HIS C 101 -11.57 3.83 4.17
CA HIS C 101 -11.53 4.29 5.55
C HIS C 101 -11.06 5.75 5.62
N LEU C 102 -10.02 6.08 4.87
CA LEU C 102 -9.43 7.42 4.94
C LEU C 102 -10.33 8.50 4.35
N LEU C 103 -11.20 8.18 3.39
CA LEU C 103 -12.10 9.20 2.87
C LEU C 103 -13.35 9.39 3.73
N THR C 104 -13.59 8.51 4.70
CA THR C 104 -14.83 8.58 5.46
C THR C 104 -15.05 9.90 6.22
N PRO C 105 -14.03 10.58 6.77
CA PRO C 105 -14.31 11.88 7.41
C PRO C 105 -15.00 12.91 6.53
N GLY C 106 -14.86 12.81 5.20
CA GLY C 106 -15.50 13.78 4.34
C GLY C 106 -16.93 13.50 3.95
N PHE C 107 -17.50 12.40 4.42
CA PHE C 107 -18.85 12.00 4.05
C PHE C 107 -19.75 11.84 5.26
N THR C 108 -19.42 12.49 6.37
CA THR C 108 -20.17 12.36 7.60
C THR C 108 -21.52 13.09 7.54
N GLN C 109 -22.42 12.69 8.44
CA GLN C 109 -23.73 13.33 8.52
C GLN C 109 -23.63 14.81 8.86
N ARG C 110 -22.61 15.20 9.63
CA ARG C 110 -22.41 16.63 9.84
C ARG C 110 -22.19 17.33 8.51
N ARG C 111 -21.37 16.75 7.63
CA ARG C 111 -21.06 17.40 6.36
C ARG C 111 -22.25 17.39 5.39
N MET C 112 -23.14 16.40 5.52
CA MET C 112 -24.36 16.42 4.71
C MET C 112 -25.32 17.48 5.20
N ARG C 113 -25.46 17.63 6.52
CA ARG C 113 -26.36 18.65 7.05
C ARG C 113 -25.92 20.05 6.61
N ARG C 114 -24.61 20.30 6.54
CA ARG C 114 -24.18 21.62 6.13
C ARG C 114 -24.28 21.86 4.61
N LEU C 115 -24.33 20.80 3.79
CA LEU C 115 -24.45 21.00 2.34
C LEU C 115 -25.86 21.27 1.88
N ALA C 116 -26.88 20.87 2.65
CA ALA C 116 -28.26 21.08 2.23
C ALA C 116 -28.56 22.55 1.92
N PRO C 117 -28.19 23.54 2.76
CA PRO C 117 -28.44 24.92 2.34
C PRO C 117 -27.80 25.24 1.00
N ARG C 118 -26.55 24.81 0.78
CA ARG C 118 -25.91 25.06 -0.50
C ARG C 118 -26.68 24.42 -1.66
N ILE C 119 -27.26 23.23 -1.44
CA ILE C 119 -28.02 22.58 -2.50
C ILE C 119 -29.35 23.30 -2.73
N GLU C 120 -30.02 23.75 -1.66
CA GLU C 120 -31.19 24.60 -1.83
C GLU C 120 -30.83 25.84 -2.65
N GLU C 121 -29.67 26.43 -2.39
CA GLU C 121 -29.29 27.65 -3.10
C GLU C 121 -28.97 27.36 -4.56
N ILE C 122 -28.32 26.22 -4.84
CA ILE C 122 -28.02 25.87 -6.22
C ILE C 122 -29.30 25.60 -6.99
N VAL C 123 -30.23 24.88 -6.38
CA VAL C 123 -31.47 24.53 -7.05
C VAL C 123 -32.31 25.77 -7.30
N THR C 124 -32.39 26.67 -6.32
CA THR C 124 -33.11 27.93 -6.50
C THR C 124 -32.59 28.71 -7.70
N ASP C 125 -31.25 28.78 -7.87
CA ASP C 125 -30.67 29.52 -8.98
C ASP C 125 -31.13 28.98 -10.33
N ARG C 126 -31.23 27.67 -10.44
CA ARG C 126 -31.59 27.03 -11.70
C ARG C 126 -33.08 27.17 -11.97
N LEU C 127 -33.90 27.08 -10.92
CA LEU C 127 -35.31 27.39 -11.04
C LEU C 127 -35.51 28.82 -11.53
N ASP C 128 -34.71 29.76 -11.02
CA ASP C 128 -34.78 31.14 -11.46
C ASP C 128 -34.54 31.24 -12.95
N ALA C 129 -33.48 30.57 -13.44
CA ALA C 129 -33.14 30.64 -14.85
C ALA C 129 -34.27 30.12 -15.71
N MET C 130 -34.96 29.09 -15.23
CA MET C 130 -36.14 28.61 -15.94
C MET C 130 -37.25 29.65 -15.94
N GLU C 131 -37.47 30.31 -14.81
CA GLU C 131 -38.53 31.32 -14.75
C GLU C 131 -38.18 32.55 -15.57
N GLN C 132 -36.90 32.87 -15.69
CA GLN C 132 -36.51 34.03 -16.47
C GLN C 132 -36.49 33.72 -17.97
N ALA C 133 -36.29 32.46 -18.34
CA ALA C 133 -36.44 32.08 -19.73
C ALA C 133 -37.90 31.94 -20.13
N GLY C 134 -38.80 31.82 -19.16
CA GLY C 134 -40.22 31.69 -19.44
C GLY C 134 -40.55 30.39 -20.12
N PRO C 135 -41.80 29.92 -19.98
CA PRO C 135 -42.19 28.67 -20.65
C PRO C 135 -42.53 28.90 -22.12
N PRO C 136 -42.30 27.90 -22.97
CA PRO C 136 -41.67 26.63 -22.61
C PRO C 136 -40.14 26.69 -22.55
N ALA C 137 -39.52 25.69 -21.91
CA ALA C 137 -38.07 25.70 -21.73
C ALA C 137 -37.57 24.26 -21.58
N ASP C 138 -36.28 24.07 -21.84
CA ASP C 138 -35.70 22.74 -21.75
C ASP C 138 -35.28 22.46 -20.31
N LEU C 139 -36.00 21.54 -19.66
CA LEU C 139 -35.66 21.19 -18.29
C LEU C 139 -34.27 20.59 -18.20
N ILE C 140 -33.85 19.89 -19.26
CA ILE C 140 -32.58 19.19 -19.19
C ILE C 140 -31.42 20.17 -19.29
N GLU C 141 -31.49 21.11 -20.22
CA GLU C 141 -30.39 22.05 -20.42
C GLU C 141 -30.27 23.06 -19.30
N LEU C 142 -31.38 23.44 -18.67
CA LEU C 142 -31.37 24.55 -17.72
C LEU C 142 -31.34 24.10 -16.27
N PHE C 143 -31.71 22.85 -16.01
CA PHE C 143 -31.85 22.38 -14.63
C PHE C 143 -31.06 21.08 -14.40
N ALA C 144 -31.48 19.99 -15.07
CA ALA C 144 -30.93 18.65 -14.81
C ALA C 144 -29.44 18.57 -15.09
N ASP C 145 -28.95 19.28 -16.11
CA ASP C 145 -27.55 19.25 -16.48
C ASP C 145 -26.70 20.22 -15.68
N GLU C 146 -27.31 21.12 -14.91
CA GLU C 146 -26.54 22.10 -14.17
C GLU C 146 -26.44 21.80 -12.67
N VAL C 147 -27.49 21.27 -12.05
CA VAL C 147 -27.46 21.03 -10.61
C VAL C 147 -26.33 20.08 -10.19
N PRO C 148 -26.21 18.87 -10.78
CA PRO C 148 -25.29 17.88 -10.17
C PRO C 148 -23.83 18.31 -10.07
N GLY C 149 -23.30 18.98 -11.09
CA GLY C 149 -21.92 19.43 -11.01
C GLY C 149 -21.72 20.58 -10.03
N ALA C 150 -22.72 21.45 -9.90
CA ALA C 150 -22.62 22.50 -8.90
C ALA C 150 -22.63 21.92 -7.48
N VAL C 151 -23.35 20.84 -7.27
CA VAL C 151 -23.32 20.19 -5.96
C VAL C 151 -21.96 19.57 -5.71
N LEU C 152 -21.38 18.91 -6.72
CA LEU C 152 -20.08 18.26 -6.56
C LEU C 152 -18.98 19.26 -6.22
N CYS C 153 -19.01 20.45 -6.83
CA CYS C 153 -18.07 21.50 -6.46
C CYS C 153 -18.19 21.86 -5.00
N GLU C 154 -19.42 21.97 -4.49
CA GLU C 154 -19.61 22.25 -3.08
C GLU C 154 -19.11 21.10 -2.21
N LEU C 155 -19.40 19.87 -2.61
CA LEU C 155 -18.90 18.70 -1.89
C LEU C 155 -17.40 18.75 -1.71
N ILE C 156 -16.65 18.86 -2.81
CA ILE C 156 -15.19 18.79 -2.71
C ILE C 156 -14.57 20.13 -2.33
N GLY C 157 -15.35 21.21 -2.26
CA GLY C 157 -14.87 22.47 -1.76
C GLY C 157 -14.39 23.49 -2.77
N VAL C 158 -14.77 23.38 -4.04
CA VAL C 158 -14.37 24.43 -4.99
C VAL C 158 -15.00 25.76 -4.55
N PRO C 159 -14.27 26.87 -4.56
CA PRO C 159 -14.90 28.15 -4.23
C PRO C 159 -16.05 28.43 -5.18
N ARG C 160 -17.03 29.22 -4.69
CA ARG C 160 -18.15 29.62 -5.52
C ARG C 160 -17.70 30.35 -6.78
N ASP C 161 -16.57 31.05 -6.72
CA ASP C 161 -16.15 31.88 -7.83
C ASP C 161 -15.52 31.09 -8.97
N ASP C 162 -14.98 29.92 -8.70
CA ASP C 162 -14.26 29.11 -9.68
C ASP C 162 -15.11 28.00 -10.30
N ARG C 163 -16.40 27.90 -9.97
CA ARG C 163 -17.23 26.81 -10.47
C ARG C 163 -17.25 26.75 -12.00
N ASP C 164 -17.22 27.92 -12.67
CA ASP C 164 -17.37 27.91 -14.12
C ASP C 164 -16.10 27.42 -14.81
N MET C 165 -14.96 27.96 -14.42
CA MET C 165 -13.70 27.47 -14.99
C MET C 165 -13.45 26.02 -14.56
N PHE C 166 -13.81 25.67 -13.32
CA PHE C 166 -13.61 24.30 -12.85
C PHE C 166 -14.39 23.30 -13.70
N MET C 167 -15.69 23.53 -13.87
CA MET C 167 -16.47 22.63 -14.72
C MET C 167 -15.96 22.69 -16.16
N LYS C 168 -15.50 23.86 -16.60
CA LYS C 168 -14.89 23.96 -17.93
C LYS C 168 -13.68 23.04 -18.05
N LEU C 169 -12.81 23.02 -17.04
CA LEU C 169 -11.65 22.12 -17.11
C LEU C 169 -12.04 20.65 -16.97
N CYS C 170 -13.06 20.35 -16.16
CA CYS C 170 -13.40 18.95 -15.90
C CYS C 170 -13.97 18.28 -17.15
N HIS C 171 -14.92 18.91 -17.83
CA HIS C 171 -15.41 18.37 -19.09
C HIS C 171 -14.37 18.50 -20.19
N GLY C 172 -13.56 19.56 -20.16
CA GLY C 172 -12.65 19.81 -21.27
C GLY C 172 -11.65 18.70 -21.50
N HIS C 173 -11.06 18.17 -20.43
CA HIS C 173 -10.04 17.13 -20.54
C HIS C 173 -10.59 15.78 -21.00
N LEU C 174 -11.91 15.64 -21.14
CA LEU C 174 -12.50 14.37 -21.53
C LEU C 174 -13.41 14.47 -22.75
N ASP C 175 -13.61 15.66 -23.31
CA ASP C 175 -14.43 15.81 -24.51
C ASP C 175 -13.68 15.20 -25.69
N ALA C 176 -14.07 13.99 -26.09
CA ALA C 176 -13.37 13.29 -27.17
C ALA C 176 -13.46 14.03 -28.50
N SER C 177 -14.39 14.98 -28.62
CA SER C 177 -14.43 15.83 -29.81
C SER C 177 -13.21 16.75 -29.92
N LEU C 178 -12.42 16.86 -28.86
CA LEU C 178 -11.22 17.70 -28.86
C LEU C 178 -10.00 16.86 -29.28
N SER C 179 -8.99 17.55 -29.80
CA SER C 179 -7.77 16.89 -30.24
C SER C 179 -6.97 16.38 -29.04
N GLN C 180 -5.96 15.56 -29.33
CA GLN C 180 -5.07 15.07 -28.28
C GLN C 180 -4.27 16.21 -27.68
N LYS C 181 -3.89 17.20 -28.48
CA LYS C 181 -3.22 18.38 -27.95
C LYS C 181 -4.14 19.18 -27.03
N ARG C 182 -5.41 19.30 -27.41
CA ARG C 182 -6.35 20.11 -26.63
C ARG C 182 -6.71 19.43 -25.31
N ARG C 183 -7.19 18.19 -25.37
CA ARG C 183 -7.66 17.50 -24.17
C ARG C 183 -6.53 17.33 -23.14
N ALA C 184 -5.32 17.04 -23.60
CA ALA C 184 -4.19 16.86 -22.69
C ALA C 184 -3.76 18.18 -22.05
N ALA C 185 -3.90 19.31 -22.76
CA ALA C 185 -3.58 20.59 -22.17
C ALA C 185 -4.56 20.96 -21.05
N LEU C 186 -5.84 20.62 -21.22
CA LEU C 186 -6.82 20.88 -20.18
C LEU C 186 -6.64 19.94 -19.00
N GLY C 187 -6.14 18.72 -19.26
CA GLY C 187 -5.84 17.81 -18.16
C GLY C 187 -4.71 18.31 -17.29
N ASP C 188 -3.72 18.97 -17.89
CA ASP C 188 -2.61 19.51 -17.10
C ASP C 188 -3.07 20.70 -16.25
N LYS C 189 -3.93 21.56 -16.80
CA LYS C 189 -4.44 22.70 -16.03
C LYS C 189 -5.40 22.25 -14.94
N PHE C 190 -6.20 21.21 -15.21
CA PHE C 190 -7.08 20.64 -14.19
C PHE C 190 -6.28 20.16 -12.99
N SER C 191 -5.28 19.30 -13.23
CA SER C 191 -4.48 18.73 -12.15
C SER C 191 -3.67 19.77 -11.39
N ARG C 192 -3.40 20.94 -12.00
CA ARG C 192 -2.70 21.99 -11.28
C ARG C 192 -3.60 22.63 -10.24
N TYR C 193 -4.84 22.96 -10.62
CA TYR C 193 -5.76 23.60 -9.67
C TYR C 193 -6.05 22.70 -8.48
N LEU C 194 -6.28 21.41 -8.72
CA LEU C 194 -6.58 20.49 -7.63
C LEU C 194 -5.39 20.32 -6.71
N LEU C 195 -4.20 20.05 -7.26
CA LEU C 195 -2.99 19.92 -6.45
C LEU C 195 -2.70 21.21 -5.68
N ALA C 196 -2.99 22.36 -6.28
CA ALA C 196 -2.88 23.62 -5.54
C ALA C 196 -3.87 23.67 -4.40
N MET C 197 -5.13 23.31 -4.66
CA MET C 197 -6.17 23.36 -3.62
C MET C 197 -5.82 22.44 -2.46
N ILE C 198 -5.34 21.23 -2.75
CA ILE C 198 -4.99 20.28 -1.70
C ILE C 198 -3.88 20.84 -0.82
N ALA C 199 -2.86 21.43 -1.45
CA ALA C 199 -1.75 22.01 -0.69
C ALA C 199 -2.21 23.15 0.22
N ARG C 200 -3.13 23.99 -0.27
CA ARG C 200 -3.71 25.02 0.60
C ARG C 200 -4.42 24.38 1.78
N GLU C 201 -5.36 23.48 1.50
CA GLU C 201 -6.10 22.79 2.57
C GLU C 201 -5.16 22.06 3.52
N ARG C 202 -4.10 21.46 2.99
CA ARG C 202 -3.20 20.71 3.86
C ARG C 202 -2.45 21.67 4.79
N LYS C 203 -1.87 22.74 4.22
CA LYS C 203 -1.14 23.71 5.02
C LYS C 203 -2.04 24.44 6.03
N ASP C 204 -3.31 24.66 5.69
CA ASP C 204 -4.25 25.31 6.60
C ASP C 204 -5.63 24.70 6.42
N PRO C 205 -5.95 23.65 7.19
CA PRO C 205 -7.24 22.95 7.00
C PRO C 205 -8.41 23.53 7.78
N GLY C 206 -9.43 23.98 7.07
CA GLY C 206 -10.68 24.35 7.73
C GLY C 206 -11.51 23.09 7.93
N ASP C 207 -12.82 23.18 7.71
CA ASP C 207 -13.68 22.01 7.86
C ASP C 207 -14.23 21.50 6.53
N GLY C 208 -13.58 21.82 5.42
CA GLY C 208 -14.03 21.38 4.11
C GLY C 208 -13.77 19.90 3.90
N PHE C 209 -13.98 19.46 2.66
CA PHE C 209 -13.80 18.05 2.32
C PHE C 209 -12.35 17.63 2.57
N ILE C 210 -11.40 18.29 1.89
CA ILE C 210 -10.00 17.97 2.08
C ILE C 210 -9.60 18.20 3.54
N GLY C 211 -10.00 19.35 4.09
CA GLY C 211 -9.61 19.68 5.45
C GLY C 211 -10.02 18.61 6.45
N SER C 212 -11.26 18.10 6.32
CA SER C 212 -11.70 17.05 7.22
C SER C 212 -10.83 15.81 7.08
N ILE C 213 -10.31 15.56 5.88
CA ILE C 213 -9.51 14.37 5.65
C ILE C 213 -8.09 14.58 6.17
N VAL C 214 -7.45 15.69 5.79
CA VAL C 214 -6.06 15.87 6.22
C VAL C 214 -5.97 16.18 7.71
N ALA C 215 -7.01 16.79 8.30
CA ALA C 215 -6.98 17.07 9.73
C ALA C 215 -6.97 15.80 10.56
N GLU C 216 -7.35 14.66 9.99
CA GLU C 216 -7.39 13.41 10.73
C GLU C 216 -6.43 12.35 10.20
N HIS C 217 -6.04 12.41 8.93
CA HIS C 217 -5.17 11.37 8.35
C HIS C 217 -4.06 11.97 7.50
N GLY C 218 -3.55 13.15 7.87
CA GLY C 218 -2.63 13.86 7.00
C GLY C 218 -1.36 13.10 6.65
N ASP C 219 -0.95 12.16 7.50
CA ASP C 219 0.31 11.46 7.29
C ASP C 219 0.16 10.22 6.42
N THR C 220 -1.06 9.71 6.25
CA THR C 220 -1.31 8.46 5.57
C THR C 220 -1.72 8.61 4.11
N ILE C 221 -2.25 9.76 3.71
CA ILE C 221 -2.80 9.95 2.36
C ILE C 221 -1.94 10.94 1.59
N THR C 222 -1.56 10.57 0.37
CA THR C 222 -0.73 11.44 -0.46
C THR C 222 -1.58 12.45 -1.22
N ASP C 223 -0.94 13.56 -1.63
CA ASP C 223 -1.65 14.55 -2.44
C ASP C 223 -2.10 13.96 -3.76
N GLU C 224 -1.29 13.07 -4.35
CA GLU C 224 -1.67 12.43 -5.62
C GLU C 224 -2.94 11.59 -5.45
N GLU C 225 -3.10 10.90 -4.32
CA GLU C 225 -4.34 10.16 -4.08
C GLU C 225 -5.52 11.09 -3.91
N LEU C 226 -5.34 12.18 -3.17
CA LEU C 226 -6.45 13.12 -2.99
C LEU C 226 -6.85 13.77 -4.32
N ARG C 227 -5.87 14.09 -5.18
CA ARG C 227 -6.18 14.58 -6.52
C ARG C 227 -6.97 13.55 -7.31
N GLY C 228 -6.46 12.31 -7.35
CA GLY C 228 -7.18 11.24 -8.02
C GLY C 228 -8.60 11.06 -7.49
N VAL C 229 -8.79 11.20 -6.18
CA VAL C 229 -10.11 10.99 -5.58
C VAL C 229 -11.07 12.11 -5.99
N CYS C 230 -10.60 13.36 -5.99
CA CYS C 230 -11.45 14.46 -6.43
C CYS C 230 -11.93 14.28 -7.87
N VAL C 231 -11.03 13.87 -8.78
CA VAL C 231 -11.40 13.61 -10.17
C VAL C 231 -12.46 12.52 -10.24
N GLN C 232 -12.22 11.41 -9.55
CA GLN C 232 -13.18 10.30 -9.62
C GLN C 232 -14.55 10.70 -9.09
N LEU C 233 -14.60 11.60 -8.11
CA LEU C 233 -15.89 12.05 -7.60
C LEU C 233 -16.61 12.90 -8.64
N MET C 234 -15.89 13.78 -9.33
CA MET C 234 -16.51 14.56 -10.39
C MET C 234 -17.16 13.66 -11.43
N LEU C 235 -16.47 12.60 -11.83
CA LEU C 235 -16.98 11.69 -12.86
C LEU C 235 -18.09 10.78 -12.36
N ALA C 236 -18.14 10.50 -11.07
CA ALA C 236 -19.12 9.54 -10.58
C ALA C 236 -20.51 10.15 -10.34
N GLY C 237 -20.59 11.42 -9.94
CA GLY C 237 -21.83 11.89 -9.39
C GLY C 237 -22.59 12.85 -10.26
N ASP C 238 -22.24 12.85 -11.55
CA ASP C 238 -22.77 13.81 -12.50
C ASP C 238 -23.76 13.15 -13.43
N ASP C 239 -23.29 12.32 -14.38
CA ASP C 239 -24.17 11.65 -15.32
C ASP C 239 -25.24 10.83 -14.60
N ASN C 240 -24.88 10.23 -13.48
CA ASN C 240 -25.87 9.46 -12.74
C ASN C 240 -27.01 10.35 -12.25
N VAL C 241 -26.68 11.51 -11.68
CA VAL C 241 -27.71 12.32 -11.05
C VAL C 241 -28.49 13.14 -12.09
N SER C 242 -27.80 13.71 -13.08
CA SER C 242 -28.49 14.44 -14.16
C SER C 242 -29.51 13.54 -14.85
N GLY C 243 -29.14 12.27 -15.08
CA GLY C 243 -30.09 11.32 -15.61
C GLY C 243 -31.28 11.12 -14.68
N MET C 244 -31.00 10.97 -13.38
CA MET C 244 -32.09 10.72 -12.43
C MET C 244 -33.08 11.88 -12.40
N ILE C 245 -32.60 13.13 -12.44
CA ILE C 245 -33.53 14.26 -12.36
C ILE C 245 -34.47 14.27 -13.56
N GLY C 246 -33.90 14.14 -14.77
CA GLY C 246 -34.69 14.15 -15.99
C GLY C 246 -35.69 13.00 -16.05
N LEU C 247 -35.21 11.77 -15.87
CA LEU C 247 -36.15 10.65 -15.95
C LEU C 247 -37.14 10.68 -14.80
N GLY C 248 -36.74 11.20 -13.63
CA GLY C 248 -37.63 11.23 -12.50
C GLY C 248 -38.81 12.16 -12.74
N VAL C 249 -38.53 13.36 -13.25
CA VAL C 249 -39.60 14.28 -13.61
C VAL C 249 -40.55 13.66 -14.63
N LEU C 250 -40.02 13.08 -15.69
CA LEU C 250 -40.92 12.45 -16.67
C LEU C 250 -41.63 11.25 -16.08
N ALA C 251 -40.97 10.47 -15.22
CA ALA C 251 -41.70 9.36 -14.63
C ALA C 251 -42.91 9.86 -13.85
N LEU C 252 -42.75 10.94 -13.08
CA LEU C 252 -43.86 11.47 -12.29
C LEU C 252 -44.96 12.10 -13.17
N LEU C 253 -44.60 12.76 -14.27
CA LEU C 253 -45.62 13.27 -15.16
C LEU C 253 -46.42 12.13 -15.78
N ARG C 254 -45.81 10.97 -15.99
CA ARG C 254 -46.54 9.79 -16.47
C ARG C 254 -47.28 9.05 -15.36
N HIS C 255 -47.06 9.40 -14.10
CA HIS C 255 -47.83 8.85 -12.98
C HIS C 255 -48.31 10.01 -12.13
N PRO C 256 -49.21 10.84 -12.67
CA PRO C 256 -49.50 12.14 -12.05
C PRO C 256 -50.10 12.03 -10.66
N GLU C 257 -50.73 10.91 -10.29
CA GLU C 257 -51.25 10.82 -8.94
C GLU C 257 -50.14 10.55 -7.92
N GLN C 258 -48.91 10.32 -8.35
CA GLN C 258 -47.85 10.08 -7.37
C GLN C 258 -47.03 11.33 -7.09
N ILE C 259 -47.32 12.45 -7.77
CA ILE C 259 -46.65 13.70 -7.45
C ILE C 259 -46.94 14.14 -6.02
N ALA C 260 -48.05 13.69 -5.45
CA ALA C 260 -48.44 14.09 -4.11
C ALA C 260 -47.41 13.68 -3.06
N ALA C 261 -46.68 12.58 -3.31
CA ALA C 261 -45.68 12.15 -2.34
C ALA C 261 -44.57 13.18 -2.15
N LEU C 262 -44.44 14.13 -3.06
CA LEU C 262 -43.43 15.17 -2.97
C LEU C 262 -43.97 16.48 -2.40
N ARG C 263 -45.19 16.48 -1.86
CA ARG C 263 -45.78 17.68 -1.27
C ARG C 263 -46.21 17.46 0.17
N GLY C 264 -45.51 16.55 0.86
CA GLY C 264 -45.79 16.24 2.25
C GLY C 264 -44.56 16.39 3.11
N ASP C 265 -44.33 15.43 4.02
CA ASP C 265 -43.18 15.50 4.90
C ASP C 265 -41.95 14.94 4.20
N ASP C 266 -40.79 14.99 4.86
CA ASP C 266 -39.56 14.54 4.20
C ASP C 266 -39.49 13.02 4.08
N GLN C 267 -40.13 12.30 5.01
CA GLN C 267 -40.16 10.83 4.91
C GLN C 267 -40.92 10.39 3.68
N SER C 268 -42.13 10.93 3.48
CA SER C 268 -42.91 10.58 2.30
C SER C 268 -42.14 10.91 1.02
N ALA C 269 -41.45 12.05 1.01
CA ALA C 269 -40.62 12.40 -0.13
C ALA C 269 -39.42 11.47 -0.27
N ASP C 270 -38.72 11.16 0.84
CA ASP C 270 -37.54 10.28 0.77
C ASP C 270 -37.91 8.89 0.28
N ARG C 271 -39.09 8.42 0.68
CA ARG C 271 -39.60 7.14 0.20
C ARG C 271 -39.82 7.16 -1.31
N ALA C 272 -40.33 8.28 -1.83
CA ALA C 272 -40.55 8.42 -3.28
C ALA C 272 -39.23 8.43 -4.03
N VAL C 273 -38.26 9.22 -3.57
CA VAL C 273 -36.96 9.29 -4.23
C VAL C 273 -36.33 7.90 -4.31
N ASP C 274 -36.41 7.11 -3.25
CA ASP C 274 -35.79 5.79 -3.30
C ASP C 274 -36.54 4.85 -4.24
N GLU C 275 -37.86 4.98 -4.33
CA GLU C 275 -38.61 4.17 -5.30
C GLU C 275 -38.26 4.56 -6.73
N LEU C 276 -38.08 5.85 -7.02
CA LEU C 276 -37.68 6.29 -8.37
C LEU C 276 -36.28 5.77 -8.72
N ILE C 277 -35.34 5.83 -7.76
CA ILE C 277 -34.01 5.23 -7.95
C ILE C 277 -34.12 3.76 -8.32
N ARG C 278 -34.98 2.99 -7.62
CA ARG C 278 -35.09 1.57 -7.91
C ARG C 278 -35.75 1.31 -9.27
N TYR C 279 -36.83 2.05 -9.56
CA TYR C 279 -37.63 1.85 -10.77
C TYR C 279 -36.85 2.21 -12.05
N LEU C 280 -36.10 3.30 -12.01
CA LEU C 280 -35.39 3.79 -13.19
C LEU C 280 -34.02 3.16 -13.36
N THR C 281 -33.30 2.96 -12.26
CA THR C 281 -31.95 2.36 -12.24
C THR C 281 -31.09 2.88 -13.38
N VAL C 282 -30.68 4.15 -13.30
CA VAL C 282 -30.03 4.78 -14.43
C VAL C 282 -28.75 4.08 -14.87
N PRO C 283 -27.91 3.50 -13.98
CA PRO C 283 -26.69 2.84 -14.46
C PRO C 283 -26.96 1.44 -15.01
N TYR C 284 -26.39 1.12 -16.16
CA TYR C 284 -26.69 -0.17 -16.78
C TYR C 284 -26.00 -1.31 -16.04
N ALA C 285 -24.79 -1.07 -15.53
CA ALA C 285 -23.96 -2.11 -14.94
C ALA C 285 -22.98 -1.48 -13.95
N PRO C 286 -22.61 -2.17 -12.90
CA PRO C 286 -21.47 -1.72 -12.09
C PRO C 286 -20.15 -2.11 -12.75
N THR C 287 -19.05 -1.99 -12.00
CA THR C 287 -17.76 -2.39 -12.52
C THR C 287 -17.75 -3.88 -12.86
N PRO C 288 -17.18 -4.27 -14.01
CA PRO C 288 -17.04 -5.70 -14.31
C PRO C 288 -16.28 -6.44 -13.19
N ARG C 289 -16.79 -7.61 -12.86
CA ARG C 289 -16.16 -8.47 -11.87
C ARG C 289 -15.41 -9.59 -12.58
N THR C 290 -14.31 -10.02 -11.96
CA THR C 290 -13.48 -11.11 -12.45
C THR C 290 -13.35 -12.18 -11.38
N ALA C 291 -13.57 -13.42 -11.76
CA ALA C 291 -13.47 -14.53 -10.81
C ALA C 291 -12.01 -14.76 -10.46
N VAL C 292 -11.69 -14.73 -9.16
CA VAL C 292 -10.33 -15.02 -8.70
C VAL C 292 -10.08 -16.53 -8.68
N GLU C 293 -11.13 -17.33 -8.62
CA GLU C 293 -11.01 -18.78 -8.65
C GLU C 293 -12.30 -19.34 -9.24
N ASP C 294 -12.32 -20.65 -9.47
CA ASP C 294 -13.56 -21.29 -9.91
C ASP C 294 -14.60 -21.16 -8.80
N VAL C 295 -15.80 -20.69 -9.15
CA VAL C 295 -16.83 -20.40 -8.16
C VAL C 295 -18.20 -20.82 -8.69
N MET C 296 -19.02 -21.37 -7.81
CA MET C 296 -20.37 -21.80 -8.13
C MET C 296 -21.35 -20.63 -8.00
N VAL C 297 -22.11 -20.37 -9.06
CA VAL C 297 -23.10 -19.30 -9.12
C VAL C 297 -24.35 -19.83 -9.84
N ALA C 298 -25.48 -19.84 -9.15
CA ALA C 298 -26.76 -20.24 -9.72
C ALA C 298 -26.68 -21.57 -10.49
N ASP C 299 -26.11 -22.57 -9.85
CA ASP C 299 -25.99 -23.92 -10.40
C ASP C 299 -25.14 -23.97 -11.67
N GLN C 300 -24.27 -22.98 -11.86
CA GLN C 300 -23.30 -22.98 -12.95
C GLN C 300 -21.94 -22.54 -12.43
N VAL C 301 -20.89 -23.11 -12.99
CA VAL C 301 -19.54 -22.80 -12.55
C VAL C 301 -18.95 -21.68 -13.40
N ILE C 302 -18.42 -20.65 -12.76
CA ILE C 302 -17.70 -19.56 -13.41
C ILE C 302 -16.21 -19.79 -13.18
N LYS C 303 -15.48 -20.04 -14.26
CA LYS C 303 -14.07 -20.38 -14.17
C LYS C 303 -13.19 -19.18 -13.83
N GLU C 304 -12.02 -19.46 -13.29
CA GLU C 304 -11.07 -18.43 -12.93
C GLU C 304 -10.70 -17.60 -14.16
N GLY C 305 -10.57 -16.30 -13.98
CA GLY C 305 -10.27 -15.43 -15.09
C GLY C 305 -11.46 -15.00 -15.92
N GLU C 306 -12.62 -15.62 -15.74
CA GLU C 306 -13.81 -15.20 -16.47
C GLU C 306 -14.42 -13.95 -15.83
N THR C 307 -15.11 -13.17 -16.67
CA THR C 307 -15.69 -11.89 -16.30
C THR C 307 -17.20 -12.04 -16.12
N VAL C 308 -17.76 -11.24 -15.22
CA VAL C 308 -19.19 -11.24 -14.91
C VAL C 308 -19.72 -9.80 -14.97
N LEU C 309 -20.70 -9.57 -15.86
CA LEU C 309 -21.38 -8.29 -15.93
C LEU C 309 -22.71 -8.38 -15.18
N CYS C 310 -23.01 -7.35 -14.38
CA CYS C 310 -24.25 -7.31 -13.61
C CYS C 310 -25.24 -6.33 -14.24
N SER C 311 -26.45 -6.81 -14.53
CA SER C 311 -27.53 -5.91 -14.95
C SER C 311 -28.30 -5.44 -13.72
N LEU C 312 -27.95 -4.26 -13.23
CA LEU C 312 -28.72 -3.66 -12.15
C LEU C 312 -30.19 -3.42 -12.51
N PRO C 313 -30.55 -2.97 -13.72
CA PRO C 313 -31.98 -2.80 -13.99
C PRO C 313 -32.75 -4.10 -13.93
N MET C 314 -32.20 -5.20 -14.44
CA MET C 314 -32.92 -6.47 -14.35
C MET C 314 -33.02 -6.93 -12.90
N ALA C 315 -31.94 -6.77 -12.12
CA ALA C 315 -31.97 -7.17 -10.72
C ALA C 315 -33.04 -6.42 -9.94
N ASN C 316 -33.21 -5.13 -10.22
CA ASN C 316 -34.21 -4.35 -9.48
C ASN C 316 -35.62 -4.53 -10.03
N ARG C 317 -35.80 -5.35 -11.08
CA ARG C 317 -37.11 -5.83 -11.53
C ARG C 317 -37.35 -7.30 -11.18
N ASP C 318 -36.41 -7.95 -10.50
CA ASP C 318 -36.56 -9.35 -10.13
C ASP C 318 -37.77 -9.54 -9.23
N ARG C 319 -38.60 -10.54 -9.53
CA ARG C 319 -39.75 -10.86 -8.68
C ARG C 319 -39.34 -11.19 -7.25
N ALA C 320 -38.08 -11.58 -7.04
CA ALA C 320 -37.63 -11.92 -5.69
C ALA C 320 -37.43 -10.67 -4.84
N LEU C 321 -37.04 -9.56 -5.46
CA LEU C 321 -36.89 -8.31 -4.73
C LEU C 321 -38.25 -7.78 -4.26
N LEU C 322 -39.27 -7.84 -5.12
CA LEU C 322 -40.59 -7.36 -4.72
C LEU C 322 -41.66 -7.76 -5.73
N PRO C 323 -42.87 -8.03 -5.27
CA PRO C 323 -43.97 -8.30 -6.20
C PRO C 323 -44.35 -7.04 -6.95
N ASP C 324 -44.81 -7.23 -8.19
CA ASP C 324 -45.10 -6.15 -9.14
C ASP C 324 -43.96 -5.12 -9.21
N ALA C 325 -42.75 -5.64 -9.45
CA ALA C 325 -41.57 -4.78 -9.61
C ALA C 325 -41.69 -3.85 -10.82
N ASP C 326 -42.46 -4.22 -11.83
CA ASP C 326 -42.57 -3.41 -13.05
C ASP C 326 -43.49 -2.22 -12.92
N ARG C 327 -44.10 -1.99 -11.76
CA ARG C 327 -44.96 -0.85 -11.53
C ARG C 327 -44.24 0.16 -10.65
N LEU C 328 -44.52 1.44 -10.88
CA LEU C 328 -43.99 2.49 -10.02
C LEU C 328 -45.02 2.80 -8.93
N ASP C 329 -44.55 2.84 -7.67
CA ASP C 329 -45.40 3.05 -6.50
C ASP C 329 -44.54 3.74 -5.44
N VAL C 330 -44.59 5.08 -5.43
CA VAL C 330 -43.80 5.91 -4.52
C VAL C 330 -44.25 5.80 -3.07
N THR C 331 -45.36 5.13 -2.78
CA THR C 331 -45.79 4.97 -1.39
C THR C 331 -45.18 3.73 -0.72
N ARG C 332 -44.47 2.89 -1.46
CA ARG C 332 -44.09 1.60 -0.92
C ARG C 332 -42.85 1.70 -0.04
N THR C 333 -42.69 0.69 0.83
CA THR C 333 -41.56 0.67 1.78
C THR C 333 -40.28 0.29 1.06
N PRO C 334 -39.17 0.99 1.29
CA PRO C 334 -37.93 0.70 0.55
C PRO C 334 -37.52 -0.76 0.67
N VAL C 335 -36.85 -1.25 -0.37
CA VAL C 335 -36.37 -2.63 -0.43
C VAL C 335 -34.88 -2.61 -0.74
N PRO C 336 -34.18 -3.75 -0.56
CA PRO C 336 -32.72 -3.75 -0.78
C PRO C 336 -32.35 -3.83 -2.26
N HIS C 337 -32.67 -2.76 -2.99
CA HIS C 337 -32.35 -2.69 -4.40
C HIS C 337 -30.83 -2.53 -4.58
N VAL C 338 -30.34 -2.83 -5.78
CA VAL C 338 -28.91 -2.79 -6.03
C VAL C 338 -28.53 -1.60 -6.92
N ALA C 339 -29.41 -0.60 -7.01
CA ALA C 339 -29.16 0.53 -7.89
C ALA C 339 -27.90 1.29 -7.48
N PHE C 340 -27.56 1.23 -6.20
CA PHE C 340 -26.36 1.81 -5.63
C PHE C 340 -25.28 0.75 -5.36
N GLY C 341 -25.46 -0.46 -5.87
CA GLY C 341 -24.53 -1.54 -5.57
C GLY C 341 -24.83 -2.26 -4.28
N HIS C 342 -23.83 -2.98 -3.77
CA HIS C 342 -24.01 -3.80 -2.57
C HIS C 342 -22.63 -4.17 -2.05
N GLY C 343 -22.48 -4.10 -0.72
CA GLY C 343 -21.24 -4.48 -0.08
C GLY C 343 -20.22 -3.36 0.06
N ILE C 344 -18.95 -3.71 -0.11
CA ILE C 344 -17.87 -2.78 0.21
C ILE C 344 -17.84 -1.61 -0.74
N HIS C 345 -18.25 -1.82 -1.99
CA HIS C 345 -18.20 -0.76 -2.98
C HIS C 345 -19.50 0.03 -3.06
N HIS C 346 -20.46 -0.23 -2.18
CA HIS C 346 -21.72 0.49 -2.13
C HIS C 346 -21.50 2.00 -2.30
N CYS C 347 -22.24 2.59 -3.25
CA CYS C 347 -22.01 3.95 -3.70
C CYS C 347 -21.79 4.91 -2.56
N LEU C 348 -20.63 5.56 -2.55
CA LEU C 348 -20.28 6.50 -1.49
C LEU C 348 -21.15 7.75 -1.54
N GLY C 349 -21.78 8.04 -2.67
CA GLY C 349 -22.65 9.17 -2.90
C GLY C 349 -24.12 8.92 -2.62
N ALA C 350 -24.47 7.77 -2.04
CA ALA C 350 -25.88 7.43 -1.83
C ALA C 350 -26.62 8.56 -1.08
N ALA C 351 -26.17 8.91 0.13
CA ALA C 351 -26.83 9.97 0.89
C ALA C 351 -26.84 11.29 0.13
N LEU C 352 -25.74 11.67 -0.49
CA LEU C 352 -25.72 12.92 -1.24
C LEU C 352 -26.73 12.89 -2.36
N THR C 353 -26.87 11.76 -3.04
CA THR C 353 -27.86 11.65 -4.09
C THR C 353 -29.28 11.69 -3.52
N ARG C 354 -29.54 10.96 -2.43
CA ARG C 354 -30.87 11.00 -1.84
C ARG C 354 -31.24 12.40 -1.41
N LEU C 355 -30.30 13.11 -0.77
CA LEU C 355 -30.57 14.48 -0.35
C LEU C 355 -30.92 15.38 -1.55
N GLN C 356 -30.04 15.44 -2.57
CA GLN C 356 -30.21 16.48 -3.59
C GLN C 356 -31.40 16.19 -4.50
N LEU C 357 -31.73 14.92 -4.73
CA LEU C 357 -32.93 14.57 -5.46
C LEU C 357 -34.20 14.95 -4.69
N ARG C 358 -34.19 14.83 -3.35
CA ARG C 358 -35.32 15.30 -2.56
C ARG C 358 -35.47 16.81 -2.65
N ILE C 359 -34.36 17.55 -2.61
CA ILE C 359 -34.45 18.99 -2.76
C ILE C 359 -34.90 19.38 -4.19
N ALA C 360 -34.41 18.69 -5.21
CA ALA C 360 -34.70 19.13 -6.58
C ALA C 360 -36.16 18.89 -6.92
N TYR C 361 -36.62 17.64 -6.81
CA TYR C 361 -38.01 17.33 -7.16
C TYR C 361 -38.97 18.22 -6.39
N THR C 362 -38.75 18.33 -5.08
CA THR C 362 -39.60 19.12 -4.20
C THR C 362 -39.62 20.61 -4.62
N ALA C 363 -38.44 21.20 -4.84
CA ALA C 363 -38.42 22.60 -5.23
C ALA C 363 -39.06 22.84 -6.60
N LEU C 364 -39.01 21.84 -7.48
CA LEU C 364 -39.51 21.99 -8.84
C LEU C 364 -41.04 22.08 -8.86
N TRP C 365 -41.72 21.20 -8.13
CA TRP C 365 -43.17 21.32 -8.05
C TRP C 365 -43.62 22.43 -7.11
N ARG C 366 -42.75 22.91 -6.21
CA ARG C 366 -43.14 24.05 -5.38
C ARG C 366 -43.16 25.33 -6.21
N ARG C 367 -42.17 25.49 -7.08
CA ARG C 367 -42.07 26.64 -7.96
C ARG C 367 -42.96 26.51 -9.18
N PHE C 368 -43.13 25.29 -9.72
CA PHE C 368 -43.95 25.07 -10.91
C PHE C 368 -45.00 24.00 -10.62
N PRO C 369 -46.02 24.33 -9.83
CA PRO C 369 -47.08 23.34 -9.56
C PRO C 369 -47.74 22.77 -10.81
N ALA C 370 -47.89 23.58 -11.88
CA ALA C 370 -48.59 23.17 -13.09
C ALA C 370 -47.67 22.62 -14.18
N LEU C 371 -46.48 22.16 -13.79
CA LEU C 371 -45.53 21.55 -14.73
C LEU C 371 -46.19 20.46 -15.57
N GLN C 372 -45.83 20.42 -16.84
CA GLN C 372 -46.37 19.45 -17.78
C GLN C 372 -45.47 19.46 -18.99
N LEU C 373 -45.54 18.40 -19.77
CA LEU C 373 -44.99 18.44 -21.12
C LEU C 373 -45.59 19.62 -21.88
N ALA C 374 -44.72 20.33 -22.62
CA ALA C 374 -45.19 21.46 -23.42
C ALA C 374 -46.23 21.04 -24.45
N ASP C 375 -46.02 19.88 -25.07
CA ASP C 375 -46.93 19.25 -26.01
C ASP C 375 -46.82 17.75 -25.75
N PRO C 376 -47.92 17.09 -25.36
CA PRO C 376 -47.82 15.68 -24.96
C PRO C 376 -47.48 14.74 -26.11
N ALA C 377 -47.49 15.22 -27.35
CA ALA C 377 -47.12 14.41 -28.51
C ALA C 377 -45.63 14.53 -28.85
N GLN C 378 -44.92 15.47 -28.23
CA GLN C 378 -43.52 15.69 -28.54
C GLN C 378 -42.74 14.37 -28.37
N GLU C 379 -41.68 14.21 -29.14
CA GLU C 379 -40.90 12.98 -28.99
C GLU C 379 -40.14 12.98 -27.67
N ILE C 380 -40.02 11.81 -27.05
CA ILE C 380 -39.19 11.68 -25.86
C ILE C 380 -37.77 11.34 -26.29
N MET C 381 -36.82 12.14 -25.82
CA MET C 381 -35.43 12.12 -26.29
C MET C 381 -34.55 11.44 -25.24
N PHE C 382 -34.33 10.14 -25.40
CA PHE C 382 -33.55 9.37 -24.43
C PHE C 382 -32.05 9.51 -24.66
N ARG C 383 -31.33 9.71 -23.57
CA ARG C 383 -29.88 9.64 -23.59
C ARG C 383 -29.46 8.17 -23.57
N THR C 384 -28.81 7.69 -24.64
CA THR C 384 -28.39 6.29 -24.71
C THR C 384 -26.90 6.09 -24.94
N SER C 385 -26.10 7.16 -25.02
CA SER C 385 -24.69 7.00 -25.35
C SER C 385 -23.78 6.88 -24.13
N THR C 386 -24.28 7.17 -22.92
CA THR C 386 -23.47 7.27 -21.71
C THR C 386 -23.54 6.01 -20.84
N PRO C 387 -22.77 5.94 -19.73
CA PRO C 387 -22.96 4.83 -18.79
C PRO C 387 -24.25 4.89 -17.99
N ALA C 388 -24.98 6.01 -18.02
CA ALA C 388 -26.19 6.16 -17.23
C ALA C 388 -27.35 6.55 -18.14
N TYR C 389 -28.48 5.85 -18.02
CA TYR C 389 -29.72 6.20 -18.71
C TYR C 389 -30.23 7.60 -18.33
N GLY C 390 -30.88 8.27 -19.27
CA GLY C 390 -31.42 9.60 -19.02
C GLY C 390 -32.11 10.21 -20.24
N LEU C 391 -32.28 11.53 -20.21
CA LEU C 391 -32.82 12.29 -21.33
C LEU C 391 -31.83 13.33 -21.85
N THR C 392 -31.81 13.56 -23.17
CA THR C 392 -31.07 14.69 -23.71
C THR C 392 -31.87 15.98 -23.74
N SER C 393 -33.21 15.90 -23.69
CA SER C 393 -34.05 17.11 -23.76
C SER C 393 -35.42 16.84 -23.18
N LEU C 394 -36.09 17.90 -22.71
CA LEU C 394 -37.47 17.77 -22.26
C LEU C 394 -38.09 19.17 -22.17
N LEU C 395 -38.85 19.55 -23.19
CA LEU C 395 -39.54 20.84 -23.20
C LEU C 395 -40.75 20.81 -22.27
N VAL C 396 -40.85 21.79 -21.37
CA VAL C 396 -41.92 21.81 -20.40
C VAL C 396 -42.57 23.19 -20.36
N ALA C 397 -43.76 23.22 -19.80
CA ALA C 397 -44.49 24.45 -19.54
C ALA C 397 -45.04 24.38 -18.13
N TRP C 398 -45.54 25.52 -17.66
CA TRP C 398 -46.07 25.65 -16.31
C TRP C 398 -46.85 26.95 -16.27
N PRO D 7 -30.51 16.58 31.33
CA PRO D 7 -29.60 15.54 31.80
C PRO D 7 -28.49 16.08 32.72
N PRO D 8 -28.16 15.35 33.78
CA PRO D 8 -27.10 15.78 34.70
C PRO D 8 -25.78 15.99 33.96
N ILE D 9 -25.07 17.05 34.36
CA ILE D 9 -23.92 17.51 33.60
C ILE D 9 -22.85 16.44 33.50
N HIS D 10 -22.78 15.53 34.47
CA HIS D 10 -21.75 14.50 34.43
C HIS D 10 -22.09 13.35 33.48
N THR D 11 -23.27 13.33 32.85
CA THR D 11 -23.58 12.28 31.89
C THR D 11 -23.58 12.80 30.46
N ARG D 12 -23.14 14.02 30.23
CA ARG D 12 -23.17 14.60 28.89
C ARG D 12 -21.89 14.23 28.14
N ARG D 13 -22.07 13.68 26.94
CA ARG D 13 -20.96 13.33 26.06
C ARG D 13 -21.05 14.15 24.78
N GLN D 14 -19.91 14.26 24.09
CA GLN D 14 -19.80 14.90 22.78
C GLN D 14 -19.00 13.93 21.92
N GLY D 15 -19.67 13.09 21.15
CA GLY D 15 -18.97 11.99 20.51
C GLY D 15 -18.32 11.09 21.55
N PHE D 16 -17.01 10.91 21.43
CA PHE D 16 -16.26 10.14 22.42
C PHE D 16 -15.85 10.95 23.65
N ASP D 17 -16.03 12.23 23.64
CA ASP D 17 -15.46 13.07 24.69
C ASP D 17 -16.52 13.51 25.68
N PRO D 18 -16.12 13.84 26.91
CA PRO D 18 -17.06 14.55 27.79
C PRO D 18 -17.46 15.87 27.16
N ALA D 19 -18.72 16.24 27.35
CA ALA D 19 -19.26 17.44 26.71
C ALA D 19 -18.56 18.70 27.24
N ASP D 20 -18.71 19.79 26.48
CA ASP D 20 -18.00 21.02 26.82
C ASP D 20 -18.34 21.50 28.23
N GLU D 21 -19.62 21.51 28.59
CA GLU D 21 -20.00 22.00 29.91
C GLU D 21 -19.48 21.09 31.04
N LEU D 22 -19.18 19.82 30.76
CA LEU D 22 -18.52 19.00 31.77
C LEU D 22 -17.03 19.36 31.89
N ARG D 23 -16.35 19.54 30.75
CA ARG D 23 -14.97 20.02 30.78
C ARG D 23 -14.85 21.34 31.53
N ALA D 24 -15.85 22.21 31.39
CA ALA D 24 -15.77 23.57 31.93
C ALA D 24 -15.86 23.61 33.45
N ALA D 25 -16.31 22.54 34.08
CA ALA D 25 -16.36 22.46 35.54
C ALA D 25 -14.98 22.21 36.12
N GLY D 26 -14.73 22.76 37.30
CA GLY D 26 -13.44 22.65 37.92
C GLY D 26 -13.10 21.22 38.33
N THR D 27 -11.99 21.11 39.06
CA THR D 27 -11.63 19.82 39.65
C THR D 27 -12.67 19.38 40.67
N LEU D 28 -13.15 20.31 41.49
CA LEU D 28 -14.11 20.01 42.54
C LEU D 28 -15.08 21.19 42.68
N THR D 29 -16.36 20.95 42.41
CA THR D 29 -17.38 21.99 42.48
C THR D 29 -18.68 21.41 43.04
N LYS D 30 -19.61 22.30 43.34
CA LYS D 30 -20.94 21.96 43.82
C LYS D 30 -21.94 22.03 42.67
N ILE D 31 -22.73 20.98 42.49
CA ILE D 31 -23.75 20.93 41.45
C ILE D 31 -25.03 20.34 42.03
N SER D 32 -26.12 20.45 41.27
CA SER D 32 -27.41 19.87 41.64
C SER D 32 -27.82 18.80 40.63
N ILE D 33 -28.56 17.81 41.13
CA ILE D 33 -29.03 16.72 40.26
C ILE D 33 -30.54 16.56 40.40
N ALA D 39 -34.20 16.80 43.98
CA ALA D 39 -33.42 18.03 43.82
C ALA D 39 -32.37 18.17 44.93
N GLU D 40 -31.26 17.43 44.81
CA GLU D 40 -30.21 17.44 45.81
C GLU D 40 -28.91 17.97 45.21
N THR D 41 -28.12 18.63 46.04
CA THR D 41 -26.79 19.08 45.66
C THR D 41 -25.75 18.01 46.01
N THR D 42 -24.61 18.09 45.34
CA THR D 42 -23.60 17.04 45.41
C THR D 42 -22.29 17.60 44.89
N TRP D 43 -21.17 17.12 45.44
CA TRP D 43 -19.86 17.49 44.91
C TRP D 43 -19.56 16.70 43.63
N LEU D 44 -19.04 17.39 42.63
CA LEU D 44 -18.55 16.75 41.43
C LEU D 44 -17.03 16.79 41.48
N ALA D 45 -16.41 15.61 41.46
CA ALA D 45 -14.96 15.49 41.52
C ALA D 45 -14.47 15.04 40.14
N ALA D 46 -13.60 15.84 39.54
CA ALA D 46 -13.26 15.69 38.13
C ALA D 46 -11.77 15.57 37.84
N GLY D 47 -10.89 15.94 38.78
CA GLY D 47 -9.46 15.70 38.61
C GLY D 47 -9.05 14.26 38.91
N HIS D 48 -7.91 13.87 38.35
CA HIS D 48 -7.42 12.51 38.56
C HIS D 48 -6.93 12.28 40.01
N ALA D 49 -6.16 13.21 40.56
CA ALA D 49 -5.71 13.09 41.95
C ALA D 49 -6.89 13.01 42.90
N VAL D 50 -7.84 13.95 42.74
CA VAL D 50 -9.01 14.07 43.61
C VAL D 50 -9.93 12.85 43.51
N VAL D 51 -10.11 12.30 42.31
CA VAL D 51 -10.97 11.14 42.17
C VAL D 51 -10.31 9.91 42.79
N ARG D 52 -9.00 9.73 42.60
CA ARG D 52 -8.31 8.61 43.23
C ARG D 52 -8.43 8.66 44.76
N GLN D 53 -8.33 9.87 45.36
CA GLN D 53 -8.43 10.01 46.81
C GLN D 53 -9.80 9.60 47.33
N VAL D 54 -10.85 10.10 46.67
CA VAL D 54 -12.22 9.80 47.08
C VAL D 54 -12.50 8.30 46.95
N LEU D 55 -12.01 7.67 45.86
CA LEU D 55 -12.32 6.26 45.63
C LEU D 55 -11.56 5.34 46.54
N GLY D 56 -10.38 5.74 47.00
CA GLY D 56 -9.53 4.84 47.74
C GLY D 56 -9.59 4.99 49.25
N ASP D 57 -9.73 6.22 49.74
CA ASP D 57 -9.68 6.47 51.18
C ASP D 57 -11.01 6.12 51.85
N HIS D 58 -11.25 4.82 51.98
CA HIS D 58 -12.43 4.33 52.68
C HIS D 58 -12.47 4.72 54.16
N GLN D 59 -11.41 5.31 54.71
CA GLN D 59 -11.47 5.79 56.08
C GLN D 59 -12.26 7.07 56.21
N GLN D 60 -12.27 7.90 55.15
CA GLN D 60 -13.03 9.14 55.18
C GLN D 60 -14.25 9.12 54.26
N PHE D 61 -14.41 8.08 53.43
CA PHE D 61 -15.53 8.02 52.49
C PHE D 61 -16.18 6.65 52.54
N SER D 62 -17.49 6.64 52.67
CA SER D 62 -18.32 5.45 52.69
C SER D 62 -19.09 5.36 51.37
N THR D 63 -19.33 4.13 50.92
CA THR D 63 -20.09 3.87 49.71
C THR D 63 -21.51 3.42 50.00
N ARG D 64 -21.85 3.23 51.27
CA ARG D 64 -23.12 2.66 51.66
C ARG D 64 -24.25 3.66 51.39
N ARG D 65 -25.34 3.19 50.78
CA ARG D 65 -26.44 4.07 50.40
C ARG D 65 -27.19 4.53 51.65
N ARG D 66 -27.12 5.82 51.95
CA ARG D 66 -27.88 6.44 53.03
C ARG D 66 -29.15 7.06 52.44
N TRP D 67 -30.30 6.51 52.79
CA TRP D 67 -31.59 7.09 52.36
C TRP D 67 -31.95 8.32 53.19
N ILE D 73 -26.55 6.91 62.01
CA ILE D 73 -26.61 5.54 62.51
C ILE D 73 -26.32 4.57 61.38
N GLY D 74 -26.45 3.27 61.65
CA GLY D 74 -26.04 2.28 60.68
C GLY D 74 -27.14 1.41 60.10
N GLY D 75 -27.32 1.48 58.78
CA GLY D 75 -28.12 0.55 58.01
C GLY D 75 -27.26 -0.56 57.43
N LYS D 76 -26.21 -0.92 58.16
CA LYS D 76 -25.31 -2.01 57.77
C LYS D 76 -25.60 -3.28 58.58
N GLY D 77 -24.99 -4.37 58.16
CA GLY D 77 -25.07 -5.63 58.88
C GLY D 77 -26.43 -6.27 58.71
N ILE D 78 -27.03 -6.73 59.80
CA ILE D 78 -28.33 -7.39 59.71
C ILE D 78 -29.38 -6.45 59.13
N PHE D 79 -29.16 -5.13 59.24
CA PHE D 79 -30.08 -4.10 58.82
C PHE D 79 -29.87 -3.65 57.39
N ARG D 80 -29.26 -4.48 56.52
CA ARG D 80 -29.11 -3.97 55.15
C ARG D 80 -30.28 -4.47 54.29
N PRO D 81 -30.88 -3.58 53.49
CA PRO D 81 -32.03 -3.98 52.66
C PRO D 81 -31.69 -5.11 51.69
N ARG D 82 -32.64 -6.04 51.54
CA ARG D 82 -32.49 -7.20 50.65
C ARG D 82 -31.85 -6.84 49.32
N GLU D 83 -32.37 -5.79 48.68
CA GLU D 83 -31.91 -5.38 47.36
C GLU D 83 -30.41 -5.15 47.28
N LEU D 84 -29.73 -4.95 48.41
CA LEU D 84 -28.35 -4.52 48.42
C LEU D 84 -27.37 -5.56 48.97
N VAL D 85 -27.83 -6.74 49.38
CA VAL D 85 -26.99 -7.66 50.15
C VAL D 85 -25.75 -8.10 49.33
N GLY D 86 -25.95 -8.71 48.19
CA GLY D 86 -24.69 -9.14 47.55
C GLY D 86 -23.86 -8.07 46.84
N ASN D 87 -24.19 -6.80 47.03
CA ASN D 87 -23.63 -5.73 46.19
C ASN D 87 -22.44 -5.11 46.90
N LEU D 88 -21.24 -5.57 46.54
CA LEU D 88 -20.01 -5.18 47.21
C LEU D 88 -19.83 -3.67 47.23
N MET D 89 -20.47 -2.97 46.30
CA MET D 89 -20.31 -1.53 46.26
C MET D 89 -21.02 -0.84 47.42
N ASP D 90 -21.97 -1.52 48.10
CA ASP D 90 -22.65 -0.98 49.27
C ASP D 90 -21.98 -1.36 50.60
N TYR D 91 -20.79 -1.95 50.56
CA TYR D 91 -20.08 -2.43 51.75
C TYR D 91 -18.86 -1.56 52.03
N ASP D 92 -18.69 -1.18 53.29
CA ASP D 92 -17.40 -0.66 53.70
C ASP D 92 -16.63 -1.77 54.41
N PRO D 93 -15.31 -1.65 54.51
CA PRO D 93 -14.56 -2.55 55.41
C PRO D 93 -15.03 -2.40 56.84
N PRO D 94 -15.06 -3.50 57.62
CA PRO D 94 -14.64 -4.88 57.36
C PRO D 94 -15.71 -5.76 56.73
N GLU D 95 -16.92 -5.23 56.60
CA GLU D 95 -17.98 -5.97 55.92
C GLU D 95 -17.63 -6.22 54.46
N HIS D 96 -17.07 -5.21 53.78
CA HIS D 96 -16.58 -5.40 52.42
C HIS D 96 -15.43 -6.41 52.38
N THR D 97 -14.48 -6.31 53.33
CA THR D 97 -13.28 -7.16 53.31
C THR D 97 -13.65 -8.62 53.41
N ARG D 98 -14.65 -8.96 54.22
CA ARG D 98 -15.05 -10.36 54.37
C ARG D 98 -15.58 -10.90 53.06
N LEU D 99 -16.62 -10.26 52.51
CA LEU D 99 -17.32 -10.84 51.38
C LEU D 99 -16.43 -10.91 50.16
N ARG D 100 -15.58 -9.91 49.97
CA ARG D 100 -14.68 -9.94 48.82
C ARG D 100 -13.61 -11.03 48.96
N HIS D 101 -13.01 -11.15 50.16
CA HIS D 101 -12.08 -12.25 50.39
C HIS D 101 -12.74 -13.58 50.04
N LEU D 102 -14.00 -13.74 50.45
CA LEU D 102 -14.71 -15.01 50.25
C LEU D 102 -15.04 -15.25 48.77
N LEU D 103 -15.26 -14.19 47.98
CA LEU D 103 -15.51 -14.36 46.55
C LEU D 103 -14.24 -14.51 45.73
N THR D 104 -13.09 -14.27 46.33
CA THR D 104 -11.85 -14.31 45.55
C THR D 104 -11.56 -15.66 44.87
N PRO D 105 -11.87 -16.82 45.45
CA PRO D 105 -11.60 -18.08 44.71
C PRO D 105 -12.27 -18.19 43.34
N GLY D 106 -13.40 -17.52 43.13
CA GLY D 106 -14.05 -17.64 41.83
C GLY D 106 -13.46 -16.78 40.74
N PHE D 107 -12.41 -16.00 41.07
CA PHE D 107 -11.79 -15.08 40.13
C PHE D 107 -10.31 -15.36 39.97
N THR D 108 -9.89 -16.59 40.23
CA THR D 108 -8.48 -16.93 40.12
C THR D 108 -8.05 -16.96 38.64
N GLN D 109 -6.74 -16.86 38.42
CA GLN D 109 -6.26 -16.91 37.04
C GLN D 109 -6.56 -18.25 36.37
N ARG D 110 -6.58 -19.35 37.15
CA ARG D 110 -6.91 -20.62 36.52
C ARG D 110 -8.31 -20.62 35.94
N ARG D 111 -9.23 -19.88 36.55
CA ARG D 111 -10.60 -19.86 36.03
C ARG D 111 -10.67 -19.04 34.74
N MET D 112 -9.96 -17.91 34.69
CA MET D 112 -9.89 -17.13 33.47
C MET D 112 -9.39 -17.98 32.31
N ARG D 113 -8.34 -18.77 32.54
CA ARG D 113 -7.81 -19.62 31.47
C ARG D 113 -8.84 -20.64 30.98
N ARG D 114 -9.58 -21.25 31.89
CA ARG D 114 -10.56 -22.23 31.44
C ARG D 114 -11.76 -21.58 30.74
N LEU D 115 -12.04 -20.31 31.00
CA LEU D 115 -13.15 -19.64 30.35
C LEU D 115 -12.79 -19.06 29.00
N ALA D 116 -11.51 -18.85 28.73
CA ALA D 116 -11.09 -18.30 27.44
C ALA D 116 -11.56 -19.15 26.26
N PRO D 117 -11.41 -20.49 26.24
CA PRO D 117 -11.99 -21.28 25.14
C PRO D 117 -13.48 -21.10 25.03
N ARG D 118 -14.16 -20.94 26.17
CA ARG D 118 -15.60 -20.72 26.14
C ARG D 118 -15.94 -19.38 25.52
N ILE D 119 -15.09 -18.37 25.75
CA ILE D 119 -15.39 -17.05 25.21
C ILE D 119 -15.17 -17.05 23.70
N GLU D 120 -14.12 -17.72 23.24
CA GLU D 120 -13.90 -17.90 21.80
C GLU D 120 -15.13 -18.52 21.14
N GLU D 121 -15.73 -19.53 21.77
CA GLU D 121 -16.90 -20.19 21.19
C GLU D 121 -18.11 -19.27 21.15
N ILE D 122 -18.29 -18.46 22.19
CA ILE D 122 -19.43 -17.55 22.24
C ILE D 122 -19.31 -16.50 21.15
N VAL D 123 -18.10 -15.99 20.94
CA VAL D 123 -17.88 -14.97 19.93
C VAL D 123 -18.09 -15.55 18.54
N THR D 124 -17.56 -16.76 18.29
CA THR D 124 -17.71 -17.40 16.99
C THR D 124 -19.17 -17.56 16.59
N ASP D 125 -20.00 -18.05 17.52
CA ASP D 125 -21.42 -18.25 17.22
C ASP D 125 -22.09 -16.94 16.87
N ARG D 126 -21.69 -15.86 17.53
CA ARG D 126 -22.28 -14.57 17.21
C ARG D 126 -21.75 -14.03 15.90
N LEU D 127 -20.45 -14.23 15.62
CA LEU D 127 -19.92 -13.94 14.30
C LEU D 127 -20.64 -14.74 13.23
N ASP D 128 -20.92 -16.02 13.51
CA ASP D 128 -21.66 -16.85 12.55
C ASP D 128 -23.01 -16.24 12.22
N ALA D 129 -23.73 -15.79 13.25
CA ALA D 129 -25.03 -15.15 13.04
C ALA D 129 -24.90 -13.92 12.16
N MET D 130 -23.82 -13.16 12.36
CA MET D 130 -23.57 -12.01 11.50
C MET D 130 -23.31 -12.43 10.06
N GLU D 131 -22.53 -13.50 9.87
CA GLU D 131 -22.25 -13.97 8.52
C GLU D 131 -23.50 -14.54 7.87
N GLN D 132 -24.29 -15.31 8.61
CA GLN D 132 -25.51 -15.90 8.05
C GLN D 132 -26.52 -14.82 7.67
N ALA D 133 -26.70 -13.81 8.54
CA ALA D 133 -27.59 -12.70 8.21
C ALA D 133 -27.12 -11.92 6.99
N GLY D 134 -25.86 -12.09 6.58
CA GLY D 134 -25.32 -11.44 5.42
C GLY D 134 -25.22 -9.94 5.62
N PRO D 135 -24.32 -9.29 4.89
CA PRO D 135 -24.17 -7.83 5.01
C PRO D 135 -25.27 -7.14 4.22
N PRO D 136 -25.67 -5.91 4.63
CA PRO D 136 -25.23 -5.24 5.86
C PRO D 136 -26.02 -5.73 7.09
N ALA D 137 -25.55 -5.49 8.32
CA ALA D 137 -26.23 -5.99 9.51
C ALA D 137 -25.88 -5.13 10.71
N ASP D 138 -26.71 -5.22 11.76
CA ASP D 138 -26.52 -4.41 12.97
C ASP D 138 -25.56 -5.13 13.92
N LEU D 139 -24.36 -4.58 14.10
CA LEU D 139 -23.39 -5.17 15.02
C LEU D 139 -23.90 -5.15 16.45
N ILE D 140 -24.73 -4.15 16.80
CA ILE D 140 -25.17 -4.01 18.18
C ILE D 140 -26.18 -5.09 18.53
N GLU D 141 -27.17 -5.33 17.67
CA GLU D 141 -28.19 -6.31 18.00
C GLU D 141 -27.65 -7.73 17.94
N LEU D 142 -26.71 -8.01 17.06
CA LEU D 142 -26.31 -9.39 16.82
C LEU D 142 -25.03 -9.81 17.52
N PHE D 143 -24.17 -8.86 17.90
CA PHE D 143 -22.85 -9.18 18.45
C PHE D 143 -22.64 -8.51 19.80
N ALA D 144 -22.65 -7.17 19.81
CA ALA D 144 -22.32 -6.43 21.02
C ALA D 144 -23.29 -6.69 22.16
N ASP D 145 -24.58 -6.88 21.87
CA ASP D 145 -25.58 -7.10 22.92
C ASP D 145 -25.70 -8.56 23.37
N GLU D 146 -25.08 -9.51 22.68
CA GLU D 146 -25.23 -10.93 23.03
C GLU D 146 -24.03 -11.52 23.75
N VAL D 147 -22.82 -11.08 23.41
CA VAL D 147 -21.63 -11.67 24.01
C VAL D 147 -21.60 -11.52 25.53
N PRO D 148 -21.74 -10.30 26.12
CA PRO D 148 -21.47 -10.17 27.56
C PRO D 148 -22.35 -11.03 28.44
N GLY D 149 -23.63 -11.16 28.11
CA GLY D 149 -24.53 -11.98 28.91
C GLY D 149 -24.24 -13.46 28.79
N ALA D 150 -23.83 -13.93 27.60
CA ALA D 150 -23.46 -15.33 27.48
C ALA D 150 -22.13 -15.62 28.19
N VAL D 151 -21.22 -14.66 28.22
CA VAL D 151 -19.96 -14.85 28.94
C VAL D 151 -20.24 -14.91 30.45
N LEU D 152 -21.11 -14.02 30.96
CA LEU D 152 -21.45 -14.01 32.39
C LEU D 152 -22.11 -15.31 32.81
N CYS D 153 -22.95 -15.88 31.95
CA CYS D 153 -23.50 -17.20 32.23
C CYS D 153 -22.40 -18.23 32.41
N GLU D 154 -21.38 -18.18 31.57
CA GLU D 154 -20.24 -19.08 31.76
C GLU D 154 -19.55 -18.83 33.10
N LEU D 155 -19.36 -17.55 33.45
CA LEU D 155 -18.69 -17.18 34.69
C LEU D 155 -19.35 -17.84 35.90
N ILE D 156 -20.64 -17.58 36.10
CA ILE D 156 -21.32 -18.07 37.31
C ILE D 156 -21.84 -19.50 37.17
N GLY D 157 -21.80 -20.09 35.99
CA GLY D 157 -22.15 -21.48 35.83
C GLY D 157 -23.58 -21.80 35.41
N VAL D 158 -24.29 -20.86 34.82
CA VAL D 158 -25.63 -21.21 34.33
C VAL D 158 -25.50 -22.34 33.30
N PRO D 159 -26.37 -23.36 33.31
CA PRO D 159 -26.28 -24.42 32.30
C PRO D 159 -26.31 -23.85 30.89
N ARG D 160 -25.77 -24.60 29.92
CA ARG D 160 -25.76 -24.10 28.55
C ARG D 160 -27.18 -24.10 27.96
N ASP D 161 -27.99 -25.09 28.32
CA ASP D 161 -29.34 -25.18 27.76
C ASP D 161 -30.28 -24.11 28.31
N ASP D 162 -30.01 -23.60 29.51
CA ASP D 162 -30.88 -22.65 30.19
C ASP D 162 -30.48 -21.20 29.96
N ARG D 163 -29.47 -20.92 29.14
CA ARG D 163 -29.00 -19.56 28.95
C ARG D 163 -30.12 -18.62 28.48
N ASP D 164 -31.03 -19.11 27.62
CA ASP D 164 -32.07 -18.24 27.06
C ASP D 164 -33.16 -17.93 28.08
N MET D 165 -33.62 -18.92 28.84
CA MET D 165 -34.56 -18.63 29.91
C MET D 165 -33.92 -17.78 31.00
N PHE D 166 -32.65 -18.02 31.32
CA PHE D 166 -31.99 -17.26 32.37
C PHE D 166 -31.91 -15.78 32.01
N MET D 167 -31.38 -15.45 30.83
CA MET D 167 -31.32 -14.05 30.40
C MET D 167 -32.72 -13.48 30.22
N LYS D 168 -33.69 -14.33 29.95
CA LYS D 168 -35.08 -13.87 29.93
C LYS D 168 -35.48 -13.35 31.29
N LEU D 169 -35.28 -14.16 32.33
CA LEU D 169 -35.68 -13.77 33.68
C LEU D 169 -34.87 -12.60 34.21
N CYS D 170 -33.59 -12.50 33.84
CA CYS D 170 -32.75 -11.44 34.41
C CYS D 170 -33.15 -10.06 33.89
N HIS D 171 -33.25 -9.90 32.56
CA HIS D 171 -33.69 -8.63 31.99
C HIS D 171 -35.16 -8.34 32.31
N GLY D 172 -36.00 -9.39 32.36
CA GLY D 172 -37.42 -9.17 32.52
C GLY D 172 -37.80 -8.50 33.83
N HIS D 173 -37.19 -8.94 34.94
CA HIS D 173 -37.55 -8.43 36.26
C HIS D 173 -37.17 -6.97 36.46
N LEU D 174 -36.47 -6.36 35.51
CA LEU D 174 -36.07 -4.97 35.60
C LEU D 174 -36.54 -4.16 34.40
N ASP D 175 -37.15 -4.82 33.42
CA ASP D 175 -37.72 -4.17 32.24
C ASP D 175 -38.94 -3.38 32.70
N ALA D 176 -38.80 -2.06 32.78
CA ALA D 176 -39.87 -1.19 33.29
C ALA D 176 -41.14 -1.29 32.45
N SER D 177 -41.06 -1.85 31.23
CA SER D 177 -42.25 -2.09 30.43
C SER D 177 -43.19 -3.12 31.06
N LEU D 178 -42.75 -3.86 32.06
CA LEU D 178 -43.61 -4.84 32.71
C LEU D 178 -44.30 -4.21 33.92
N SER D 179 -45.48 -4.74 34.25
CA SER D 179 -46.23 -4.27 35.40
C SER D 179 -45.53 -4.72 36.68
N GLN D 180 -45.99 -4.18 37.81
CA GLN D 180 -45.46 -4.63 39.09
C GLN D 180 -45.79 -6.10 39.33
N LYS D 181 -46.94 -6.56 38.84
CA LYS D 181 -47.27 -7.98 38.93
C LYS D 181 -46.33 -8.82 38.06
N ARG D 182 -46.01 -8.33 36.86
CA ARG D 182 -45.14 -9.09 35.97
C ARG D 182 -43.69 -9.06 36.45
N ARG D 183 -43.15 -7.87 36.70
CA ARG D 183 -41.75 -7.75 37.08
C ARG D 183 -41.46 -8.49 38.39
N ALA D 184 -42.40 -8.44 39.34
CA ALA D 184 -42.21 -9.15 40.60
C ALA D 184 -42.32 -10.66 40.43
N ALA D 185 -43.17 -11.11 39.48
CA ALA D 185 -43.26 -12.54 39.20
C ALA D 185 -41.98 -13.07 38.58
N LEU D 186 -41.36 -12.29 37.69
CA LEU D 186 -40.09 -12.70 37.12
C LEU D 186 -38.96 -12.58 38.13
N GLY D 187 -39.07 -11.64 39.09
CA GLY D 187 -38.10 -11.56 40.16
C GLY D 187 -38.14 -12.76 41.09
N ASP D 188 -39.34 -13.28 41.34
CA ASP D 188 -39.48 -14.46 42.18
C ASP D 188 -38.95 -15.71 41.48
N LYS D 189 -39.20 -15.83 40.17
CA LYS D 189 -38.66 -16.97 39.42
C LYS D 189 -37.15 -16.89 39.27
N PHE D 190 -36.62 -15.67 39.14
CA PHE D 190 -35.17 -15.47 39.12
C PHE D 190 -34.55 -15.97 40.43
N SER D 191 -35.03 -15.48 41.57
CA SER D 191 -34.49 -15.89 42.85
C SER D 191 -34.73 -17.37 43.15
N ARG D 192 -35.71 -17.99 42.50
CA ARG D 192 -35.90 -19.42 42.67
C ARG D 192 -34.81 -20.20 41.94
N TYR D 193 -34.52 -19.84 40.69
CA TYR D 193 -33.54 -20.57 39.90
C TYR D 193 -32.16 -20.49 40.52
N LEU D 194 -31.75 -19.29 40.95
CA LEU D 194 -30.44 -19.11 41.56
C LEU D 194 -30.31 -19.88 42.86
N LEU D 195 -31.28 -19.71 43.77
CA LEU D 195 -31.23 -20.46 45.03
C LEU D 195 -31.25 -21.96 44.76
N ALA D 196 -32.00 -22.40 43.74
CA ALA D 196 -31.98 -23.80 43.36
C ALA D 196 -30.58 -24.21 42.92
N MET D 197 -29.97 -23.40 42.04
CA MET D 197 -28.64 -23.71 41.54
C MET D 197 -27.61 -23.73 42.66
N ILE D 198 -27.68 -22.76 43.58
CA ILE D 198 -26.70 -22.70 44.67
C ILE D 198 -26.83 -23.94 45.54
N ALA D 199 -28.05 -24.31 45.89
CA ALA D 199 -28.29 -25.50 46.70
C ALA D 199 -27.82 -26.76 45.96
N ARG D 200 -28.01 -26.81 44.65
CA ARG D 200 -27.45 -27.89 43.86
C ARG D 200 -25.93 -27.90 43.97
N GLU D 201 -25.31 -26.73 43.80
CA GLU D 201 -23.86 -26.63 43.86
C GLU D 201 -23.33 -26.81 45.27
N ARG D 202 -24.14 -26.47 46.28
CA ARG D 202 -23.71 -26.71 47.66
C ARG D 202 -23.61 -28.21 47.95
N LYS D 203 -24.68 -28.95 47.66
CA LYS D 203 -24.72 -30.38 47.95
C LYS D 203 -23.66 -31.16 47.17
N ASP D 204 -23.33 -30.72 45.96
CA ASP D 204 -22.31 -31.38 45.15
C ASP D 204 -21.57 -30.32 44.34
N PRO D 205 -20.48 -29.77 44.89
CA PRO D 205 -19.76 -28.71 44.16
C PRO D 205 -18.72 -29.27 43.19
N GLY D 206 -18.96 -29.05 41.89
CA GLY D 206 -17.99 -29.40 40.87
C GLY D 206 -16.98 -28.31 40.67
N ASP D 207 -16.69 -27.97 39.42
CA ASP D 207 -15.80 -26.86 39.08
C ASP D 207 -16.65 -25.74 38.49
N GLY D 208 -16.66 -24.59 39.16
CA GLY D 208 -17.44 -23.47 38.72
C GLY D 208 -17.34 -22.36 39.74
N PHE D 209 -18.13 -21.30 39.52
CA PHE D 209 -18.07 -20.16 40.43
C PHE D 209 -18.53 -20.55 41.83
N ILE D 210 -19.78 -21.01 41.94
CA ILE D 210 -20.34 -21.39 43.23
C ILE D 210 -19.55 -22.54 43.84
N GLY D 211 -19.24 -23.57 43.03
CA GLY D 211 -18.54 -24.73 43.55
C GLY D 211 -17.19 -24.37 44.15
N SER D 212 -16.41 -23.57 43.43
CA SER D 212 -15.09 -23.18 43.94
C SER D 212 -15.20 -22.36 45.23
N ILE D 213 -16.28 -21.60 45.40
CA ILE D 213 -16.41 -20.76 46.58
C ILE D 213 -16.84 -21.59 47.80
N VAL D 214 -17.89 -22.41 47.65
CA VAL D 214 -18.39 -23.16 48.81
C VAL D 214 -17.41 -24.26 49.19
N ALA D 215 -16.62 -24.77 48.24
CA ALA D 215 -15.64 -25.78 48.56
C ALA D 215 -14.58 -25.26 49.52
N GLU D 216 -14.44 -23.95 49.65
CA GLU D 216 -13.44 -23.37 50.53
C GLU D 216 -14.00 -22.56 51.69
N HIS D 217 -15.23 -22.07 51.59
CA HIS D 217 -15.83 -21.27 52.65
C HIS D 217 -17.28 -21.68 52.92
N GLY D 218 -17.60 -22.96 52.77
CA GLY D 218 -18.97 -23.40 52.84
C GLY D 218 -19.70 -23.03 54.11
N ASP D 219 -18.97 -22.85 55.21
CA ASP D 219 -19.60 -22.56 56.49
C ASP D 219 -19.77 -21.07 56.76
N THR D 220 -19.04 -20.21 56.04
CA THR D 220 -19.03 -18.78 56.34
C THR D 220 -19.96 -17.95 55.47
N ILE D 221 -20.30 -18.42 54.26
CA ILE D 221 -21.08 -17.63 53.30
C ILE D 221 -22.45 -18.28 53.14
N THR D 222 -23.49 -17.45 53.23
CA THR D 222 -24.88 -17.87 53.14
C THR D 222 -25.38 -17.88 51.69
N ASP D 223 -26.45 -18.65 51.48
CA ASP D 223 -27.09 -18.69 50.16
C ASP D 223 -27.66 -17.34 49.76
N GLU D 224 -28.21 -16.59 50.72
CA GLU D 224 -28.76 -15.27 50.41
C GLU D 224 -27.69 -14.31 49.89
N GLU D 225 -26.47 -14.41 50.44
CA GLU D 225 -25.37 -13.58 49.91
C GLU D 225 -24.95 -14.03 48.51
N LEU D 226 -24.85 -15.34 48.28
CA LEU D 226 -24.46 -15.81 46.95
C LEU D 226 -25.49 -15.46 45.88
N ARG D 227 -26.78 -15.54 46.21
CA ARG D 227 -27.82 -15.10 45.28
C ARG D 227 -27.64 -13.62 44.95
N GLY D 228 -27.54 -12.78 45.99
CA GLY D 228 -27.29 -11.37 45.76
C GLY D 228 -26.06 -11.16 44.91
N VAL D 229 -25.01 -11.95 45.15
CA VAL D 229 -23.75 -11.79 44.43
C VAL D 229 -23.91 -12.21 42.97
N CYS D 230 -24.58 -13.34 42.71
CA CYS D 230 -24.84 -13.73 41.33
C CYS D 230 -25.67 -12.68 40.59
N VAL D 231 -26.72 -12.18 41.22
CA VAL D 231 -27.53 -11.14 40.59
C VAL D 231 -26.68 -9.92 40.28
N GLN D 232 -25.91 -9.43 41.25
CA GLN D 232 -25.17 -8.19 41.04
C GLN D 232 -24.14 -8.32 39.92
N LEU D 233 -23.56 -9.52 39.73
CA LEU D 233 -22.57 -9.70 38.66
C LEU D 233 -23.22 -9.58 37.29
N MET D 234 -24.42 -10.14 37.12
CA MET D 234 -25.16 -9.97 35.87
C MET D 234 -25.35 -8.49 35.56
N LEU D 235 -25.73 -7.72 36.58
CA LEU D 235 -25.94 -6.29 36.42
C LEU D 235 -24.62 -5.53 36.31
N ALA D 236 -23.52 -6.09 36.78
CA ALA D 236 -22.25 -5.36 36.73
C ALA D 236 -21.56 -5.49 35.37
N GLY D 237 -21.72 -6.61 34.68
CA GLY D 237 -20.88 -6.85 33.53
C GLY D 237 -21.49 -6.89 32.15
N ASP D 238 -22.71 -6.38 32.00
CA ASP D 238 -23.45 -6.45 30.75
C ASP D 238 -23.48 -5.11 30.03
N ASP D 239 -24.20 -4.13 30.57
CA ASP D 239 -24.28 -2.79 29.99
C ASP D 239 -22.88 -2.20 29.80
N ASN D 240 -21.97 -2.48 30.72
CA ASN D 240 -20.60 -1.96 30.60
C ASN D 240 -19.90 -2.53 29.37
N VAL D 241 -19.97 -3.85 29.19
CA VAL D 241 -19.18 -4.52 28.17
C VAL D 241 -19.82 -4.36 26.79
N SER D 242 -21.13 -4.49 26.69
CA SER D 242 -21.81 -4.22 25.42
C SER D 242 -21.51 -2.80 24.94
N GLY D 243 -21.47 -1.84 25.86
CA GLY D 243 -21.05 -0.50 25.50
C GLY D 243 -19.64 -0.46 24.95
N MET D 244 -18.70 -1.17 25.61
CA MET D 244 -17.31 -1.15 25.16
C MET D 244 -17.16 -1.72 23.76
N ILE D 245 -17.92 -2.77 23.44
CA ILE D 245 -17.77 -3.42 22.14
C ILE D 245 -18.22 -2.48 21.02
N GLY D 246 -19.41 -1.89 21.15
CA GLY D 246 -19.89 -0.97 20.12
C GLY D 246 -19.02 0.26 19.97
N LEU D 247 -18.77 0.98 21.05
CA LEU D 247 -17.94 2.18 20.95
C LEU D 247 -16.53 1.85 20.51
N GLY D 248 -16.03 0.67 20.91
CA GLY D 248 -14.68 0.28 20.52
C GLY D 248 -14.55 0.06 19.03
N VAL D 249 -15.49 -0.70 18.46
CA VAL D 249 -15.48 -0.90 17.01
C VAL D 249 -15.59 0.44 16.29
N LEU D 250 -16.49 1.32 16.72
CA LEU D 250 -16.59 2.63 16.09
C LEU D 250 -15.34 3.47 16.37
N ALA D 251 -14.75 3.37 17.56
CA ALA D 251 -13.50 4.10 17.78
C ALA D 251 -12.44 3.64 16.79
N LEU D 252 -12.30 2.32 16.56
CA LEU D 252 -11.26 1.84 15.64
C LEU D 252 -11.59 2.18 14.18
N LEU D 253 -12.86 2.11 13.77
CA LEU D 253 -13.16 2.52 12.40
C LEU D 253 -12.86 3.99 12.18
N ARG D 254 -13.03 4.84 13.21
CA ARG D 254 -12.70 6.26 13.11
C ARG D 254 -11.20 6.54 13.23
N HIS D 255 -10.40 5.56 13.61
CA HIS D 255 -8.94 5.69 13.64
C HIS D 255 -8.37 4.47 12.93
N PRO D 256 -8.60 4.36 11.62
CA PRO D 256 -8.38 3.08 10.93
C PRO D 256 -6.94 2.61 10.97
N GLU D 257 -5.96 3.50 11.16
CA GLU D 257 -4.57 3.05 11.21
C GLU D 257 -4.24 2.34 12.52
N GLN D 258 -5.15 2.30 13.48
CA GLN D 258 -4.91 1.62 14.75
C GLN D 258 -5.55 0.25 14.81
N ILE D 259 -6.26 -0.18 13.74
CA ILE D 259 -6.77 -1.55 13.70
C ILE D 259 -5.62 -2.56 13.74
N ALA D 260 -4.44 -2.15 13.26
CA ALA D 260 -3.31 -3.07 13.18
C ALA D 260 -2.91 -3.59 14.55
N ALA D 261 -3.11 -2.81 15.62
CA ALA D 261 -2.76 -3.28 16.96
C ALA D 261 -3.58 -4.49 17.39
N LEU D 262 -4.69 -4.80 16.71
CA LEU D 262 -5.51 -5.96 17.04
C LEU D 262 -5.22 -7.17 16.16
N ARG D 263 -4.20 -7.12 15.29
CA ARG D 263 -3.79 -8.28 14.50
C ARG D 263 -2.27 -8.42 14.61
N GLY D 264 -1.81 -8.92 15.75
CA GLY D 264 -0.41 -9.14 16.03
C GLY D 264 -0.29 -10.01 17.27
N ASP D 265 0.65 -9.71 18.17
CA ASP D 265 0.74 -10.56 19.33
C ASP D 265 -0.28 -10.11 20.38
N ASP D 266 -0.39 -10.87 21.48
CA ASP D 266 -1.43 -10.59 22.47
C ASP D 266 -1.11 -9.38 23.34
N GLN D 267 0.17 -9.06 23.56
CA GLN D 267 0.52 -7.86 24.30
C GLN D 267 0.04 -6.61 23.55
N SER D 268 0.26 -6.58 22.23
CA SER D 268 -0.21 -5.49 21.40
C SER D 268 -1.72 -5.33 21.50
N ALA D 269 -2.45 -6.45 21.48
CA ALA D 269 -3.89 -6.39 21.67
C ALA D 269 -4.27 -5.94 23.08
N ASP D 270 -3.58 -6.43 24.11
CA ASP D 270 -3.95 -6.09 25.49
C ASP D 270 -3.73 -4.60 25.78
N ARG D 271 -2.64 -4.05 25.25
CA ARG D 271 -2.33 -2.62 25.36
C ARG D 271 -3.41 -1.77 24.69
N ALA D 272 -3.89 -2.21 23.52
CA ALA D 272 -4.95 -1.51 22.80
C ALA D 272 -6.26 -1.54 23.58
N VAL D 273 -6.64 -2.72 24.08
CA VAL D 273 -7.87 -2.85 24.85
C VAL D 273 -7.85 -1.91 26.04
N ASP D 274 -6.71 -1.81 26.73
CA ASP D 274 -6.69 -0.95 27.90
C ASP D 274 -6.72 0.53 27.52
N GLU D 275 -6.10 0.91 26.39
CA GLU D 275 -6.21 2.30 25.93
C GLU D 275 -7.64 2.62 25.53
N LEU D 276 -8.33 1.68 24.86
CA LEU D 276 -9.73 1.92 24.49
C LEU D 276 -10.61 2.07 25.75
N ILE D 277 -10.38 1.24 26.77
CA ILE D 277 -11.10 1.40 28.03
C ILE D 277 -10.90 2.79 28.61
N ARG D 278 -9.66 3.30 28.61
CA ARG D 278 -9.38 4.62 29.19
C ARG D 278 -10.00 5.74 28.37
N TYR D 279 -9.83 5.67 27.03
CA TYR D 279 -10.28 6.76 26.15
C TYR D 279 -11.78 6.90 26.17
N LEU D 280 -12.49 5.76 26.16
CA LEU D 280 -13.94 5.76 26.10
C LEU D 280 -14.57 5.90 27.46
N THR D 281 -14.00 5.26 28.49
CA THR D 281 -14.48 5.26 29.88
C THR D 281 -16.01 5.18 29.94
N VAL D 282 -16.59 4.02 29.63
CA VAL D 282 -18.04 3.96 29.46
C VAL D 282 -18.84 4.33 30.71
N PRO D 283 -18.42 3.99 31.94
CA PRO D 283 -19.27 4.42 33.08
C PRO D 283 -19.00 5.89 33.42
N TYR D 284 -20.08 6.65 33.58
CA TYR D 284 -19.97 8.07 33.88
C TYR D 284 -19.47 8.33 35.30
N ALA D 285 -19.82 7.46 36.24
CA ALA D 285 -19.51 7.68 37.65
C ALA D 285 -19.49 6.36 38.40
N PRO D 286 -18.63 6.21 39.39
CA PRO D 286 -18.77 5.06 40.29
C PRO D 286 -19.85 5.31 41.31
N THR D 287 -19.93 4.40 42.27
CA THR D 287 -20.89 4.52 43.36
C THR D 287 -20.70 5.84 44.08
N PRO D 288 -21.78 6.57 44.38
CA PRO D 288 -21.65 7.81 45.16
C PRO D 288 -20.96 7.56 46.50
N ARG D 289 -20.07 8.48 46.86
CA ARG D 289 -19.36 8.45 48.13
C ARG D 289 -19.96 9.47 49.09
N THR D 290 -19.92 9.13 50.38
CA THR D 290 -20.38 10.01 51.46
C THR D 290 -19.25 10.24 52.45
N ALA D 291 -19.05 11.49 52.83
CA ALA D 291 -18.00 11.82 53.80
C ALA D 291 -18.43 11.36 55.18
N VAL D 292 -17.61 10.49 55.79
CA VAL D 292 -17.84 10.04 57.16
C VAL D 292 -17.36 11.06 58.20
N GLU D 293 -16.50 11.98 57.81
CA GLU D 293 -16.03 13.04 58.70
C GLU D 293 -15.65 14.21 57.81
N ASP D 294 -15.33 15.34 58.43
CA ASP D 294 -14.80 16.46 57.65
C ASP D 294 -13.47 16.08 57.03
N VAL D 295 -13.34 16.30 55.73
CA VAL D 295 -12.17 15.83 55.00
C VAL D 295 -11.74 16.92 54.03
N MET D 296 -10.43 17.09 53.92
CA MET D 296 -9.84 18.06 53.02
C MET D 296 -9.69 17.40 51.65
N VAL D 297 -10.18 18.06 50.60
CA VAL D 297 -10.08 17.59 49.22
C VAL D 297 -9.78 18.79 48.37
N ALA D 298 -8.65 18.77 47.66
CA ALA D 298 -8.24 19.87 46.76
C ALA D 298 -8.40 21.23 47.43
N ASP D 299 -7.88 21.35 48.66
CA ASP D 299 -7.88 22.61 49.39
C ASP D 299 -9.30 23.13 49.70
N GLN D 300 -10.29 22.24 49.71
CA GLN D 300 -11.66 22.54 50.10
C GLN D 300 -12.16 21.44 51.02
N VAL D 301 -13.00 21.81 51.98
CA VAL D 301 -13.51 20.84 52.95
C VAL D 301 -14.84 20.28 52.48
N ILE D 302 -14.95 18.96 52.51
CA ILE D 302 -16.20 18.24 52.27
C ILE D 302 -16.70 17.79 53.64
N LYS D 303 -17.83 18.33 54.06
CA LYS D 303 -18.32 18.07 55.41
C LYS D 303 -18.92 16.67 55.53
N GLU D 304 -19.02 16.23 56.78
CA GLU D 304 -19.62 14.94 57.06
C GLU D 304 -21.05 14.91 56.55
N GLY D 305 -21.45 13.77 55.98
CA GLY D 305 -22.77 13.64 55.42
C GLY D 305 -22.96 14.17 54.02
N GLU D 306 -22.00 14.92 53.49
CA GLU D 306 -22.08 15.41 52.11
C GLU D 306 -21.65 14.32 51.13
N THR D 307 -22.19 14.40 49.92
CA THR D 307 -21.98 13.40 48.88
C THR D 307 -20.98 13.89 47.84
N VAL D 308 -20.24 12.95 47.26
CA VAL D 308 -19.24 13.23 46.25
C VAL D 308 -19.48 12.30 45.05
N LEU D 309 -19.70 12.88 43.88
CA LEU D 309 -19.78 12.12 42.64
C LEU D 309 -18.43 12.20 41.93
N CYS D 310 -17.96 11.07 41.41
CA CYS D 310 -16.69 11.03 40.69
C CYS D 310 -16.96 10.94 39.20
N SER D 311 -16.33 11.84 38.45
CA SER D 311 -16.38 11.80 36.99
C SER D 311 -15.20 10.98 36.50
N LEU D 312 -15.43 9.70 36.22
CA LEU D 312 -14.37 8.89 35.62
C LEU D 312 -13.93 9.40 34.26
N PRO D 313 -14.82 9.85 33.34
CA PRO D 313 -14.31 10.32 32.05
C PRO D 313 -13.44 11.56 32.17
N MET D 314 -13.82 12.55 33.01
CA MET D 314 -12.96 13.72 33.18
C MET D 314 -11.65 13.33 33.85
N ALA D 315 -11.70 12.44 34.82
CA ALA D 315 -10.47 12.00 35.48
C ALA D 315 -9.52 11.37 34.47
N ASN D 316 -10.05 10.57 33.54
CA ASN D 316 -9.22 9.88 32.55
C ASN D 316 -8.80 10.76 31.38
N ARG D 317 -9.24 12.01 31.32
CA ARG D 317 -8.70 13.03 30.42
C ARG D 317 -7.82 14.05 31.14
N ASP D 318 -7.58 13.90 32.44
CA ASP D 318 -6.76 14.84 33.20
C ASP D 318 -5.35 14.86 32.63
N ARG D 319 -4.79 16.05 32.44
CA ARG D 319 -3.44 16.11 31.89
C ARG D 319 -2.40 15.57 32.86
N ALA D 320 -2.75 15.39 34.13
CA ALA D 320 -1.84 14.78 35.09
C ALA D 320 -1.65 13.30 34.83
N LEU D 321 -2.68 12.62 34.30
CA LEU D 321 -2.55 11.21 33.98
C LEU D 321 -1.64 10.97 32.77
N LEU D 322 -1.74 11.82 31.72
CA LEU D 322 -0.87 11.72 30.53
C LEU D 322 -1.05 12.91 29.59
N PRO D 323 0.02 13.32 28.88
CA PRO D 323 -0.13 14.42 27.90
C PRO D 323 -0.95 14.00 26.69
N ASP D 324 -1.70 14.96 26.17
CA ASP D 324 -2.71 14.78 25.12
C ASP D 324 -3.58 13.54 25.41
N ALA D 325 -4.18 13.57 26.61
CA ALA D 325 -5.12 12.52 27.02
C ALA D 325 -6.32 12.42 26.09
N ASP D 326 -6.66 13.50 25.38
CA ASP D 326 -7.82 13.52 24.49
C ASP D 326 -7.57 12.86 23.14
N ARG D 327 -6.40 12.29 22.92
CA ARG D 327 -6.07 11.59 21.70
C ARG D 327 -6.11 10.09 21.99
N LEU D 328 -6.52 9.31 21.00
CA LEU D 328 -6.50 7.85 21.10
C LEU D 328 -5.23 7.32 20.46
N ASP D 329 -4.50 6.47 21.19
CA ASP D 329 -3.21 5.94 20.70
C ASP D 329 -3.00 4.56 21.32
N VAL D 330 -3.45 3.52 20.60
CA VAL D 330 -3.38 2.15 21.10
C VAL D 330 -1.97 1.59 21.25
N THR D 331 -0.93 2.31 20.81
CA THR D 331 0.44 1.82 21.04
C THR D 331 1.04 2.28 22.36
N ARG D 332 0.36 3.15 23.10
CA ARG D 332 0.98 3.77 24.27
C ARG D 332 0.97 2.81 25.45
N THR D 333 1.90 3.07 26.40
CA THR D 333 2.09 2.23 27.59
C THR D 333 0.98 2.51 28.60
N PRO D 334 0.36 1.46 29.18
CA PRO D 334 -0.78 1.68 30.08
C PRO D 334 -0.40 2.62 31.22
N VAL D 335 -1.40 3.36 31.69
CA VAL D 335 -1.28 4.34 32.77
C VAL D 335 -2.33 4.03 33.83
N PRO D 336 -2.22 4.61 35.05
CA PRO D 336 -3.18 4.28 36.14
C PRO D 336 -4.53 4.98 35.98
N HIS D 337 -5.27 4.66 34.92
CA HIS D 337 -6.59 5.25 34.74
C HIS D 337 -7.58 4.71 35.79
N VAL D 338 -8.69 5.42 35.94
CA VAL D 338 -9.71 5.07 36.92
C VAL D 338 -10.98 4.48 36.26
N ALA D 339 -10.89 4.00 35.02
CA ALA D 339 -12.09 3.48 34.36
C ALA D 339 -12.64 2.25 35.08
N PHE D 340 -11.80 1.51 35.79
CA PHE D 340 -12.20 0.38 36.63
C PHE D 340 -12.22 0.75 38.12
N GLY D 341 -12.09 2.02 38.46
CA GLY D 341 -11.98 2.42 39.85
C GLY D 341 -10.55 2.36 40.36
N HIS D 342 -10.45 2.29 41.69
CA HIS D 342 -9.17 2.37 42.38
C HIS D 342 -9.35 1.94 43.83
N GLY D 343 -8.40 1.17 44.34
CA GLY D 343 -8.39 0.73 45.74
C GLY D 343 -9.22 -0.52 45.98
N ILE D 344 -9.89 -0.61 47.13
CA ILE D 344 -10.53 -1.84 47.53
C ILE D 344 -11.69 -2.23 46.62
N HIS D 345 -12.40 -1.26 46.03
CA HIS D 345 -13.54 -1.61 45.20
C HIS D 345 -13.18 -1.84 43.73
N HIS D 346 -11.89 -1.82 43.40
CA HIS D 346 -11.42 -2.03 42.04
C HIS D 346 -12.17 -3.19 41.39
N CYS D 347 -12.66 -2.94 40.16
CA CYS D 347 -13.61 -3.82 39.47
C CYS D 347 -13.18 -5.29 39.50
N LEU D 348 -14.04 -6.13 40.08
CA LEU D 348 -13.69 -7.55 40.20
C LEU D 348 -13.65 -8.22 38.85
N GLY D 349 -14.32 -7.67 37.84
CA GLY D 349 -14.38 -8.14 36.47
C GLY D 349 -13.32 -7.60 35.51
N ALA D 350 -12.30 -6.88 35.99
CA ALA D 350 -11.30 -6.27 35.11
C ALA D 350 -10.66 -7.32 34.21
N ALA D 351 -10.09 -8.36 34.81
CA ALA D 351 -9.45 -9.40 34.01
C ALA D 351 -10.41 -10.03 33.00
N LEU D 352 -11.64 -10.33 33.41
CA LEU D 352 -12.61 -10.91 32.50
C LEU D 352 -12.95 -9.94 31.36
N THR D 353 -13.09 -8.63 31.67
CA THR D 353 -13.34 -7.64 30.64
C THR D 353 -12.16 -7.52 29.67
N ARG D 354 -10.93 -7.47 30.20
CA ARG D 354 -9.75 -7.41 29.34
C ARG D 354 -9.68 -8.62 28.43
N LEU D 355 -9.91 -9.81 28.99
CA LEU D 355 -9.88 -11.03 28.18
C LEU D 355 -10.94 -10.98 27.07
N GLN D 356 -12.18 -10.65 27.43
CA GLN D 356 -13.30 -10.79 26.51
C GLN D 356 -13.26 -9.76 25.38
N LEU D 357 -12.81 -8.53 25.69
CA LEU D 357 -12.64 -7.53 24.64
C LEU D 357 -11.51 -7.89 23.69
N ARG D 358 -10.41 -8.45 24.23
CA ARG D 358 -9.31 -8.88 23.37
C ARG D 358 -9.75 -9.95 22.38
N ILE D 359 -10.55 -10.92 22.85
CA ILE D 359 -11.05 -11.97 21.98
C ILE D 359 -12.07 -11.41 20.97
N ALA D 360 -12.93 -10.48 21.38
CA ALA D 360 -14.02 -10.02 20.51
C ALA D 360 -13.50 -9.17 19.36
N TYR D 361 -12.80 -8.06 19.69
CA TYR D 361 -12.25 -7.19 18.66
C TYR D 361 -11.38 -7.99 17.67
N THR D 362 -10.51 -8.85 18.20
CA THR D 362 -9.62 -9.65 17.38
C THR D 362 -10.39 -10.57 16.43
N ALA D 363 -11.35 -11.32 16.97
CA ALA D 363 -12.10 -12.26 16.14
C ALA D 363 -12.91 -11.54 15.08
N LEU D 364 -13.30 -10.32 15.37
CA LEU D 364 -14.15 -9.55 14.47
C LEU D 364 -13.37 -9.15 13.21
N TRP D 365 -12.18 -8.59 13.38
CA TRP D 365 -11.40 -8.25 12.20
C TRP D 365 -10.77 -9.45 11.51
N ARG D 366 -10.60 -10.58 12.21
CA ARG D 366 -10.12 -11.77 11.50
C ARG D 366 -11.21 -12.38 10.63
N ARG D 367 -12.46 -12.38 11.08
CA ARG D 367 -13.55 -12.89 10.25
C ARG D 367 -13.98 -11.86 9.22
N PHE D 368 -14.02 -10.58 9.60
CA PHE D 368 -14.46 -9.50 8.72
C PHE D 368 -13.36 -8.45 8.60
N PRO D 369 -12.29 -8.73 7.84
CA PRO D 369 -11.21 -7.74 7.69
C PRO D 369 -11.68 -6.44 7.06
N ALA D 370 -12.66 -6.50 6.15
CA ALA D 370 -13.14 -5.36 5.40
C ALA D 370 -14.33 -4.66 6.04
N LEU D 371 -14.53 -4.87 7.34
CA LEU D 371 -15.60 -4.23 8.10
C LEU D 371 -15.61 -2.71 7.89
N GLN D 372 -16.81 -2.17 7.79
CA GLN D 372 -16.95 -0.73 7.58
C GLN D 372 -18.38 -0.36 7.90
N LEU D 373 -18.58 0.92 8.20
CA LEU D 373 -19.93 1.47 8.22
C LEU D 373 -20.61 1.15 6.90
N ALA D 374 -21.87 0.72 6.97
CA ALA D 374 -22.61 0.41 5.75
C ALA D 374 -22.74 1.63 4.84
N ASP D 375 -22.98 2.79 5.43
CA ASP D 375 -23.00 4.08 4.78
C ASP D 375 -22.36 5.07 5.76
N PRO D 376 -21.25 5.69 5.37
CA PRO D 376 -20.53 6.57 6.31
C PRO D 376 -21.28 7.84 6.66
N ALA D 377 -22.39 8.15 5.98
CA ALA D 377 -23.18 9.33 6.33
C ALA D 377 -24.24 9.02 7.36
N GLN D 378 -24.50 7.74 7.64
CA GLN D 378 -25.56 7.36 8.56
C GLN D 378 -25.38 8.05 9.92
N GLU D 379 -26.50 8.31 10.60
CA GLU D 379 -26.43 8.90 11.91
C GLU D 379 -25.82 7.92 12.91
N ILE D 380 -25.02 8.43 13.84
CA ILE D 380 -24.49 7.63 14.92
C ILE D 380 -25.49 7.66 16.06
N MET D 381 -25.90 6.48 16.51
CA MET D 381 -26.96 6.30 17.50
C MET D 381 -26.33 5.93 18.86
N PHE D 382 -26.11 6.94 19.70
CA PHE D 382 -25.51 6.74 21.00
C PHE D 382 -26.53 6.24 22.01
N ARG D 383 -26.08 5.28 22.84
CA ARG D 383 -26.84 4.84 24.01
C ARG D 383 -26.64 5.86 25.13
N THR D 384 -27.72 6.52 25.55
CA THR D 384 -27.62 7.56 26.57
C THR D 384 -28.48 7.35 27.82
N SER D 385 -29.33 6.33 27.88
CA SER D 385 -30.24 6.24 29.02
C SER D 385 -29.71 5.37 30.16
N THR D 386 -28.64 4.62 29.93
CA THR D 386 -28.18 3.61 30.87
C THR D 386 -27.06 4.14 31.76
N PRO D 387 -26.54 3.36 32.71
CA PRO D 387 -25.35 3.78 33.46
C PRO D 387 -24.05 3.73 32.65
N ALA D 388 -24.04 3.12 31.47
CA ALA D 388 -22.83 3.00 30.66
C ALA D 388 -23.05 3.58 29.27
N TYR D 389 -22.14 4.45 28.85
CA TYR D 389 -22.11 4.95 27.47
C TYR D 389 -22.00 3.80 26.46
N GLY D 390 -22.61 4.00 25.29
CA GLY D 390 -22.59 2.99 24.23
C GLY D 390 -23.36 3.44 23.00
N LEU D 391 -23.69 2.46 22.12
CA LEU D 391 -24.51 2.70 20.93
C LEU D 391 -25.78 1.85 21.01
N THR D 392 -26.89 2.38 20.47
CA THR D 392 -28.09 1.55 20.31
C THR D 392 -28.11 0.77 19.01
N SER D 393 -27.37 1.20 17.98
CA SER D 393 -27.31 0.48 16.72
C SER D 393 -26.05 0.86 15.93
N LEU D 394 -25.64 -0.06 15.07
CA LEU D 394 -24.53 0.23 14.17
C LEU D 394 -24.65 -0.72 12.97
N LEU D 395 -25.20 -0.22 11.86
CA LEU D 395 -25.21 -0.98 10.62
C LEU D 395 -23.82 -0.95 10.03
N VAL D 396 -23.28 -2.12 9.72
CA VAL D 396 -21.95 -2.24 9.18
C VAL D 396 -22.00 -3.17 8.00
N ALA D 397 -20.95 -3.11 7.20
CA ALA D 397 -20.78 -3.99 6.06
C ALA D 397 -19.39 -4.59 6.10
N TRP D 398 -19.17 -5.59 5.24
CA TRP D 398 -17.90 -6.29 5.17
C TRP D 398 -17.89 -7.11 3.88
CHA HEM E . 18.62 -9.20 4.91
CHB HEM E . 22.54 -11.57 6.73
CHC HEM E . 24.51 -7.31 7.77
CHD HEM E . 20.36 -5.00 6.57
C1A HEM E . 19.51 -10.19 5.29
C2A HEM E . 19.33 -11.60 5.05
C3A HEM E . 20.42 -12.24 5.54
C4A HEM E . 21.32 -11.26 6.12
CMA HEM E . 20.67 -13.76 5.53
CAA HEM E . 18.12 -12.25 4.31
CBA HEM E . 16.85 -12.21 5.17
CGA HEM E . 15.80 -13.16 4.66
O1A HEM E . 14.96 -13.67 5.45
O2A HEM E . 15.77 -13.46 3.44
C1B HEM E . 23.53 -10.66 7.12
C2B HEM E . 24.93 -10.89 7.50
C3B HEM E . 25.43 -9.67 7.78
C4B HEM E . 24.40 -8.69 7.59
CMB HEM E . 25.65 -12.28 7.56
CAB HEM E . 26.85 -9.24 8.25
CBB HEM E . 27.74 -10.08 8.76
C1C HEM E . 23.56 -6.33 7.53
C2C HEM E . 23.79 -4.90 7.67
C3C HEM E . 22.65 -4.26 7.35
C4C HEM E . 21.67 -5.27 6.97
CMC HEM E . 25.15 -4.30 8.13
CAC HEM E . 22.35 -2.73 7.33
CBC HEM E . 23.29 -1.79 7.41
C1D HEM E . 19.48 -5.94 6.04
C2D HEM E . 18.11 -5.75 5.63
C3D HEM E . 17.63 -6.88 5.16
C4D HEM E . 18.68 -7.87 5.27
CMD HEM E . 17.33 -4.43 5.69
CAD HEM E . 16.21 -7.10 4.60
CBD HEM E . 16.35 -7.09 3.07
CGD HEM E . 14.98 -7.21 2.40
O1D HEM E . 14.77 -6.42 1.44
O2D HEM E . 14.09 -8.05 2.75
NA HEM E . 20.73 -9.99 5.94
NB HEM E . 23.26 -9.32 7.19
NC HEM E . 22.28 -6.52 7.06
ND HEM E . 19.79 -7.26 5.82
FE HEM E . 21.50 -8.32 6.44
K K F . 24.20 -17.24 19.09
K K G . 21.65 -6.77 16.55
CHA HEM H . 18.40 7.98 -39.23
CHB HEM H . 18.48 7.66 -34.31
CHC HEM H . 16.76 3.21 -34.63
CHD HEM H . 17.31 3.36 -39.48
C1A HEM H . 18.49 8.28 -37.89
C2A HEM H . 18.81 9.59 -37.37
C3A HEM H . 18.85 9.48 -36.02
C4A HEM H . 18.53 8.12 -35.64
CMA HEM H . 19.17 10.63 -35.02
CAA HEM H . 19.05 10.89 -38.23
CBA HEM H . 20.54 11.21 -38.34
CGA HEM H . 20.89 12.36 -39.27
O1A HEM H . 22.09 12.40 -39.70
O2A HEM H . 20.03 13.23 -39.59
C1B HEM H . 17.96 6.46 -33.87
C2B HEM H . 17.58 6.03 -32.53
C3B HEM H . 17.09 4.79 -32.65
C4B HEM H . 17.16 4.40 -34.05
CMB HEM H . 17.70 6.88 -31.22
CAB HEM H . 16.59 3.84 -31.55
CBB HEM H . 17.10 3.85 -30.31
C1C HEM H . 16.75 2.90 -35.96
C2C HEM H . 16.28 1.64 -36.51
C3C HEM H . 16.42 1.68 -37.84
C4C HEM H . 16.99 2.97 -38.18
CMC HEM H . 15.70 0.50 -35.63
CAC HEM H . 16.08 0.63 -38.92
CBC HEM H . 15.32 -0.45 -38.73
C1D HEM H . 17.71 4.60 -39.89
C2D HEM H . 18.07 5.03 -41.24
C3D HEM H . 18.37 6.34 -41.18
C4D HEM H . 18.22 6.75 -39.79
CMD HEM H . 18.06 4.13 -42.49
CAD HEM H . 18.78 7.26 -42.35
CBD HEM H . 17.49 7.89 -42.88
CGD HEM H . 17.73 9.01 -43.91
O1D HEM H . 16.76 9.36 -44.64
O2D HEM H . 18.86 9.58 -44.05
NA HEM H . 18.31 7.41 -36.82
NB HEM H . 17.70 5.45 -34.75
NC HEM H . 17.18 3.70 -37.02
ND HEM H . 17.81 5.67 -39.05
FE HEM H . 17.66 5.66 -36.94
K K I . 10.40 8.48 -40.44
CHA HEM J . -20.12 3.57 -6.52
CHB HEM J . -24.42 4.24 -8.63
CHC HEM J . -24.08 8.95 -7.51
CHD HEM J . -19.47 8.34 -5.93
C1A HEM J . -21.31 3.35 -7.14
C2A HEM J . -21.81 2.03 -7.50
C3A HEM J . -23.00 2.20 -8.07
C4A HEM J . -23.30 3.64 -8.10
CMA HEM J . -23.87 1.06 -8.62
CAA HEM J . -21.10 0.66 -7.24
CBA HEM J . -19.97 0.35 -8.21
CGA HEM J . -19.55 -1.12 -8.16
O1A HEM J . -18.62 -1.50 -8.90
O2A HEM J . -20.16 -1.91 -7.40
C1B HEM J . -24.77 5.56 -8.46
C2B HEM J . -26.06 6.17 -8.70
C3B HEM J . -25.95 7.47 -8.37
C4B HEM J . -24.60 7.74 -7.95
CMB HEM J . -27.32 5.41 -9.19
CAB HEM J . -27.02 8.57 -8.47
CBB HEM J . -27.99 8.52 -9.39
C1C HEM J . -22.83 9.19 -6.94
C2C HEM J . -22.40 10.46 -6.38
C3C HEM J . -21.13 10.30 -5.95
C4C HEM J . -20.72 8.92 -6.22
CMC HEM J . -23.31 11.72 -6.32
CAC HEM J . -20.19 11.31 -5.30
CBC HEM J . -20.51 12.59 -5.06
C1D HEM J . -19.17 6.98 -5.97
C2D HEM J . -17.92 6.26 -5.68
C3D HEM J . -18.13 4.94 -5.85
C4D HEM J . -19.53 4.78 -6.26
CMD HEM J . -16.56 6.86 -5.25
CAD HEM J . -17.16 3.77 -5.67
CBD HEM J . -16.99 3.46 -4.17
CGD HEM J . -16.17 2.20 -3.88
O1D HEM J . -15.80 2.00 -2.70
O2D HEM J . -15.88 1.36 -4.78
NA HEM J . -22.25 4.30 -7.54
NB HEM J . -23.92 6.54 -8.03
NC HEM J . -21.79 8.30 -6.81
ND HEM J . -20.10 6.01 -6.30
FE HEM J . -22.07 6.27 -7.01
CHA HEM K . -16.80 -2.54 40.21
CHB HEM K . -16.24 -0.53 35.76
CHC HEM K . -17.22 -4.92 33.96
CHD HEM K . -18.11 -6.79 38.39
C1A HEM K . -16.56 -1.63 39.21
C2A HEM K . -16.19 -0.22 39.38
C3A HEM K . -16.03 0.32 38.16
C4A HEM K . -16.29 -0.70 37.16
CMA HEM K . -15.61 1.81 37.93
CAA HEM K . -15.95 0.58 40.69
CBA HEM K . -17.02 0.44 41.78
CGA HEM K . -16.90 1.62 42.75
O1A HEM K . -17.96 2.11 43.19
O2A HEM K . -15.76 2.08 43.06
C1B HEM K . -16.41 -1.55 34.84
C2B HEM K . -16.20 -1.52 33.39
C3B HEM K . -16.48 -2.76 32.91
C4B HEM K . -16.87 -3.59 34.03
CMB HEM K . -15.72 -0.26 32.62
CAB HEM K . -16.46 -3.32 31.47
CBB HEM K . -16.30 -2.56 30.38
C1C HEM K . -17.51 -5.79 35.00
C2C HEM K . -17.76 -7.21 34.84
C3C HEM K . -18.03 -7.71 36.05
C4C HEM K . -17.93 -6.64 37.03
CMC HEM K . -17.73 -7.92 33.45
CAC HEM K . -18.36 -9.17 36.49
CBC HEM K . -18.31 -10.22 35.69
C1D HEM K . -17.87 -5.81 39.33
C2D HEM K . -18.08 -5.84 40.77
C3D HEM K . -17.70 -4.65 41.28
C4D HEM K . -17.26 -3.83 40.17
CMD HEM K . -18.62 -7.06 41.54
CAD HEM K . -17.73 -4.22 42.79
CBD HEM K . -16.37 -4.54 43.41
CGD HEM K . -16.28 -4.25 44.93
O1D HEM K . -15.58 -5.04 45.64
O2D HEM K . -16.88 -3.28 45.47
NA HEM K . -16.60 -1.89 37.85
NB HEM K . -16.84 -2.82 35.16
NC HEM K . -17.59 -5.48 36.36
ND HEM K . -17.36 -4.59 39.03
FE HEM K . -17.06 -3.71 37.17
C ACT L . -5.21 1.76 39.87
O ACT L . -4.92 1.33 41.02
OXT ACT L . -5.76 2.86 39.54
CH3 ACT L . -4.83 0.82 38.68
#